data_1RC4
# 
_entry.id   1RC4 
# 
_audit_conform.dict_name       mmcif_pdbx.dic 
_audit_conform.dict_version    5.392 
_audit_conform.dict_location   http://mmcif.pdb.org/dictionaries/ascii/mmcif_pdbx.dic 
# 
loop_
_database_2.database_id 
_database_2.database_code 
_database_2.pdbx_database_accession 
_database_2.pdbx_DOI 
PDB   1RC4         pdb_00001rc4 10.2210/pdb1rc4/pdb 
WWPDB D_1000176008 ?            ?                   
# 
loop_
_pdbx_audit_revision_history.ordinal 
_pdbx_audit_revision_history.data_content_type 
_pdbx_audit_revision_history.major_revision 
_pdbx_audit_revision_history.minor_revision 
_pdbx_audit_revision_history.revision_date 
1 'Structure model' 1 0 1997-03-12 
2 'Structure model' 1 1 2008-03-24 
3 'Structure model' 1 2 2011-07-13 
4 'Structure model' 1 3 2023-08-09 
5 'Structure model' 1 4 2024-05-22 
# 
_pdbx_audit_revision_details.ordinal             1 
_pdbx_audit_revision_details.revision_ordinal    1 
_pdbx_audit_revision_details.data_content_type   'Structure model' 
_pdbx_audit_revision_details.provider            repository 
_pdbx_audit_revision_details.type                'Initial release' 
_pdbx_audit_revision_details.description         ? 
_pdbx_audit_revision_details.details             ? 
# 
loop_
_pdbx_audit_revision_group.ordinal 
_pdbx_audit_revision_group.revision_ordinal 
_pdbx_audit_revision_group.data_content_type 
_pdbx_audit_revision_group.group 
1 2 'Structure model' 'Version format compliance' 
2 3 'Structure model' 'Version format compliance' 
3 4 'Structure model' 'Database references'       
4 4 'Structure model' 'Derived calculations'      
5 4 'Structure model' 'Refinement description'    
6 5 'Structure model' 'Data collection'           
# 
loop_
_pdbx_audit_revision_category.ordinal 
_pdbx_audit_revision_category.revision_ordinal 
_pdbx_audit_revision_category.data_content_type 
_pdbx_audit_revision_category.category 
1 4 'Structure model' database_2                    
2 4 'Structure model' pdbx_initial_refinement_model 
3 4 'Structure model' struct_ref_seq_dif            
4 4 'Structure model' struct_site                   
5 5 'Structure model' chem_comp_atom                
6 5 'Structure model' chem_comp_bond                
# 
loop_
_pdbx_audit_revision_item.ordinal 
_pdbx_audit_revision_item.revision_ordinal 
_pdbx_audit_revision_item.data_content_type 
_pdbx_audit_revision_item.item 
1 4 'Structure model' '_database_2.pdbx_DOI'                
2 4 'Structure model' '_database_2.pdbx_database_accession' 
3 4 'Structure model' '_struct_ref_seq_dif.details'         
4 4 'Structure model' '_struct_site.pdbx_auth_asym_id'      
5 4 'Structure model' '_struct_site.pdbx_auth_comp_id'      
6 4 'Structure model' '_struct_site.pdbx_auth_seq_id'       
# 
_pdbx_database_status.status_code                     REL 
_pdbx_database_status.entry_id                        1RC4 
_pdbx_database_status.recvd_initial_deposition_date   1996-11-25 
_pdbx_database_status.deposit_site                    ? 
_pdbx_database_status.process_site                    BNL 
_pdbx_database_status.status_code_sf                  REL 
_pdbx_database_status.status_code_mr                  ? 
_pdbx_database_status.SG_entry                        ? 
_pdbx_database_status.pdb_format_compatible           Y 
_pdbx_database_status.status_code_cs                  ? 
_pdbx_database_status.status_code_nmr_data            ? 
_pdbx_database_status.methods_development_category    ? 
# 
loop_
_audit_author.name 
_audit_author.pdbx_ordinal 
'Sawaya, M.R.' 1 
'Kraut, J.'    2 
# 
loop_
_citation.id 
_citation.title 
_citation.journal_abbrev 
_citation.journal_volume 
_citation.page_first 
_citation.page_last 
_citation.year 
_citation.journal_id_ASTM 
_citation.country 
_citation.journal_id_ISSN 
_citation.journal_id_CSD 
_citation.book_publisher 
_citation.pdbx_database_id_PubMed 
_citation.pdbx_database_id_DOI 
primary 'Loop and subdomain movements in the mechanism of Escherichia coli dihydrofolate reductase: crystallographic evidence.' 
Biochemistry 36 586  603 1997 BICHAW US 0006-2960 0033 ? 9012674 10.1021/bi962337c 
1       
;Isomorphous Crystal Structures of Escherichia Coli Dihydrofolate Reductase Complexed with Folate, 5-Deazafolate, and 5,10-Dideazatetrahydrofolate: Mechanistic Implications
;
Biochemistry 34 2710 ?   1995 BICHAW US 0006-2960 0033 ? ?       ?                 
2       
;Crystal Structure of Unliganded Escherichia Coli Dihydrofolate Reductase. Ligand-Induced Conformational Changes and Cooperativity in Binding
;
Biochemistry 30 2227 ?   1991 BICHAW US 0006-2960 0033 ? ?       ?                 
3       
;Crystal Structures of Escherichia Coli Dihydrofolate Reductase: The Nadp+ Holoenzyme and the Folate.Nadp+ Ternary Complex. Substrate Binding and a Model for the Transition State
;
Biochemistry 29 3263 ?   1990 BICHAW US 0006-2960 0033 ? ?       ?                 
# 
loop_
_citation_author.citation_id 
_citation_author.name 
_citation_author.ordinal 
_citation_author.identifier_ORCID 
primary 'Sawaya, M.R.' 1  ? 
primary 'Kraut, J.'    2  ? 
1       'Reyes, V.M.'  3  ? 
1       'Sawaya, M.R.' 4  ? 
1       'Brown, K.A.'  5  ? 
1       'Kraut, J.'    6  ? 
2       'Bystroff, C.' 7  ? 
2       'Kraut, J.'    8  ? 
3       'Bystroff, C.' 9  ? 
3       'Oatley, S.J.' 10 ? 
3       'Kraut, J.'    11 ? 
# 
loop_
_entity.id 
_entity.type 
_entity.src_method 
_entity.pdbx_description 
_entity.formula_weight 
_entity.pdbx_number_of_molecules 
_entity.pdbx_ec 
_entity.pdbx_mutation 
_entity.pdbx_fragment 
_entity.details 
1 polymer     man 'DIHYDROFOLATE REDUCTASE'                          18020.326 1  1.5.1.3 ? ? ? 
2 non-polymer syn '5,10-DIDEAZATETRAHYDROFOLIC ACID'                 443.453   1  ?       ? ? ? 
3 non-polymer syn 'NADP NICOTINAMIDE-ADENINE-DINUCLEOTIDE PHOSPHATE' 743.405   1  ?       ? ? ? 
4 water       nat water                                              18.015    57 ?       ? ? ? 
# 
_entity_name_com.entity_id   1 
_entity_name_com.name        DHFR 
# 
_entity_poly.entity_id                      1 
_entity_poly.type                           'polypeptide(L)' 
_entity_poly.nstd_linkage                   no 
_entity_poly.nstd_monomer                   no 
_entity_poly.pdbx_seq_one_letter_code       
;MISLIAALAVDRVIGMENAMPWNLPADLAWFKRNTLDKPVIMGRHTWESIGRPLPGRKNIILSSQPGTDDRVTWVKSVDE
AIAACGDVPEIMVIGGGRVYEQFLPKAQKLYLTHIDAEVEGDTHFPDYEPDDWESVFSEFHDADAQNSHSYCFEILERR
;
_entity_poly.pdbx_seq_one_letter_code_can   
;MISLIAALAVDRVIGMENAMPWNLPADLAWFKRNTLDKPVIMGRHTWESIGRPLPGRKNIILSSQPGTDDRVTWVKSVDE
AIAACGDVPEIMVIGGGRVYEQFLPKAQKLYLTHIDAEVEGDTHFPDYEPDDWESVFSEFHDADAQNSHSYCFEILERR
;
_entity_poly.pdbx_strand_id                 A 
_entity_poly.pdbx_target_identifier         ? 
# 
loop_
_pdbx_entity_nonpoly.entity_id 
_pdbx_entity_nonpoly.name 
_pdbx_entity_nonpoly.comp_id 
2 '5,10-DIDEAZATETRAHYDROFOLIC ACID'                 DDF 
3 'NADP NICOTINAMIDE-ADENINE-DINUCLEOTIDE PHOSPHATE' NAP 
4 water                                              HOH 
# 
loop_
_entity_poly_seq.entity_id 
_entity_poly_seq.num 
_entity_poly_seq.mon_id 
_entity_poly_seq.hetero 
1 1   MET n 
1 2   ILE n 
1 3   SER n 
1 4   LEU n 
1 5   ILE n 
1 6   ALA n 
1 7   ALA n 
1 8   LEU n 
1 9   ALA n 
1 10  VAL n 
1 11  ASP n 
1 12  ARG n 
1 13  VAL n 
1 14  ILE n 
1 15  GLY n 
1 16  MET n 
1 17  GLU n 
1 18  ASN n 
1 19  ALA n 
1 20  MET n 
1 21  PRO n 
1 22  TRP n 
1 23  ASN n 
1 24  LEU n 
1 25  PRO n 
1 26  ALA n 
1 27  ASP n 
1 28  LEU n 
1 29  ALA n 
1 30  TRP n 
1 31  PHE n 
1 32  LYS n 
1 33  ARG n 
1 34  ASN n 
1 35  THR n 
1 36  LEU n 
1 37  ASP n 
1 38  LYS n 
1 39  PRO n 
1 40  VAL n 
1 41  ILE n 
1 42  MET n 
1 43  GLY n 
1 44  ARG n 
1 45  HIS n 
1 46  THR n 
1 47  TRP n 
1 48  GLU n 
1 49  SER n 
1 50  ILE n 
1 51  GLY n 
1 52  ARG n 
1 53  PRO n 
1 54  LEU n 
1 55  PRO n 
1 56  GLY n 
1 57  ARG n 
1 58  LYS n 
1 59  ASN n 
1 60  ILE n 
1 61  ILE n 
1 62  LEU n 
1 63  SER n 
1 64  SER n 
1 65  GLN n 
1 66  PRO n 
1 67  GLY n 
1 68  THR n 
1 69  ASP n 
1 70  ASP n 
1 71  ARG n 
1 72  VAL n 
1 73  THR n 
1 74  TRP n 
1 75  VAL n 
1 76  LYS n 
1 77  SER n 
1 78  VAL n 
1 79  ASP n 
1 80  GLU n 
1 81  ALA n 
1 82  ILE n 
1 83  ALA n 
1 84  ALA n 
1 85  CYS n 
1 86  GLY n 
1 87  ASP n 
1 88  VAL n 
1 89  PRO n 
1 90  GLU n 
1 91  ILE n 
1 92  MET n 
1 93  VAL n 
1 94  ILE n 
1 95  GLY n 
1 96  GLY n 
1 97  GLY n 
1 98  ARG n 
1 99  VAL n 
1 100 TYR n 
1 101 GLU n 
1 102 GLN n 
1 103 PHE n 
1 104 LEU n 
1 105 PRO n 
1 106 LYS n 
1 107 ALA n 
1 108 GLN n 
1 109 LYS n 
1 110 LEU n 
1 111 TYR n 
1 112 LEU n 
1 113 THR n 
1 114 HIS n 
1 115 ILE n 
1 116 ASP n 
1 117 ALA n 
1 118 GLU n 
1 119 VAL n 
1 120 GLU n 
1 121 GLY n 
1 122 ASP n 
1 123 THR n 
1 124 HIS n 
1 125 PHE n 
1 126 PRO n 
1 127 ASP n 
1 128 TYR n 
1 129 GLU n 
1 130 PRO n 
1 131 ASP n 
1 132 ASP n 
1 133 TRP n 
1 134 GLU n 
1 135 SER n 
1 136 VAL n 
1 137 PHE n 
1 138 SER n 
1 139 GLU n 
1 140 PHE n 
1 141 HIS n 
1 142 ASP n 
1 143 ALA n 
1 144 ASP n 
1 145 ALA n 
1 146 GLN n 
1 147 ASN n 
1 148 SER n 
1 149 HIS n 
1 150 SER n 
1 151 TYR n 
1 152 CYS n 
1 153 PHE n 
1 154 GLU n 
1 155 ILE n 
1 156 LEU n 
1 157 GLU n 
1 158 ARG n 
1 159 ARG n 
# 
_entity_src_gen.entity_id                          1 
_entity_src_gen.pdbx_src_id                        1 
_entity_src_gen.pdbx_alt_source_flag               sample 
_entity_src_gen.pdbx_seq_type                      ? 
_entity_src_gen.pdbx_beg_seq_num                   ? 
_entity_src_gen.pdbx_end_seq_num                   ? 
_entity_src_gen.gene_src_common_name               ? 
_entity_src_gen.gene_src_genus                     Escherichia 
_entity_src_gen.pdbx_gene_src_gene                 ? 
_entity_src_gen.gene_src_species                   ? 
_entity_src_gen.gene_src_strain                    RT500 
_entity_src_gen.gene_src_tissue                    ? 
_entity_src_gen.gene_src_tissue_fraction           ? 
_entity_src_gen.gene_src_details                   ? 
_entity_src_gen.pdbx_gene_src_fragment             ? 
_entity_src_gen.pdbx_gene_src_scientific_name      'Escherichia coli' 
_entity_src_gen.pdbx_gene_src_ncbi_taxonomy_id     562 
_entity_src_gen.pdbx_gene_src_variant              ? 
_entity_src_gen.pdbx_gene_src_cell_line            ? 
_entity_src_gen.pdbx_gene_src_atcc                 ? 
_entity_src_gen.pdbx_gene_src_organ                ? 
_entity_src_gen.pdbx_gene_src_organelle            ? 
_entity_src_gen.pdbx_gene_src_cell                 ? 
_entity_src_gen.pdbx_gene_src_cellular_location    ? 
_entity_src_gen.host_org_common_name               ? 
_entity_src_gen.pdbx_host_org_scientific_name      'Escherichia coli' 
_entity_src_gen.pdbx_host_org_ncbi_taxonomy_id     562 
_entity_src_gen.host_org_genus                     Escherichia 
_entity_src_gen.pdbx_host_org_gene                 ? 
_entity_src_gen.pdbx_host_org_organ                ? 
_entity_src_gen.host_org_species                   ? 
_entity_src_gen.pdbx_host_org_tissue               ? 
_entity_src_gen.pdbx_host_org_tissue_fraction      ? 
_entity_src_gen.pdbx_host_org_strain               ? 
_entity_src_gen.pdbx_host_org_variant              ? 
_entity_src_gen.pdbx_host_org_cell_line            ? 
_entity_src_gen.pdbx_host_org_atcc                 ? 
_entity_src_gen.pdbx_host_org_culture_collection   ? 
_entity_src_gen.pdbx_host_org_cell                 ? 
_entity_src_gen.pdbx_host_org_organelle            ? 
_entity_src_gen.pdbx_host_org_cellular_location    ? 
_entity_src_gen.pdbx_host_org_vector_type          ? 
_entity_src_gen.pdbx_host_org_vector               ? 
_entity_src_gen.host_org_details                   ? 
_entity_src_gen.expression_system_id               ? 
_entity_src_gen.plasmid_name                       PRWA-1 
_entity_src_gen.plasmid_details                    ? 
_entity_src_gen.pdbx_description                   ? 
# 
loop_
_chem_comp.id 
_chem_comp.type 
_chem_comp.mon_nstd_flag 
_chem_comp.name 
_chem_comp.pdbx_synonyms 
_chem_comp.formula 
_chem_comp.formula_weight 
ALA 'L-peptide linking' y ALANINE                                            ?                                            
'C3 H7 N O2'        89.093  
ARG 'L-peptide linking' y ARGININE                                           ?                                            
'C6 H15 N4 O2 1'    175.209 
ASN 'L-peptide linking' y ASPARAGINE                                         ?                                            
'C4 H8 N2 O3'       132.118 
ASP 'L-peptide linking' y 'ASPARTIC ACID'                                    ?                                            
'C4 H7 N O4'        133.103 
CYS 'L-peptide linking' y CYSTEINE                                           ?                                            
'C3 H7 N O2 S'      121.158 
DDF non-polymer         . '5,10-DIDEAZATETRAHYDROFOLIC ACID'                 ?                                            
'C21 H25 N5 O6'     443.453 
GLN 'L-peptide linking' y GLUTAMINE                                          ?                                            
'C5 H10 N2 O3'      146.144 
GLU 'L-peptide linking' y 'GLUTAMIC ACID'                                    ?                                            
'C5 H9 N O4'        147.129 
GLY 'peptide linking'   y GLYCINE                                            ?                                            
'C2 H5 N O2'        75.067  
HIS 'L-peptide linking' y HISTIDINE                                          ?                                            
'C6 H10 N3 O2 1'    156.162 
HOH non-polymer         . WATER                                              ?                                            'H2 O' 
18.015  
ILE 'L-peptide linking' y ISOLEUCINE                                         ?                                            
'C6 H13 N O2'       131.173 
LEU 'L-peptide linking' y LEUCINE                                            ?                                            
'C6 H13 N O2'       131.173 
LYS 'L-peptide linking' y LYSINE                                             ?                                            
'C6 H15 N2 O2 1'    147.195 
MET 'L-peptide linking' y METHIONINE                                         ?                                            
'C5 H11 N O2 S'     149.211 
NAP non-polymer         . 'NADP NICOTINAMIDE-ADENINE-DINUCLEOTIDE PHOSPHATE' 
;2'-MONOPHOSPHOADENOSINE 5'-DIPHOSPHORIBOSE
;
'C21 H28 N7 O17 P3' 743.405 
PHE 'L-peptide linking' y PHENYLALANINE                                      ?                                            
'C9 H11 N O2'       165.189 
PRO 'L-peptide linking' y PROLINE                                            ?                                            
'C5 H9 N O2'        115.130 
SER 'L-peptide linking' y SERINE                                             ?                                            
'C3 H7 N O3'        105.093 
THR 'L-peptide linking' y THREONINE                                          ?                                            
'C4 H9 N O3'        119.119 
TRP 'L-peptide linking' y TRYPTOPHAN                                         ?                                            
'C11 H12 N2 O2'     204.225 
TYR 'L-peptide linking' y TYROSINE                                           ?                                            
'C9 H11 N O3'       181.189 
VAL 'L-peptide linking' y VALINE                                             ?                                            
'C5 H11 N O2'       117.146 
# 
loop_
_pdbx_poly_seq_scheme.asym_id 
_pdbx_poly_seq_scheme.entity_id 
_pdbx_poly_seq_scheme.seq_id 
_pdbx_poly_seq_scheme.mon_id 
_pdbx_poly_seq_scheme.ndb_seq_num 
_pdbx_poly_seq_scheme.pdb_seq_num 
_pdbx_poly_seq_scheme.auth_seq_num 
_pdbx_poly_seq_scheme.pdb_mon_id 
_pdbx_poly_seq_scheme.auth_mon_id 
_pdbx_poly_seq_scheme.pdb_strand_id 
_pdbx_poly_seq_scheme.pdb_ins_code 
_pdbx_poly_seq_scheme.hetero 
A 1 1   MET 1   1   1   MET MET A . n 
A 1 2   ILE 2   2   2   ILE ILE A . n 
A 1 3   SER 3   3   3   SER SER A . n 
A 1 4   LEU 4   4   4   LEU LEU A . n 
A 1 5   ILE 5   5   5   ILE ILE A . n 
A 1 6   ALA 6   6   6   ALA ALA A . n 
A 1 7   ALA 7   7   7   ALA ALA A . n 
A 1 8   LEU 8   8   8   LEU LEU A . n 
A 1 9   ALA 9   9   9   ALA ALA A . n 
A 1 10  VAL 10  10  10  VAL VAL A . n 
A 1 11  ASP 11  11  11  ASP ASP A . n 
A 1 12  ARG 12  12  12  ARG ARG A . n 
A 1 13  VAL 13  13  13  VAL VAL A . n 
A 1 14  ILE 14  14  14  ILE ILE A . n 
A 1 15  GLY 15  15  15  GLY GLY A . n 
A 1 16  MET 16  16  16  MET MET A . n 
A 1 17  GLU 17  17  17  GLU GLU A . n 
A 1 18  ASN 18  18  18  ASN ASN A . n 
A 1 19  ALA 19  19  19  ALA ALA A . n 
A 1 20  MET 20  20  20  MET MET A . n 
A 1 21  PRO 21  21  21  PRO PRO A . n 
A 1 22  TRP 22  22  22  TRP TRP A . n 
A 1 23  ASN 23  23  23  ASN ASN A . n 
A 1 24  LEU 24  24  24  LEU LEU A . n 
A 1 25  PRO 25  25  25  PRO PRO A . n 
A 1 26  ALA 26  26  26  ALA ALA A . n 
A 1 27  ASP 27  27  27  ASP ASP A . n 
A 1 28  LEU 28  28  28  LEU LEU A . n 
A 1 29  ALA 29  29  29  ALA ALA A . n 
A 1 30  TRP 30  30  30  TRP TRP A . n 
A 1 31  PHE 31  31  31  PHE PHE A . n 
A 1 32  LYS 32  32  32  LYS LYS A . n 
A 1 33  ARG 33  33  33  ARG ARG A . n 
A 1 34  ASN 34  34  34  ASN ASN A . n 
A 1 35  THR 35  35  35  THR THR A . n 
A 1 36  LEU 36  36  36  LEU LEU A . n 
A 1 37  ASP 37  37  37  ASP ASP A . n 
A 1 38  LYS 38  38  38  LYS LYS A . n 
A 1 39  PRO 39  39  39  PRO PRO A . n 
A 1 40  VAL 40  40  40  VAL VAL A . n 
A 1 41  ILE 41  41  41  ILE ILE A . n 
A 1 42  MET 42  42  42  MET MET A . n 
A 1 43  GLY 43  43  43  GLY GLY A . n 
A 1 44  ARG 44  44  44  ARG ARG A . n 
A 1 45  HIS 45  45  45  HIS HIS A . n 
A 1 46  THR 46  46  46  THR THR A . n 
A 1 47  TRP 47  47  47  TRP TRP A . n 
A 1 48  GLU 48  48  48  GLU GLU A . n 
A 1 49  SER 49  49  49  SER SER A . n 
A 1 50  ILE 50  50  50  ILE ILE A . n 
A 1 51  GLY 51  51  51  GLY GLY A . n 
A 1 52  ARG 52  52  52  ARG ARG A . n 
A 1 53  PRO 53  53  53  PRO PRO A . n 
A 1 54  LEU 54  54  54  LEU LEU A . n 
A 1 55  PRO 55  55  55  PRO PRO A . n 
A 1 56  GLY 56  56  56  GLY GLY A . n 
A 1 57  ARG 57  57  57  ARG ARG A . n 
A 1 58  LYS 58  58  58  LYS LYS A . n 
A 1 59  ASN 59  59  59  ASN ASN A . n 
A 1 60  ILE 60  60  60  ILE ILE A . n 
A 1 61  ILE 61  61  61  ILE ILE A . n 
A 1 62  LEU 62  62  62  LEU LEU A . n 
A 1 63  SER 63  63  63  SER SER A . n 
A 1 64  SER 64  64  64  SER SER A . n 
A 1 65  GLN 65  65  65  GLN GLN A . n 
A 1 66  PRO 66  66  66  PRO PRO A . n 
A 1 67  GLY 67  67  67  GLY GLY A . n 
A 1 68  THR 68  68  68  THR THR A . n 
A 1 69  ASP 69  69  69  ASP ASP A . n 
A 1 70  ASP 70  70  70  ASP ASP A . n 
A 1 71  ARG 71  71  71  ARG ARG A . n 
A 1 72  VAL 72  72  72  VAL VAL A . n 
A 1 73  THR 73  73  73  THR THR A . n 
A 1 74  TRP 74  74  74  TRP TRP A . n 
A 1 75  VAL 75  75  75  VAL VAL A . n 
A 1 76  LYS 76  76  76  LYS LYS A . n 
A 1 77  SER 77  77  77  SER SER A . n 
A 1 78  VAL 78  78  78  VAL VAL A . n 
A 1 79  ASP 79  79  79  ASP ASP A . n 
A 1 80  GLU 80  80  80  GLU GLU A . n 
A 1 81  ALA 81  81  81  ALA ALA A . n 
A 1 82  ILE 82  82  82  ILE ILE A . n 
A 1 83  ALA 83  83  83  ALA ALA A . n 
A 1 84  ALA 84  84  84  ALA ALA A . n 
A 1 85  CYS 85  85  85  CYS CYS A . n 
A 1 86  GLY 86  86  86  GLY GLY A . n 
A 1 87  ASP 87  87  87  ASP ASP A . n 
A 1 88  VAL 88  88  88  VAL VAL A . n 
A 1 89  PRO 89  89  89  PRO PRO A . n 
A 1 90  GLU 90  90  90  GLU GLU A . n 
A 1 91  ILE 91  91  91  ILE ILE A . n 
A 1 92  MET 92  92  92  MET MET A . n 
A 1 93  VAL 93  93  93  VAL VAL A . n 
A 1 94  ILE 94  94  94  ILE ILE A . n 
A 1 95  GLY 95  95  95  GLY GLY A . n 
A 1 96  GLY 96  96  96  GLY GLY A . n 
A 1 97  GLY 97  97  97  GLY GLY A . n 
A 1 98  ARG 98  98  98  ARG ARG A . n 
A 1 99  VAL 99  99  99  VAL VAL A . n 
A 1 100 TYR 100 100 100 TYR TYR A . n 
A 1 101 GLU 101 101 101 GLU GLU A . n 
A 1 102 GLN 102 102 102 GLN GLN A . n 
A 1 103 PHE 103 103 103 PHE PHE A . n 
A 1 104 LEU 104 104 104 LEU LEU A . n 
A 1 105 PRO 105 105 105 PRO PRO A . n 
A 1 106 LYS 106 106 106 LYS LYS A . n 
A 1 107 ALA 107 107 107 ALA ALA A . n 
A 1 108 GLN 108 108 108 GLN GLN A . n 
A 1 109 LYS 109 109 109 LYS LYS A . n 
A 1 110 LEU 110 110 110 LEU LEU A . n 
A 1 111 TYR 111 111 111 TYR TYR A . n 
A 1 112 LEU 112 112 112 LEU LEU A . n 
A 1 113 THR 113 113 113 THR THR A . n 
A 1 114 HIS 114 114 114 HIS HIS A . n 
A 1 115 ILE 115 115 115 ILE ILE A . n 
A 1 116 ASP 116 116 116 ASP ASP A . n 
A 1 117 ALA 117 117 117 ALA ALA A . n 
A 1 118 GLU 118 118 118 GLU GLU A . n 
A 1 119 VAL 119 119 119 VAL VAL A . n 
A 1 120 GLU 120 120 120 GLU GLU A . n 
A 1 121 GLY 121 121 121 GLY GLY A . n 
A 1 122 ASP 122 122 122 ASP ASP A . n 
A 1 123 THR 123 123 123 THR THR A . n 
A 1 124 HIS 124 124 124 HIS HIS A . n 
A 1 125 PHE 125 125 125 PHE PHE A . n 
A 1 126 PRO 126 126 126 PRO PRO A . n 
A 1 127 ASP 127 127 127 ASP ASP A . n 
A 1 128 TYR 128 128 128 TYR TYR A . n 
A 1 129 GLU 129 129 129 GLU GLU A . n 
A 1 130 PRO 130 130 130 PRO PRO A . n 
A 1 131 ASP 131 131 131 ASP ASP A . n 
A 1 132 ASP 132 132 132 ASP ASP A . n 
A 1 133 TRP 133 133 133 TRP TRP A . n 
A 1 134 GLU 134 134 134 GLU GLU A . n 
A 1 135 SER 135 135 135 SER SER A . n 
A 1 136 VAL 136 136 136 VAL VAL A . n 
A 1 137 PHE 137 137 137 PHE PHE A . n 
A 1 138 SER 138 138 138 SER SER A . n 
A 1 139 GLU 139 139 139 GLU GLU A . n 
A 1 140 PHE 140 140 140 PHE PHE A . n 
A 1 141 HIS 141 141 141 HIS HIS A . n 
A 1 142 ASP 142 142 142 ASP ASP A . n 
A 1 143 ALA 143 143 143 ALA ALA A . n 
A 1 144 ASP 144 144 144 ASP ASP A . n 
A 1 145 ALA 145 145 145 ALA ALA A . n 
A 1 146 GLN 146 146 146 GLN GLN A . n 
A 1 147 ASN 147 147 147 ASN ASN A . n 
A 1 148 SER 148 148 148 SER SER A . n 
A 1 149 HIS 149 149 149 HIS HIS A . n 
A 1 150 SER 150 150 150 SER SER A . n 
A 1 151 TYR 151 151 151 TYR TYR A . n 
A 1 152 CYS 152 152 152 CYS CYS A . n 
A 1 153 PHE 153 153 153 PHE PHE A . n 
A 1 154 GLU 154 154 154 GLU GLU A . n 
A 1 155 ILE 155 155 155 ILE ILE A . n 
A 1 156 LEU 156 156 156 LEU LEU A . n 
A 1 157 GLU 157 157 157 GLU GLU A . n 
A 1 158 ARG 158 158 158 ARG ARG A . n 
A 1 159 ARG 159 159 159 ARG ARG A . n 
# 
loop_
_pdbx_nonpoly_scheme.asym_id 
_pdbx_nonpoly_scheme.entity_id 
_pdbx_nonpoly_scheme.mon_id 
_pdbx_nonpoly_scheme.ndb_seq_num 
_pdbx_nonpoly_scheme.pdb_seq_num 
_pdbx_nonpoly_scheme.auth_seq_num 
_pdbx_nonpoly_scheme.pdb_mon_id 
_pdbx_nonpoly_scheme.auth_mon_id 
_pdbx_nonpoly_scheme.pdb_strand_id 
_pdbx_nonpoly_scheme.pdb_ins_code 
B 2 DDF 1  161 161 DDF DDF A . 
C 3 NAP 1  164 164 NAP NAP A . 
D 4 HOH 1  200 200 HOH HOH A . 
D 4 HOH 2  203 203 HOH HOH A . 
D 4 HOH 3  205 205 HOH HOH A . 
D 4 HOH 4  206 206 HOH HOH A . 
D 4 HOH 5  207 207 HOH HOH A . 
D 4 HOH 6  208 208 HOH HOH A . 
D 4 HOH 7  209 209 HOH HOH A . 
D 4 HOH 8  210 210 HOH HOH A . 
D 4 HOH 9  211 211 HOH HOH A . 
D 4 HOH 10 212 212 HOH HOH A . 
D 4 HOH 11 213 213 HOH HOH A . 
D 4 HOH 12 216 216 HOH HOH A . 
D 4 HOH 13 217 217 HOH HOH A . 
D 4 HOH 14 218 218 HOH HOH A . 
D 4 HOH 15 220 220 HOH HOH A . 
D 4 HOH 16 221 221 HOH HOH A . 
D 4 HOH 17 222 222 HOH HOH A . 
D 4 HOH 18 223 223 HOH HOH A . 
D 4 HOH 19 224 224 HOH HOH A . 
D 4 HOH 20 226 226 HOH HOH A . 
D 4 HOH 21 227 227 HOH HOH A . 
D 4 HOH 22 228 228 HOH HOH A . 
D 4 HOH 23 229 229 HOH HOH A . 
D 4 HOH 24 230 230 HOH HOH A . 
D 4 HOH 25 231 231 HOH HOH A . 
D 4 HOH 26 232 232 HOH HOH A . 
D 4 HOH 27 233 233 HOH HOH A . 
D 4 HOH 28 234 234 HOH HOH A . 
D 4 HOH 29 235 235 HOH HOH A . 
D 4 HOH 30 236 236 HOH HOH A . 
D 4 HOH 31 237 237 HOH HOH A . 
D 4 HOH 32 238 238 HOH HOH A . 
D 4 HOH 33 239 239 HOH HOH A . 
D 4 HOH 34 240 240 HOH HOH A . 
D 4 HOH 35 242 242 HOH HOH A . 
D 4 HOH 36 243 243 HOH HOH A . 
D 4 HOH 37 244 244 HOH HOH A . 
D 4 HOH 38 247 247 HOH HOH A . 
D 4 HOH 39 248 248 HOH HOH A . 
D 4 HOH 40 249 249 HOH HOH A . 
D 4 HOH 41 250 250 HOH HOH A . 
D 4 HOH 42 251 251 HOH HOH A . 
D 4 HOH 43 252 252 HOH HOH A . 
D 4 HOH 44 254 254 HOH HOH A . 
D 4 HOH 45 255 255 HOH HOH A . 
D 4 HOH 46 256 256 HOH HOH A . 
D 4 HOH 47 258 258 HOH HOH A . 
D 4 HOH 48 259 259 HOH HOH A . 
D 4 HOH 49 260 260 HOH HOH A . 
D 4 HOH 50 261 261 HOH HOH A . 
D 4 HOH 51 262 262 HOH HOH A . 
D 4 HOH 52 263 263 HOH HOH A . 
D 4 HOH 53 264 264 HOH HOH A . 
D 4 HOH 54 265 265 HOH HOH A . 
D 4 HOH 55 266 266 HOH HOH A . 
D 4 HOH 56 268 268 HOH HOH A . 
D 4 HOH 57 269 269 HOH HOH A . 
# 
loop_
_pdbx_unobs_or_zero_occ_atoms.id 
_pdbx_unobs_or_zero_occ_atoms.PDB_model_num 
_pdbx_unobs_or_zero_occ_atoms.polymer_flag 
_pdbx_unobs_or_zero_occ_atoms.occupancy_flag 
_pdbx_unobs_or_zero_occ_atoms.auth_asym_id 
_pdbx_unobs_or_zero_occ_atoms.auth_comp_id 
_pdbx_unobs_or_zero_occ_atoms.auth_seq_id 
_pdbx_unobs_or_zero_occ_atoms.PDB_ins_code 
_pdbx_unobs_or_zero_occ_atoms.auth_atom_id 
_pdbx_unobs_or_zero_occ_atoms.label_alt_id 
_pdbx_unobs_or_zero_occ_atoms.label_asym_id 
_pdbx_unobs_or_zero_occ_atoms.label_comp_id 
_pdbx_unobs_or_zero_occ_atoms.label_seq_id 
_pdbx_unobs_or_zero_occ_atoms.label_atom_id 
1  1 Y 0 A ASN 18  ? CG  ? A ASN 18  CG  
2  1 Y 0 A ASN 18  ? OD1 ? A ASN 18  OD1 
3  1 Y 0 A ASN 18  ? ND2 ? A ASN 18  ND2 
4  1 Y 0 A GLU 118 ? CG  ? A GLU 118 CG  
5  1 Y 0 A GLU 118 ? CD  ? A GLU 118 CD  
6  1 Y 0 A GLU 118 ? OE1 ? A GLU 118 OE1 
7  1 Y 0 A GLU 118 ? OE2 ? A GLU 118 OE2 
8  1 Y 0 A GLU 120 ? CG  ? A GLU 120 CG  
9  1 Y 0 A GLU 120 ? CD  ? A GLU 120 CD  
10 1 Y 0 A GLU 120 ? OE1 ? A GLU 120 OE1 
11 1 Y 0 A GLU 120 ? OE2 ? A GLU 120 OE2 
12 1 Y 0 A ASP 127 ? CG  ? A ASP 127 CG  
13 1 Y 0 A ASP 127 ? OD1 ? A ASP 127 OD1 
14 1 Y 0 A ASP 127 ? OD2 ? A ASP 127 OD2 
15 1 N 1 A NAP 164 ? C7N ? C NAP 1   C7N 
16 1 N 1 A NAP 164 ? O7N ? C NAP 1   O7N 
17 1 N 1 A NAP 164 ? N7N ? C NAP 1   N7N 
# 
loop_
_software.name 
_software.classification 
_software.version 
_software.citation_id 
_software.pdbx_ordinal 
TNT  refinement       . ? 1 
UCSD 'data reduction' . ? 2 
UCSD 'data scaling'   . ? 3 
TNT  phasing          . ? 4 
# 
_cell.entry_id           1RC4 
_cell.length_a           34.843 
_cell.length_b           59.059 
_cell.length_c           81.007 
_cell.angle_alpha        90.00 
_cell.angle_beta         90.00 
_cell.angle_gamma        90.00 
_cell.Z_PDB              4 
_cell.pdbx_unique_axis   ? 
# 
_symmetry.entry_id                         1RC4 
_symmetry.space_group_name_H-M             'P 21 21 21' 
_symmetry.pdbx_full_space_group_name_H-M   ? 
_symmetry.cell_setting                     ? 
_symmetry.Int_Tables_number                19 
# 
_exptl.entry_id          1RC4 
_exptl.method            'X-RAY DIFFRACTION' 
_exptl.crystals_number   1 
# 
_exptl_crystal.id                    1 
_exptl_crystal.density_meas          ? 
_exptl_crystal.density_Matthews      2.31 
_exptl_crystal.density_percent_sol   46.8 
_exptl_crystal.description           ? 
# 
_exptl_crystal_grow.crystal_id      1 
_exptl_crystal_grow.method          ? 
_exptl_crystal_grow.temp            ? 
_exptl_crystal_grow.temp_details    ? 
_exptl_crystal_grow.pH              7.2 
_exptl_crystal_grow.pdbx_pH_range   ? 
_exptl_crystal_grow.pdbx_details    'pH 7.2' 
# 
_diffrn.id                     1 
_diffrn.ambient_temp           298 
_diffrn.ambient_temp_details   ? 
_diffrn.crystal_id             1 
# 
_diffrn_detector.diffrn_id              1 
_diffrn_detector.detector               'AREA DETECTOR' 
_diffrn_detector.type                   'XUONG-HAMLIN MULTIWIRE' 
_diffrn_detector.pdbx_collection_date   1993-01-27 
_diffrn_detector.details                ? 
# 
_diffrn_radiation.diffrn_id                        1 
_diffrn_radiation.wavelength_id                    1 
_diffrn_radiation.pdbx_monochromatic_or_laue_m_l   M 
_diffrn_radiation.monochromator                    'GRAPHITE(002)' 
_diffrn_radiation.pdbx_diffrn_protocol             ? 
_diffrn_radiation.pdbx_scattering_type             x-ray 
# 
_diffrn_radiation_wavelength.id           1 
_diffrn_radiation_wavelength.wavelength   1.5418 
_diffrn_radiation_wavelength.wt           1.0 
# 
_diffrn_source.diffrn_id                   1 
_diffrn_source.source                      'ROTATING ANODE' 
_diffrn_source.type                        'RIGAKU RUH2R' 
_diffrn_source.pdbx_synchrotron_site       ? 
_diffrn_source.pdbx_synchrotron_beamline   ? 
_diffrn_source.pdbx_wavelength             1.5418 
_diffrn_source.pdbx_wavelength_list        ? 
# 
_reflns.entry_id                     1RC4 
_reflns.observed_criterion_sigma_I   0.0 
_reflns.observed_criterion_sigma_F   ? 
_reflns.d_resolution_low             100. 
_reflns.d_resolution_high            1.9 
_reflns.number_obs                   14235 
_reflns.number_all                   ? 
_reflns.percent_possible_obs         93. 
_reflns.pdbx_Rmerge_I_obs            ? 
_reflns.pdbx_Rsym_value              0.0520000 
_reflns.pdbx_netI_over_sigmaI        ? 
_reflns.B_iso_Wilson_estimate        ? 
_reflns.pdbx_redundancy              2.7 
_reflns.pdbx_diffrn_id               1 
_reflns.pdbx_ordinal                 1 
# 
_refine.entry_id                                 1RC4 
_refine.ls_number_reflns_obs                     14235 
_refine.ls_number_reflns_all                     ? 
_refine.pdbx_ls_sigma_I                          ? 
_refine.pdbx_ls_sigma_F                          0.0 
_refine.pdbx_data_cutoff_high_absF               ? 
_refine.pdbx_data_cutoff_low_absF                ? 
_refine.pdbx_data_cutoff_high_rms_absF           ? 
_refine.ls_d_res_low                             20.0 
_refine.ls_d_res_high                            1.9 
_refine.ls_percent_reflns_obs                    93.0 
_refine.ls_R_factor_obs                          ? 
_refine.ls_R_factor_all                          ? 
_refine.ls_R_factor_R_work                       0.1790000 
_refine.ls_R_factor_R_free                       ? 
_refine.ls_R_factor_R_free_error                 ? 
_refine.ls_R_factor_R_free_error_details         ? 
_refine.ls_percent_reflns_R_free                 ? 
_refine.ls_number_reflns_R_free                  ? 
_refine.ls_number_parameters                     ? 
_refine.ls_number_restraints                     ? 
_refine.occupancy_min                            ? 
_refine.occupancy_max                            ? 
_refine.B_iso_mean                               ? 
_refine.aniso_B[1][1]                            ? 
_refine.aniso_B[2][2]                            ? 
_refine.aniso_B[3][3]                            ? 
_refine.aniso_B[1][2]                            ? 
_refine.aniso_B[1][3]                            ? 
_refine.aniso_B[2][3]                            ? 
_refine.solvent_model_details                    'MOEWS AND KRETSINGER' 
_refine.solvent_model_param_ksol                 0.766 
_refine.solvent_model_param_bsol                 199.1 
_refine.pdbx_ls_cross_valid_method               ? 
_refine.details                                  ? 
_refine.pdbx_starting_model                      'PDB ENTRY 6DFR' 
_refine.pdbx_method_to_determine_struct          'DIFFERENCE FOURIER' 
_refine.pdbx_isotropic_thermal_model             ? 
_refine.pdbx_stereochemistry_target_values       'TNT PROTGEO' 
_refine.pdbx_stereochem_target_val_spec_case     ? 
_refine.pdbx_R_Free_selection_details            ? 
_refine.pdbx_overall_ESU_R                       ? 
_refine.pdbx_overall_ESU_R_Free                  ? 
_refine.overall_SU_ML                            ? 
_refine.overall_SU_B                             ? 
_refine.pdbx_refine_id                           'X-RAY DIFFRACTION' 
_refine.pdbx_diffrn_id                           1 
_refine.pdbx_TLS_residual_ADP_flag               ? 
_refine.correlation_coeff_Fo_to_Fc               ? 
_refine.correlation_coeff_Fo_to_Fc_free          ? 
_refine.pdbx_solvent_vdw_probe_radii             ? 
_refine.pdbx_solvent_ion_probe_radii             ? 
_refine.pdbx_solvent_shrinkage_radii             ? 
_refine.pdbx_overall_phase_error                 ? 
_refine.overall_SU_R_Cruickshank_DPI             ? 
_refine.pdbx_overall_SU_R_free_Cruickshank_DPI   ? 
_refine.pdbx_overall_SU_R_Blow_DPI               ? 
_refine.pdbx_overall_SU_R_free_Blow_DPI          ? 
# 
_refine_hist.pdbx_refine_id                   'X-RAY DIFFRACTION' 
_refine_hist.cycle_id                         LAST 
_refine_hist.pdbx_number_atoms_protein        1268 
_refine_hist.pdbx_number_atoms_nucleic_acid   0 
_refine_hist.pdbx_number_atoms_ligand         77 
_refine_hist.number_atoms_solvent             57 
_refine_hist.number_atoms_total               1402 
_refine_hist.d_res_high                       1.9 
_refine_hist.d_res_low                        20.0 
# 
loop_
_refine_ls_restr.type 
_refine_ls_restr.dev_ideal 
_refine_ls_restr.dev_ideal_target 
_refine_ls_restr.weight 
_refine_ls_restr.number 
_refine_ls_restr.pdbx_refine_id 
_refine_ls_restr.pdbx_restraint_function 
t_bond_d           0.019 ? 0.020 1385 'X-RAY DIFFRACTION' ? 
t_angle_deg        3.0   ? 3.0   1883 'X-RAY DIFFRACTION' ? 
t_dihedral_angle_d 23.5  ? ?     772  'X-RAY DIFFRACTION' ? 
t_incorr_chiral_ct 0     ? ?     ?    'X-RAY DIFFRACTION' ? 
t_pseud_angle      ?     ? ?     ?    'X-RAY DIFFRACTION' ? 
t_trig_c_planes    0.018 ? 0.020 39   'X-RAY DIFFRACTION' ? 
t_gen_planes       0.007 ? 0.020 190  'X-RAY DIFFRACTION' ? 
t_it               6.6   ? 6.0   1385 'X-RAY DIFFRACTION' ? 
t_nbd              0.036 ? 0.020 22   'X-RAY DIFFRACTION' ? 
# 
_pdbx_refine.entry_id                                    1RC4 
_pdbx_refine.R_factor_all_no_cutoff                      ? 
_pdbx_refine.R_factor_obs_no_cutoff                      0.1790000 
_pdbx_refine.free_R_factor_no_cutoff                     ? 
_pdbx_refine.free_R_val_test_set_size_perc_no_cutoff     ? 
_pdbx_refine.free_R_val_test_set_ct_no_cutoff            ? 
_pdbx_refine.R_factor_all_4sig_cutoff                    ? 
_pdbx_refine.R_factor_obs_4sig_cutoff                    ? 
_pdbx_refine.free_R_factor_4sig_cutoff                   ? 
_pdbx_refine.free_R_val_test_set_size_perc_4sig_cutoff   ? 
_pdbx_refine.free_R_val_test_set_ct_4sig_cutoff          ? 
_pdbx_refine.number_reflns_obs_4sig_cutoff               ? 
_pdbx_refine.pdbx_refine_id                              'X-RAY DIFFRACTION' 
_pdbx_refine.free_R_error_no_cutoff                      ? 
# 
_struct.entry_id                  1RC4 
_struct.title                     
'DIHYDROFOLATE REDUCTASE COMPLEXED WITH 5,10-DIDEAZATETRAHYDROFOLATE AND NICOTINAMIDE ADENINE DINUCLEOTIDE PHOSPHATE (OXIDIZED FORM)' 
_struct.pdbx_model_details        ? 
_struct.pdbx_CASP_flag            ? 
_struct.pdbx_model_type_details   ? 
# 
_struct_keywords.entry_id        1RC4 
_struct_keywords.pdbx_keywords   OXIDOREDUCTASE 
_struct_keywords.text            'OXIDOREDUCTASE, NADP, TRIMETHOPRIM RESISTANCE, METHOTREXATE RESISTANCE, ONE-CARBON METABOLISM' 
# 
loop_
_struct_asym.id 
_struct_asym.pdbx_blank_PDB_chainid_flag 
_struct_asym.pdbx_modified 
_struct_asym.entity_id 
_struct_asym.details 
A N N 1 ? 
B N N 2 ? 
C N N 3 ? 
D N N 4 ? 
# 
_struct_ref.id                         1 
_struct_ref.db_name                    UNP 
_struct_ref.db_code                    DYR_ECOLI 
_struct_ref.entity_id                  1 
_struct_ref.pdbx_db_accession          P0ABQ4 
_struct_ref.pdbx_align_begin           1 
_struct_ref.pdbx_seq_one_letter_code   
;MISLIAALAVDRVIGMENAMPWNLPADLAWFKRNTLNKPVIMGRHTWESIGRPLPGRKNIILSSQPGTDDRVTWVKSVDE
AIAACGDVPEIMVIGGGRVYEQFLPKAQKLYLTHIDAEVEGDTHFPDYEPDDWESVFSEFHDADAQNSHSYCFEILERR
;
_struct_ref.pdbx_db_isoform            ? 
# 
_struct_ref_seq.align_id                      1 
_struct_ref_seq.ref_id                        1 
_struct_ref_seq.pdbx_PDB_id_code              1RC4 
_struct_ref_seq.pdbx_strand_id                A 
_struct_ref_seq.seq_align_beg                 1 
_struct_ref_seq.pdbx_seq_align_beg_ins_code   ? 
_struct_ref_seq.seq_align_end                 159 
_struct_ref_seq.pdbx_seq_align_end_ins_code   ? 
_struct_ref_seq.pdbx_db_accession             P0ABQ4 
_struct_ref_seq.db_align_beg                  1 
_struct_ref_seq.pdbx_db_align_beg_ins_code    ? 
_struct_ref_seq.db_align_end                  159 
_struct_ref_seq.pdbx_db_align_end_ins_code    ? 
_struct_ref_seq.pdbx_auth_seq_align_beg       1 
_struct_ref_seq.pdbx_auth_seq_align_end       159 
# 
_struct_ref_seq_dif.align_id                     1 
_struct_ref_seq_dif.pdbx_pdb_id_code             1RC4 
_struct_ref_seq_dif.mon_id                       ASP 
_struct_ref_seq_dif.pdbx_pdb_strand_id           A 
_struct_ref_seq_dif.seq_num                      37 
_struct_ref_seq_dif.pdbx_pdb_ins_code            ? 
_struct_ref_seq_dif.pdbx_seq_db_name             UNP 
_struct_ref_seq_dif.pdbx_seq_db_accession_code   P0ABQ4 
_struct_ref_seq_dif.db_mon_id                    ASN 
_struct_ref_seq_dif.pdbx_seq_db_seq_num          37 
_struct_ref_seq_dif.details                      conflict 
_struct_ref_seq_dif.pdbx_auth_seq_num            37 
_struct_ref_seq_dif.pdbx_ordinal                 1 
# 
_pdbx_struct_assembly.id                   1 
_pdbx_struct_assembly.details              author_defined_assembly 
_pdbx_struct_assembly.method_details       ? 
_pdbx_struct_assembly.oligomeric_details   monomeric 
_pdbx_struct_assembly.oligomeric_count     1 
# 
_pdbx_struct_assembly_gen.assembly_id       1 
_pdbx_struct_assembly_gen.oper_expression   1 
_pdbx_struct_assembly_gen.asym_id_list      A,B,C,D 
# 
_pdbx_struct_oper_list.id                   1 
_pdbx_struct_oper_list.type                 'identity operation' 
_pdbx_struct_oper_list.name                 1_555 
_pdbx_struct_oper_list.symmetry_operation   x,y,z 
_pdbx_struct_oper_list.matrix[1][1]         1.0000000000 
_pdbx_struct_oper_list.matrix[1][2]         0.0000000000 
_pdbx_struct_oper_list.matrix[1][3]         0.0000000000 
_pdbx_struct_oper_list.vector[1]            0.0000000000 
_pdbx_struct_oper_list.matrix[2][1]         0.0000000000 
_pdbx_struct_oper_list.matrix[2][2]         1.0000000000 
_pdbx_struct_oper_list.matrix[2][3]         0.0000000000 
_pdbx_struct_oper_list.vector[2]            0.0000000000 
_pdbx_struct_oper_list.matrix[3][1]         0.0000000000 
_pdbx_struct_oper_list.matrix[3][2]         0.0000000000 
_pdbx_struct_oper_list.matrix[3][3]         1.0000000000 
_pdbx_struct_oper_list.vector[3]            0.0000000000 
# 
_struct_biol.id   1 
# 
loop_
_struct_conf.conf_type_id 
_struct_conf.id 
_struct_conf.pdbx_PDB_helix_id 
_struct_conf.beg_label_comp_id 
_struct_conf.beg_label_asym_id 
_struct_conf.beg_label_seq_id 
_struct_conf.pdbx_beg_PDB_ins_code 
_struct_conf.end_label_comp_id 
_struct_conf.end_label_asym_id 
_struct_conf.end_label_seq_id 
_struct_conf.pdbx_end_PDB_ins_code 
_struct_conf.beg_auth_comp_id 
_struct_conf.beg_auth_asym_id 
_struct_conf.beg_auth_seq_id 
_struct_conf.end_auth_comp_id 
_struct_conf.end_auth_asym_id 
_struct_conf.end_auth_seq_id 
_struct_conf.pdbx_PDB_helix_class 
_struct_conf.details 
_struct_conf.pdbx_PDB_helix_length 
HELX_P HELX_P1 2 PRO A 25 ? THR A 35  ? PRO A 25 THR A 35  1 ? 11 
HELX_P HELX_P2 3 ARG A 44 ? ILE A 50  ? ARG A 44 ILE A 50  1 ? 7  
HELX_P HELX_P3 4 VAL A 78 ? CYS A 85  ? VAL A 78 CYS A 85  1 ? 8  
HELX_P HELX_P4 5 GLY A 97 ? LYS A 106 ? GLY A 97 LYS A 106 1 ? 10 
# 
_struct_conf_type.id          HELX_P 
_struct_conf_type.criteria    ? 
_struct_conf_type.reference   ? 
# 
_struct_mon_prot_cis.pdbx_id                1 
_struct_mon_prot_cis.label_comp_id          GLY 
_struct_mon_prot_cis.label_seq_id           95 
_struct_mon_prot_cis.label_asym_id          A 
_struct_mon_prot_cis.label_alt_id           . 
_struct_mon_prot_cis.pdbx_PDB_ins_code      ? 
_struct_mon_prot_cis.auth_comp_id           GLY 
_struct_mon_prot_cis.auth_seq_id            95 
_struct_mon_prot_cis.auth_asym_id           A 
_struct_mon_prot_cis.pdbx_label_comp_id_2   GLY 
_struct_mon_prot_cis.pdbx_label_seq_id_2    96 
_struct_mon_prot_cis.pdbx_label_asym_id_2   A 
_struct_mon_prot_cis.pdbx_PDB_ins_code_2    ? 
_struct_mon_prot_cis.pdbx_auth_comp_id_2    GLY 
_struct_mon_prot_cis.pdbx_auth_seq_id_2     96 
_struct_mon_prot_cis.pdbx_auth_asym_id_2    A 
_struct_mon_prot_cis.pdbx_PDB_model_num     1 
_struct_mon_prot_cis.pdbx_omega_angle       0.20 
# 
_struct_sheet.id               A 
_struct_sheet.type             ? 
_struct_sheet.number_strands   8 
_struct_sheet.details          ? 
# 
loop_
_struct_sheet_order.sheet_id 
_struct_sheet_order.range_id_1 
_struct_sheet_order.range_id_2 
_struct_sheet_order.offset 
_struct_sheet_order.sense 
A 1 2 ? anti-parallel 
A 2 3 ? anti-parallel 
A 3 4 ? parallel      
A 4 5 ? parallel      
A 5 6 ? parallel      
A 6 7 ? parallel      
A 7 8 ? parallel      
# 
loop_
_struct_sheet_range.sheet_id 
_struct_sheet_range.id 
_struct_sheet_range.beg_label_comp_id 
_struct_sheet_range.beg_label_asym_id 
_struct_sheet_range.beg_label_seq_id 
_struct_sheet_range.pdbx_beg_PDB_ins_code 
_struct_sheet_range.end_label_comp_id 
_struct_sheet_range.end_label_asym_id 
_struct_sheet_range.end_label_seq_id 
_struct_sheet_range.pdbx_end_PDB_ins_code 
_struct_sheet_range.beg_auth_comp_id 
_struct_sheet_range.beg_auth_asym_id 
_struct_sheet_range.beg_auth_seq_id 
_struct_sheet_range.end_auth_comp_id 
_struct_sheet_range.end_auth_asym_id 
_struct_sheet_range.end_auth_seq_id 
A 1 TRP A 133 ? SER A 135 ? TRP A 133 SER A 135 
A 2 TYR A 151 ? ARG A 158 ? TYR A 151 ARG A 158 
A 3 ALA A 107 ? ILE A 115 ? ALA A 107 ILE A 115 
A 4 ILE A 2   ? ILE A 5   ? ILE A 2   ILE A 5   
A 5 ILE A 91  ? GLY A 95  ? ILE A 91  GLY A 95  
A 6 PRO A 39  ? GLY A 43  ? PRO A 39  GLY A 43  
A 7 LYS A 58  ? LEU A 62  ? LYS A 58  LEU A 62  
A 8 THR A 73  ? VAL A 75  ? THR A 73  VAL A 75  
# 
loop_
_pdbx_struct_sheet_hbond.sheet_id 
_pdbx_struct_sheet_hbond.range_id_1 
_pdbx_struct_sheet_hbond.range_id_2 
_pdbx_struct_sheet_hbond.range_1_label_atom_id 
_pdbx_struct_sheet_hbond.range_1_label_comp_id 
_pdbx_struct_sheet_hbond.range_1_label_asym_id 
_pdbx_struct_sheet_hbond.range_1_label_seq_id 
_pdbx_struct_sheet_hbond.range_1_PDB_ins_code 
_pdbx_struct_sheet_hbond.range_1_auth_atom_id 
_pdbx_struct_sheet_hbond.range_1_auth_comp_id 
_pdbx_struct_sheet_hbond.range_1_auth_asym_id 
_pdbx_struct_sheet_hbond.range_1_auth_seq_id 
_pdbx_struct_sheet_hbond.range_2_label_atom_id 
_pdbx_struct_sheet_hbond.range_2_label_comp_id 
_pdbx_struct_sheet_hbond.range_2_label_asym_id 
_pdbx_struct_sheet_hbond.range_2_label_seq_id 
_pdbx_struct_sheet_hbond.range_2_PDB_ins_code 
_pdbx_struct_sheet_hbond.range_2_auth_atom_id 
_pdbx_struct_sheet_hbond.range_2_auth_comp_id 
_pdbx_struct_sheet_hbond.range_2_auth_asym_id 
_pdbx_struct_sheet_hbond.range_2_auth_seq_id 
A 1 2 O GLU A 134 ? O GLU A 134 N GLU A 157 ? N GLU A 157 
A 2 3 O CYS A 152 ? O CYS A 152 N HIS A 114 ? N HIS A 114 
A 3 4 O GLN A 108 ? O GLN A 108 N ILE A 2   ? N ILE A 2   
A 4 5 O SER A 3   ? O SER A 3   N ILE A 91  ? N ILE A 91  
A 5 6 O MET A 92  ? O MET A 92  N PRO A 39  ? N PRO A 39  
A 6 7 O VAL A 40  ? O VAL A 40  N LYS A 58  ? N LYS A 58  
A 7 8 O ILE A 61  ? O ILE A 61  N THR A 73  ? N THR A 73  
# 
loop_
_struct_site.id 
_struct_site.pdbx_evidence_code 
_struct_site.pdbx_auth_asym_id 
_struct_site.pdbx_auth_comp_id 
_struct_site.pdbx_auth_seq_id 
_struct_site.pdbx_auth_ins_code 
_struct_site.pdbx_num_residues 
_struct_site.details 
AC1 Software A DDF 161 ? 12 'BINDING SITE FOR RESIDUE DDF A 161' 
AC2 Software A NAP 164 ? 21 'BINDING SITE FOR RESIDUE NAP A 164' 
# 
loop_
_struct_site_gen.id 
_struct_site_gen.site_id 
_struct_site_gen.pdbx_num_res 
_struct_site_gen.label_comp_id 
_struct_site_gen.label_asym_id 
_struct_site_gen.label_seq_id 
_struct_site_gen.pdbx_auth_ins_code 
_struct_site_gen.auth_comp_id 
_struct_site_gen.auth_asym_id 
_struct_site_gen.auth_seq_id 
_struct_site_gen.label_atom_id 
_struct_site_gen.label_alt_id 
_struct_site_gen.symmetry 
_struct_site_gen.details 
1  AC1 12 ILE A 5   ? ILE A 5   . ? 1_555 ? 
2  AC1 12 ALA A 6   ? ALA A 6   . ? 1_555 ? 
3  AC1 12 ALA A 7   ? ALA A 7   . ? 1_555 ? 
4  AC1 12 ASP A 27  ? ASP A 27  . ? 1_555 ? 
5  AC1 12 LEU A 28  ? LEU A 28  . ? 1_555 ? 
6  AC1 12 PHE A 31  ? PHE A 31  . ? 1_555 ? 
7  AC1 12 LYS A 32  ? LYS A 32  . ? 1_555 ? 
8  AC1 12 ARG A 57  ? ARG A 57  . ? 1_555 ? 
9  AC1 12 ILE A 94  ? ILE A 94  . ? 1_555 ? 
10 AC1 12 TYR A 100 ? TYR A 100 . ? 1_555 ? 
11 AC1 12 HOH D .   ? HOH A 212 . ? 1_555 ? 
12 AC1 12 HOH D .   ? HOH A 218 . ? 1_555 ? 
13 AC2 21 MET A 16  ? MET A 16  . ? 1_555 ? 
14 AC2 21 GLY A 43  ? GLY A 43  . ? 1_555 ? 
15 AC2 21 ARG A 44  ? ARG A 44  . ? 1_555 ? 
16 AC2 21 HIS A 45  ? HIS A 45  . ? 1_555 ? 
17 AC2 21 THR A 46  ? THR A 46  . ? 1_555 ? 
18 AC2 21 LEU A 62  ? LEU A 62  . ? 1_555 ? 
19 AC2 21 SER A 63  ? SER A 63  . ? 1_555 ? 
20 AC2 21 SER A 64  ? SER A 64  . ? 1_555 ? 
21 AC2 21 LYS A 76  ? LYS A 76  . ? 1_555 ? 
22 AC2 21 GLY A 96  ? GLY A 96  . ? 1_555 ? 
23 AC2 21 GLY A 97  ? GLY A 97  . ? 1_555 ? 
24 AC2 21 ARG A 98  ? ARG A 98  . ? 1_555 ? 
25 AC2 21 VAL A 99  ? VAL A 99  . ? 1_555 ? 
26 AC2 21 GLN A 102 ? GLN A 102 . ? 1_555 ? 
27 AC2 21 ASP A 122 ? ASP A 122 . ? 1_555 ? 
28 AC2 21 THR A 123 ? THR A 123 . ? 1_555 ? 
29 AC2 21 SER A 135 ? SER A 135 . ? 3_645 ? 
30 AC2 21 HOH D .   ? HOH A 227 . ? 1_555 ? 
31 AC2 21 HOH D .   ? HOH A 243 . ? 3_645 ? 
32 AC2 21 HOH D .   ? HOH A 251 . ? 1_555 ? 
33 AC2 21 HOH D .   ? HOH A 261 . ? 1_555 ? 
# 
loop_
_pdbx_validate_rmsd_bond.id 
_pdbx_validate_rmsd_bond.PDB_model_num 
_pdbx_validate_rmsd_bond.auth_atom_id_1 
_pdbx_validate_rmsd_bond.auth_asym_id_1 
_pdbx_validate_rmsd_bond.auth_comp_id_1 
_pdbx_validate_rmsd_bond.auth_seq_id_1 
_pdbx_validate_rmsd_bond.PDB_ins_code_1 
_pdbx_validate_rmsd_bond.label_alt_id_1 
_pdbx_validate_rmsd_bond.auth_atom_id_2 
_pdbx_validate_rmsd_bond.auth_asym_id_2 
_pdbx_validate_rmsd_bond.auth_comp_id_2 
_pdbx_validate_rmsd_bond.auth_seq_id_2 
_pdbx_validate_rmsd_bond.PDB_ins_code_2 
_pdbx_validate_rmsd_bond.label_alt_id_2 
_pdbx_validate_rmsd_bond.bond_value 
_pdbx_validate_rmsd_bond.bond_target_value 
_pdbx_validate_rmsd_bond.bond_deviation 
_pdbx_validate_rmsd_bond.bond_standard_deviation 
_pdbx_validate_rmsd_bond.linker_flag 
1 1 CD A GLU 48  ? ? OE1 A GLU 48  ? ? 1.179 1.252 -0.073 0.011 N 
2 1 CD A GLU 101 ? ? OE2 A GLU 101 ? ? 1.327 1.252 0.075  0.011 N 
3 1 CD A GLU 129 ? ? OE1 A GLU 129 ? ? 1.323 1.252 0.071  0.011 N 
4 1 CD A GLU 139 ? ? OE1 A GLU 139 ? ? 1.321 1.252 0.069  0.011 N 
5 1 CD A GLU 157 ? ? OE2 A GLU 157 ? ? 1.325 1.252 0.073  0.011 N 
# 
loop_
_pdbx_validate_rmsd_angle.id 
_pdbx_validate_rmsd_angle.PDB_model_num 
_pdbx_validate_rmsd_angle.auth_atom_id_1 
_pdbx_validate_rmsd_angle.auth_asym_id_1 
_pdbx_validate_rmsd_angle.auth_comp_id_1 
_pdbx_validate_rmsd_angle.auth_seq_id_1 
_pdbx_validate_rmsd_angle.PDB_ins_code_1 
_pdbx_validate_rmsd_angle.label_alt_id_1 
_pdbx_validate_rmsd_angle.auth_atom_id_2 
_pdbx_validate_rmsd_angle.auth_asym_id_2 
_pdbx_validate_rmsd_angle.auth_comp_id_2 
_pdbx_validate_rmsd_angle.auth_seq_id_2 
_pdbx_validate_rmsd_angle.PDB_ins_code_2 
_pdbx_validate_rmsd_angle.label_alt_id_2 
_pdbx_validate_rmsd_angle.auth_atom_id_3 
_pdbx_validate_rmsd_angle.auth_asym_id_3 
_pdbx_validate_rmsd_angle.auth_comp_id_3 
_pdbx_validate_rmsd_angle.auth_seq_id_3 
_pdbx_validate_rmsd_angle.PDB_ins_code_3 
_pdbx_validate_rmsd_angle.label_alt_id_3 
_pdbx_validate_rmsd_angle.angle_value 
_pdbx_validate_rmsd_angle.angle_target_value 
_pdbx_validate_rmsd_angle.angle_deviation 
_pdbx_validate_rmsd_angle.angle_standard_deviation 
_pdbx_validate_rmsd_angle.linker_flag 
1  1 CB A ASP 11  ? ? CG A ASP 11  ? ? OD1 A ASP 11  ? ? 123.72 118.30 5.42   0.90 N 
2  1 CB A ASP 11  ? ? CG A ASP 11  ? ? OD2 A ASP 11  ? ? 112.59 118.30 -5.71  0.90 N 
3  1 NE A ARG 12  ? ? CZ A ARG 12  ? ? NH1 A ARG 12  ? ? 124.97 120.30 4.67   0.50 N 
4  1 CB A MET 16  ? ? CA A MET 16  ? ? C   A MET 16  ? ? 125.23 110.40 14.83  2.00 N 
5  1 C  A MET 20  ? ? N  A PRO 21  ? ? CA  A PRO 21  ? ? 129.50 119.30 10.20  1.50 Y 
6  1 N  A ASN 23  ? ? CA A ASN 23  ? ? CB  A ASN 23  ? ? 97.25  110.60 -13.35 1.80 N 
7  1 CB A ASP 27  ? ? CG A ASP 27  ? ? OD1 A ASP 27  ? ? 124.27 118.30 5.97   0.90 N 
8  1 CB A ASP 27  ? ? CG A ASP 27  ? ? OD2 A ASP 27  ? ? 112.77 118.30 -5.53  0.90 N 
9  1 CB A ASP 37  ? ? CG A ASP 37  ? ? OD1 A ASP 37  ? ? 124.30 118.30 6.00   0.90 N 
10 1 CB A ASP 37  ? ? CG A ASP 37  ? ? OD2 A ASP 37  ? ? 111.03 118.30 -7.27  0.90 N 
11 1 NE A ARG 52  ? ? CZ A ARG 52  ? ? NH2 A ARG 52  ? ? 117.23 120.30 -3.07  0.50 N 
12 1 NE A ARG 57  ? ? CZ A ARG 57  ? ? NH1 A ARG 57  ? ? 124.11 120.30 3.81   0.50 N 
13 1 CB A ASP 70  ? ? CG A ASP 70  ? ? OD2 A ASP 70  ? ? 111.87 118.30 -6.43  0.90 N 
14 1 CB A ASP 87  ? ? CG A ASP 87  ? ? OD2 A ASP 87  ? ? 109.79 118.30 -8.51  0.90 N 
15 1 CB A ASP 116 ? ? CG A ASP 116 ? ? OD1 A ASP 116 ? ? 123.74 118.30 5.44   0.90 N 
16 1 CB A ASP 116 ? ? CG A ASP 116 ? ? OD2 A ASP 116 ? ? 112.88 118.30 -5.42  0.90 N 
17 1 CB A ASP 131 ? ? CG A ASP 131 ? ? OD2 A ASP 131 ? ? 112.74 118.30 -5.56  0.90 N 
18 1 CB A ASP 132 ? ? CG A ASP 132 ? ? OD2 A ASP 132 ? ? 111.70 118.30 -6.60  0.90 N 
19 1 CB A ASP 142 ? ? CG A ASP 142 ? ? OD1 A ASP 142 ? ? 124.23 118.30 5.93   0.90 N 
20 1 CB A ASP 142 ? ? CG A ASP 142 ? ? OD2 A ASP 142 ? ? 108.62 118.30 -9.68  0.90 N 
# 
loop_
_pdbx_validate_torsion.id 
_pdbx_validate_torsion.PDB_model_num 
_pdbx_validate_torsion.auth_comp_id 
_pdbx_validate_torsion.auth_asym_id 
_pdbx_validate_torsion.auth_seq_id 
_pdbx_validate_torsion.PDB_ins_code 
_pdbx_validate_torsion.label_alt_id 
_pdbx_validate_torsion.phi 
_pdbx_validate_torsion.psi 
1 1 PHE A 137 ? ? -172.86 142.63  
2 1 GLU A 139 ? ? -164.56 117.30  
3 1 ASP A 144 ? ? -161.60 -165.98 
# 
loop_
_chem_comp_atom.comp_id 
_chem_comp_atom.atom_id 
_chem_comp_atom.type_symbol 
_chem_comp_atom.pdbx_aromatic_flag 
_chem_comp_atom.pdbx_stereo_config 
_chem_comp_atom.pdbx_ordinal 
ALA N    N N N 1   
ALA CA   C N S 2   
ALA C    C N N 3   
ALA O    O N N 4   
ALA CB   C N N 5   
ALA OXT  O N N 6   
ALA H    H N N 7   
ALA H2   H N N 8   
ALA HA   H N N 9   
ALA HB1  H N N 10  
ALA HB2  H N N 11  
ALA HB3  H N N 12  
ALA HXT  H N N 13  
ARG N    N N N 14  
ARG CA   C N S 15  
ARG C    C N N 16  
ARG O    O N N 17  
ARG CB   C N N 18  
ARG CG   C N N 19  
ARG CD   C N N 20  
ARG NE   N N N 21  
ARG CZ   C N N 22  
ARG NH1  N N N 23  
ARG NH2  N N N 24  
ARG OXT  O N N 25  
ARG H    H N N 26  
ARG H2   H N N 27  
ARG HA   H N N 28  
ARG HB2  H N N 29  
ARG HB3  H N N 30  
ARG HG2  H N N 31  
ARG HG3  H N N 32  
ARG HD2  H N N 33  
ARG HD3  H N N 34  
ARG HE   H N N 35  
ARG HH11 H N N 36  
ARG HH12 H N N 37  
ARG HH21 H N N 38  
ARG HH22 H N N 39  
ARG HXT  H N N 40  
ASN N    N N N 41  
ASN CA   C N S 42  
ASN C    C N N 43  
ASN O    O N N 44  
ASN CB   C N N 45  
ASN CG   C N N 46  
ASN OD1  O N N 47  
ASN ND2  N N N 48  
ASN OXT  O N N 49  
ASN H    H N N 50  
ASN H2   H N N 51  
ASN HA   H N N 52  
ASN HB2  H N N 53  
ASN HB3  H N N 54  
ASN HD21 H N N 55  
ASN HD22 H N N 56  
ASN HXT  H N N 57  
ASP N    N N N 58  
ASP CA   C N S 59  
ASP C    C N N 60  
ASP O    O N N 61  
ASP CB   C N N 62  
ASP CG   C N N 63  
ASP OD1  O N N 64  
ASP OD2  O N N 65  
ASP OXT  O N N 66  
ASP H    H N N 67  
ASP H2   H N N 68  
ASP HA   H N N 69  
ASP HB2  H N N 70  
ASP HB3  H N N 71  
ASP HD2  H N N 72  
ASP HXT  H N N 73  
CYS N    N N N 74  
CYS CA   C N R 75  
CYS C    C N N 76  
CYS O    O N N 77  
CYS CB   C N N 78  
CYS SG   S N N 79  
CYS OXT  O N N 80  
CYS H    H N N 81  
CYS H2   H N N 82  
CYS HA   H N N 83  
CYS HB2  H N N 84  
CYS HB3  H N N 85  
CYS HG   H N N 86  
CYS HXT  H N N 87  
DDF N1   N Y N 88  
DDF C2   C Y N 89  
DDF NA2  N N N 90  
DDF N3   N Y N 91  
DDF C4   C Y N 92  
DDF O4   O N N 93  
DDF C4A  C Y N 94  
DDF C5   C N N 95  
DDF C6   C N R 96  
DDF C7   C N N 97  
DDF N8   N N N 98  
DDF C8A  C Y N 99  
DDF C9   C N N 100 
DDF C10  C N N 101 
DDF C11  C Y N 102 
DDF C12  C Y N 103 
DDF C13  C Y N 104 
DDF C14  C Y N 105 
DDF C15  C Y N 106 
DDF C16  C Y N 107 
DDF C    C N N 108 
DDF O    O N N 109 
DDF N    N N N 110 
DDF CA   C N S 111 
DDF CB   C N N 112 
DDF CG   C N N 113 
DDF CD   C N N 114 
DDF OE1  O N N 115 
DDF OE2  O N N 116 
DDF CT   C N N 117 
DDF O1   O N N 118 
DDF O2   O N N 119 
DDF HN1  H N N 120 
DDF HN21 H N N 121 
DDF HN22 H N N 122 
DDF H51  H N N 123 
DDF H52  H N N 124 
DDF H6   H N N 125 
DDF H71  H N N 126 
DDF H72  H N N 127 
DDF HN8  H N N 128 
DDF H91  H N N 129 
DDF H92  H N N 130 
DDF H101 H N N 131 
DDF H102 H N N 132 
DDF H12  H N N 133 
DDF H13  H N N 134 
DDF H15  H N N 135 
DDF H16  H N N 136 
DDF HN   H N N 137 
DDF HA   H N N 138 
DDF HB1  H N N 139 
DDF HB2  H N N 140 
DDF HG1  H N N 141 
DDF HG2  H N N 142 
DDF HOE2 H N N 143 
DDF HO2  H N N 144 
GLN N    N N N 145 
GLN CA   C N S 146 
GLN C    C N N 147 
GLN O    O N N 148 
GLN CB   C N N 149 
GLN CG   C N N 150 
GLN CD   C N N 151 
GLN OE1  O N N 152 
GLN NE2  N N N 153 
GLN OXT  O N N 154 
GLN H    H N N 155 
GLN H2   H N N 156 
GLN HA   H N N 157 
GLN HB2  H N N 158 
GLN HB3  H N N 159 
GLN HG2  H N N 160 
GLN HG3  H N N 161 
GLN HE21 H N N 162 
GLN HE22 H N N 163 
GLN HXT  H N N 164 
GLU N    N N N 165 
GLU CA   C N S 166 
GLU C    C N N 167 
GLU O    O N N 168 
GLU CB   C N N 169 
GLU CG   C N N 170 
GLU CD   C N N 171 
GLU OE1  O N N 172 
GLU OE2  O N N 173 
GLU OXT  O N N 174 
GLU H    H N N 175 
GLU H2   H N N 176 
GLU HA   H N N 177 
GLU HB2  H N N 178 
GLU HB3  H N N 179 
GLU HG2  H N N 180 
GLU HG3  H N N 181 
GLU HE2  H N N 182 
GLU HXT  H N N 183 
GLY N    N N N 184 
GLY CA   C N N 185 
GLY C    C N N 186 
GLY O    O N N 187 
GLY OXT  O N N 188 
GLY H    H N N 189 
GLY H2   H N N 190 
GLY HA2  H N N 191 
GLY HA3  H N N 192 
GLY HXT  H N N 193 
HIS N    N N N 194 
HIS CA   C N S 195 
HIS C    C N N 196 
HIS O    O N N 197 
HIS CB   C N N 198 
HIS CG   C Y N 199 
HIS ND1  N Y N 200 
HIS CD2  C Y N 201 
HIS CE1  C Y N 202 
HIS NE2  N Y N 203 
HIS OXT  O N N 204 
HIS H    H N N 205 
HIS H2   H N N 206 
HIS HA   H N N 207 
HIS HB2  H N N 208 
HIS HB3  H N N 209 
HIS HD1  H N N 210 
HIS HD2  H N N 211 
HIS HE1  H N N 212 
HIS HE2  H N N 213 
HIS HXT  H N N 214 
HOH O    O N N 215 
HOH H1   H N N 216 
HOH H2   H N N 217 
ILE N    N N N 218 
ILE CA   C N S 219 
ILE C    C N N 220 
ILE O    O N N 221 
ILE CB   C N S 222 
ILE CG1  C N N 223 
ILE CG2  C N N 224 
ILE CD1  C N N 225 
ILE OXT  O N N 226 
ILE H    H N N 227 
ILE H2   H N N 228 
ILE HA   H N N 229 
ILE HB   H N N 230 
ILE HG12 H N N 231 
ILE HG13 H N N 232 
ILE HG21 H N N 233 
ILE HG22 H N N 234 
ILE HG23 H N N 235 
ILE HD11 H N N 236 
ILE HD12 H N N 237 
ILE HD13 H N N 238 
ILE HXT  H N N 239 
LEU N    N N N 240 
LEU CA   C N S 241 
LEU C    C N N 242 
LEU O    O N N 243 
LEU CB   C N N 244 
LEU CG   C N N 245 
LEU CD1  C N N 246 
LEU CD2  C N N 247 
LEU OXT  O N N 248 
LEU H    H N N 249 
LEU H2   H N N 250 
LEU HA   H N N 251 
LEU HB2  H N N 252 
LEU HB3  H N N 253 
LEU HG   H N N 254 
LEU HD11 H N N 255 
LEU HD12 H N N 256 
LEU HD13 H N N 257 
LEU HD21 H N N 258 
LEU HD22 H N N 259 
LEU HD23 H N N 260 
LEU HXT  H N N 261 
LYS N    N N N 262 
LYS CA   C N S 263 
LYS C    C N N 264 
LYS O    O N N 265 
LYS CB   C N N 266 
LYS CG   C N N 267 
LYS CD   C N N 268 
LYS CE   C N N 269 
LYS NZ   N N N 270 
LYS OXT  O N N 271 
LYS H    H N N 272 
LYS H2   H N N 273 
LYS HA   H N N 274 
LYS HB2  H N N 275 
LYS HB3  H N N 276 
LYS HG2  H N N 277 
LYS HG3  H N N 278 
LYS HD2  H N N 279 
LYS HD3  H N N 280 
LYS HE2  H N N 281 
LYS HE3  H N N 282 
LYS HZ1  H N N 283 
LYS HZ2  H N N 284 
LYS HZ3  H N N 285 
LYS HXT  H N N 286 
MET N    N N N 287 
MET CA   C N S 288 
MET C    C N N 289 
MET O    O N N 290 
MET CB   C N N 291 
MET CG   C N N 292 
MET SD   S N N 293 
MET CE   C N N 294 
MET OXT  O N N 295 
MET H    H N N 296 
MET H2   H N N 297 
MET HA   H N N 298 
MET HB2  H N N 299 
MET HB3  H N N 300 
MET HG2  H N N 301 
MET HG3  H N N 302 
MET HE1  H N N 303 
MET HE2  H N N 304 
MET HE3  H N N 305 
MET HXT  H N N 306 
NAP PA   P N R 307 
NAP O1A  O N N 308 
NAP O2A  O N N 309 
NAP O5B  O N N 310 
NAP C5B  C N N 311 
NAP C4B  C N R 312 
NAP O4B  O N N 313 
NAP C3B  C N R 314 
NAP O3B  O N N 315 
NAP C2B  C N R 316 
NAP O2B  O N N 317 
NAP C1B  C N R 318 
NAP N9A  N Y N 319 
NAP C8A  C Y N 320 
NAP N7A  N Y N 321 
NAP C5A  C Y N 322 
NAP C6A  C Y N 323 
NAP N6A  N N N 324 
NAP N1A  N Y N 325 
NAP C2A  C Y N 326 
NAP N3A  N Y N 327 
NAP C4A  C Y N 328 
NAP O3   O N N 329 
NAP PN   P N N 330 
NAP O1N  O N N 331 
NAP O2N  O N N 332 
NAP O5D  O N N 333 
NAP C5D  C N N 334 
NAP C4D  C N R 335 
NAP O4D  O N N 336 
NAP C3D  C N S 337 
NAP O3D  O N N 338 
NAP C2D  C N R 339 
NAP O2D  O N N 340 
NAP C1D  C N R 341 
NAP N1N  N Y N 342 
NAP C2N  C Y N 343 
NAP C3N  C Y N 344 
NAP C7N  C N N 345 
NAP O7N  O N N 346 
NAP N7N  N N N 347 
NAP C4N  C Y N 348 
NAP C5N  C Y N 349 
NAP C6N  C Y N 350 
NAP P2B  P N N 351 
NAP O1X  O N N 352 
NAP O2X  O N N 353 
NAP O3X  O N N 354 
NAP HOA2 H N N 355 
NAP H51A H N N 356 
NAP H52A H N N 357 
NAP H4B  H N N 358 
NAP H3B  H N N 359 
NAP HO3A H N N 360 
NAP H2B  H N N 361 
NAP H1B  H N N 362 
NAP H8A  H N N 363 
NAP H61A H N N 364 
NAP H62A H N N 365 
NAP H2A  H N N 366 
NAP H51N H N N 367 
NAP H52N H N N 368 
NAP H4D  H N N 369 
NAP H3D  H N N 370 
NAP HO3N H N N 371 
NAP H2D  H N N 372 
NAP HO2N H N N 373 
NAP H1D  H N N 374 
NAP H2N  H N N 375 
NAP H71N H N N 376 
NAP H72N H N N 377 
NAP H4N  H N N 378 
NAP H5N  H N N 379 
NAP H6N  H N N 380 
NAP HOP2 H N N 381 
NAP HOP3 H N N 382 
PHE N    N N N 383 
PHE CA   C N S 384 
PHE C    C N N 385 
PHE O    O N N 386 
PHE CB   C N N 387 
PHE CG   C Y N 388 
PHE CD1  C Y N 389 
PHE CD2  C Y N 390 
PHE CE1  C Y N 391 
PHE CE2  C Y N 392 
PHE CZ   C Y N 393 
PHE OXT  O N N 394 
PHE H    H N N 395 
PHE H2   H N N 396 
PHE HA   H N N 397 
PHE HB2  H N N 398 
PHE HB3  H N N 399 
PHE HD1  H N N 400 
PHE HD2  H N N 401 
PHE HE1  H N N 402 
PHE HE2  H N N 403 
PHE HZ   H N N 404 
PHE HXT  H N N 405 
PRO N    N N N 406 
PRO CA   C N S 407 
PRO C    C N N 408 
PRO O    O N N 409 
PRO CB   C N N 410 
PRO CG   C N N 411 
PRO CD   C N N 412 
PRO OXT  O N N 413 
PRO H    H N N 414 
PRO HA   H N N 415 
PRO HB2  H N N 416 
PRO HB3  H N N 417 
PRO HG2  H N N 418 
PRO HG3  H N N 419 
PRO HD2  H N N 420 
PRO HD3  H N N 421 
PRO HXT  H N N 422 
SER N    N N N 423 
SER CA   C N S 424 
SER C    C N N 425 
SER O    O N N 426 
SER CB   C N N 427 
SER OG   O N N 428 
SER OXT  O N N 429 
SER H    H N N 430 
SER H2   H N N 431 
SER HA   H N N 432 
SER HB2  H N N 433 
SER HB3  H N N 434 
SER HG   H N N 435 
SER HXT  H N N 436 
THR N    N N N 437 
THR CA   C N S 438 
THR C    C N N 439 
THR O    O N N 440 
THR CB   C N R 441 
THR OG1  O N N 442 
THR CG2  C N N 443 
THR OXT  O N N 444 
THR H    H N N 445 
THR H2   H N N 446 
THR HA   H N N 447 
THR HB   H N N 448 
THR HG1  H N N 449 
THR HG21 H N N 450 
THR HG22 H N N 451 
THR HG23 H N N 452 
THR HXT  H N N 453 
TRP N    N N N 454 
TRP CA   C N S 455 
TRP C    C N N 456 
TRP O    O N N 457 
TRP CB   C N N 458 
TRP CG   C Y N 459 
TRP CD1  C Y N 460 
TRP CD2  C Y N 461 
TRP NE1  N Y N 462 
TRP CE2  C Y N 463 
TRP CE3  C Y N 464 
TRP CZ2  C Y N 465 
TRP CZ3  C Y N 466 
TRP CH2  C Y N 467 
TRP OXT  O N N 468 
TRP H    H N N 469 
TRP H2   H N N 470 
TRP HA   H N N 471 
TRP HB2  H N N 472 
TRP HB3  H N N 473 
TRP HD1  H N N 474 
TRP HE1  H N N 475 
TRP HE3  H N N 476 
TRP HZ2  H N N 477 
TRP HZ3  H N N 478 
TRP HH2  H N N 479 
TRP HXT  H N N 480 
TYR N    N N N 481 
TYR CA   C N S 482 
TYR C    C N N 483 
TYR O    O N N 484 
TYR CB   C N N 485 
TYR CG   C Y N 486 
TYR CD1  C Y N 487 
TYR CD2  C Y N 488 
TYR CE1  C Y N 489 
TYR CE2  C Y N 490 
TYR CZ   C Y N 491 
TYR OH   O N N 492 
TYR OXT  O N N 493 
TYR H    H N N 494 
TYR H2   H N N 495 
TYR HA   H N N 496 
TYR HB2  H N N 497 
TYR HB3  H N N 498 
TYR HD1  H N N 499 
TYR HD2  H N N 500 
TYR HE1  H N N 501 
TYR HE2  H N N 502 
TYR HH   H N N 503 
TYR HXT  H N N 504 
VAL N    N N N 505 
VAL CA   C N S 506 
VAL C    C N N 507 
VAL O    O N N 508 
VAL CB   C N N 509 
VAL CG1  C N N 510 
VAL CG2  C N N 511 
VAL OXT  O N N 512 
VAL H    H N N 513 
VAL H2   H N N 514 
VAL HA   H N N 515 
VAL HB   H N N 516 
VAL HG11 H N N 517 
VAL HG12 H N N 518 
VAL HG13 H N N 519 
VAL HG21 H N N 520 
VAL HG22 H N N 521 
VAL HG23 H N N 522 
VAL HXT  H N N 523 
# 
loop_
_chem_comp_bond.comp_id 
_chem_comp_bond.atom_id_1 
_chem_comp_bond.atom_id_2 
_chem_comp_bond.value_order 
_chem_comp_bond.pdbx_aromatic_flag 
_chem_comp_bond.pdbx_stereo_config 
_chem_comp_bond.pdbx_ordinal 
ALA N   CA   sing N N 1   
ALA N   H    sing N N 2   
ALA N   H2   sing N N 3   
ALA CA  C    sing N N 4   
ALA CA  CB   sing N N 5   
ALA CA  HA   sing N N 6   
ALA C   O    doub N N 7   
ALA C   OXT  sing N N 8   
ALA CB  HB1  sing N N 9   
ALA CB  HB2  sing N N 10  
ALA CB  HB3  sing N N 11  
ALA OXT HXT  sing N N 12  
ARG N   CA   sing N N 13  
ARG N   H    sing N N 14  
ARG N   H2   sing N N 15  
ARG CA  C    sing N N 16  
ARG CA  CB   sing N N 17  
ARG CA  HA   sing N N 18  
ARG C   O    doub N N 19  
ARG C   OXT  sing N N 20  
ARG CB  CG   sing N N 21  
ARG CB  HB2  sing N N 22  
ARG CB  HB3  sing N N 23  
ARG CG  CD   sing N N 24  
ARG CG  HG2  sing N N 25  
ARG CG  HG3  sing N N 26  
ARG CD  NE   sing N N 27  
ARG CD  HD2  sing N N 28  
ARG CD  HD3  sing N N 29  
ARG NE  CZ   sing N N 30  
ARG NE  HE   sing N N 31  
ARG CZ  NH1  sing N N 32  
ARG CZ  NH2  doub N N 33  
ARG NH1 HH11 sing N N 34  
ARG NH1 HH12 sing N N 35  
ARG NH2 HH21 sing N N 36  
ARG NH2 HH22 sing N N 37  
ARG OXT HXT  sing N N 38  
ASN N   CA   sing N N 39  
ASN N   H    sing N N 40  
ASN N   H2   sing N N 41  
ASN CA  C    sing N N 42  
ASN CA  CB   sing N N 43  
ASN CA  HA   sing N N 44  
ASN C   O    doub N N 45  
ASN C   OXT  sing N N 46  
ASN CB  CG   sing N N 47  
ASN CB  HB2  sing N N 48  
ASN CB  HB3  sing N N 49  
ASN CG  OD1  doub N N 50  
ASN CG  ND2  sing N N 51  
ASN ND2 HD21 sing N N 52  
ASN ND2 HD22 sing N N 53  
ASN OXT HXT  sing N N 54  
ASP N   CA   sing N N 55  
ASP N   H    sing N N 56  
ASP N   H2   sing N N 57  
ASP CA  C    sing N N 58  
ASP CA  CB   sing N N 59  
ASP CA  HA   sing N N 60  
ASP C   O    doub N N 61  
ASP C   OXT  sing N N 62  
ASP CB  CG   sing N N 63  
ASP CB  HB2  sing N N 64  
ASP CB  HB3  sing N N 65  
ASP CG  OD1  doub N N 66  
ASP CG  OD2  sing N N 67  
ASP OD2 HD2  sing N N 68  
ASP OXT HXT  sing N N 69  
CYS N   CA   sing N N 70  
CYS N   H    sing N N 71  
CYS N   H2   sing N N 72  
CYS CA  C    sing N N 73  
CYS CA  CB   sing N N 74  
CYS CA  HA   sing N N 75  
CYS C   O    doub N N 76  
CYS C   OXT  sing N N 77  
CYS CB  SG   sing N N 78  
CYS CB  HB2  sing N N 79  
CYS CB  HB3  sing N N 80  
CYS SG  HG   sing N N 81  
CYS OXT HXT  sing N N 82  
DDF N1  C2   sing Y N 83  
DDF N1  C8A  sing Y N 84  
DDF N1  HN1  sing N N 85  
DDF C2  NA2  sing N N 86  
DDF C2  N3   doub Y N 87  
DDF NA2 HN21 sing N N 88  
DDF NA2 HN22 sing N N 89  
DDF N3  C4   sing Y N 90  
DDF C4  O4   doub N N 91  
DDF C4  C4A  sing Y N 92  
DDF C4A C5   sing N N 93  
DDF C4A C8A  doub Y N 94  
DDF C5  C6   sing N N 95  
DDF C5  H51  sing N N 96  
DDF C5  H52  sing N N 97  
DDF C6  C7   sing N N 98  
DDF C6  C9   sing N N 99  
DDF C6  H6   sing N N 100 
DDF C7  N8   sing N N 101 
DDF C7  H71  sing N N 102 
DDF C7  H72  sing N N 103 
DDF N8  C8A  sing N N 104 
DDF N8  HN8  sing N N 105 
DDF C9  C10  sing N N 106 
DDF C9  H91  sing N N 107 
DDF C9  H92  sing N N 108 
DDF C10 C14  sing N N 109 
DDF C10 H101 sing N N 110 
DDF C10 H102 sing N N 111 
DDF C11 C12  doub Y N 112 
DDF C11 C16  sing Y N 113 
DDF C11 C    sing N N 114 
DDF C12 C13  sing Y N 115 
DDF C12 H12  sing N N 116 
DDF C13 C14  doub Y N 117 
DDF C13 H13  sing N N 118 
DDF C14 C15  sing Y N 119 
DDF C15 C16  doub Y N 120 
DDF C15 H15  sing N N 121 
DDF C16 H16  sing N N 122 
DDF C   O    doub N N 123 
DDF C   N    sing N N 124 
DDF N   CA   sing N N 125 
DDF N   HN   sing N N 126 
DDF CA  CB   sing N N 127 
DDF CA  CT   sing N N 128 
DDF CA  HA   sing N N 129 
DDF CB  CG   sing N N 130 
DDF CB  HB1  sing N N 131 
DDF CB  HB2  sing N N 132 
DDF CG  CD   sing N N 133 
DDF CG  HG1  sing N N 134 
DDF CG  HG2  sing N N 135 
DDF CD  OE1  doub N N 136 
DDF CD  OE2  sing N N 137 
DDF OE2 HOE2 sing N N 138 
DDF CT  O1   doub N N 139 
DDF CT  O2   sing N N 140 
DDF O2  HO2  sing N N 141 
GLN N   CA   sing N N 142 
GLN N   H    sing N N 143 
GLN N   H2   sing N N 144 
GLN CA  C    sing N N 145 
GLN CA  CB   sing N N 146 
GLN CA  HA   sing N N 147 
GLN C   O    doub N N 148 
GLN C   OXT  sing N N 149 
GLN CB  CG   sing N N 150 
GLN CB  HB2  sing N N 151 
GLN CB  HB3  sing N N 152 
GLN CG  CD   sing N N 153 
GLN CG  HG2  sing N N 154 
GLN CG  HG3  sing N N 155 
GLN CD  OE1  doub N N 156 
GLN CD  NE2  sing N N 157 
GLN NE2 HE21 sing N N 158 
GLN NE2 HE22 sing N N 159 
GLN OXT HXT  sing N N 160 
GLU N   CA   sing N N 161 
GLU N   H    sing N N 162 
GLU N   H2   sing N N 163 
GLU CA  C    sing N N 164 
GLU CA  CB   sing N N 165 
GLU CA  HA   sing N N 166 
GLU C   O    doub N N 167 
GLU C   OXT  sing N N 168 
GLU CB  CG   sing N N 169 
GLU CB  HB2  sing N N 170 
GLU CB  HB3  sing N N 171 
GLU CG  CD   sing N N 172 
GLU CG  HG2  sing N N 173 
GLU CG  HG3  sing N N 174 
GLU CD  OE1  doub N N 175 
GLU CD  OE2  sing N N 176 
GLU OE2 HE2  sing N N 177 
GLU OXT HXT  sing N N 178 
GLY N   CA   sing N N 179 
GLY N   H    sing N N 180 
GLY N   H2   sing N N 181 
GLY CA  C    sing N N 182 
GLY CA  HA2  sing N N 183 
GLY CA  HA3  sing N N 184 
GLY C   O    doub N N 185 
GLY C   OXT  sing N N 186 
GLY OXT HXT  sing N N 187 
HIS N   CA   sing N N 188 
HIS N   H    sing N N 189 
HIS N   H2   sing N N 190 
HIS CA  C    sing N N 191 
HIS CA  CB   sing N N 192 
HIS CA  HA   sing N N 193 
HIS C   O    doub N N 194 
HIS C   OXT  sing N N 195 
HIS CB  CG   sing N N 196 
HIS CB  HB2  sing N N 197 
HIS CB  HB3  sing N N 198 
HIS CG  ND1  sing Y N 199 
HIS CG  CD2  doub Y N 200 
HIS ND1 CE1  doub Y N 201 
HIS ND1 HD1  sing N N 202 
HIS CD2 NE2  sing Y N 203 
HIS CD2 HD2  sing N N 204 
HIS CE1 NE2  sing Y N 205 
HIS CE1 HE1  sing N N 206 
HIS NE2 HE2  sing N N 207 
HIS OXT HXT  sing N N 208 
HOH O   H1   sing N N 209 
HOH O   H2   sing N N 210 
ILE N   CA   sing N N 211 
ILE N   H    sing N N 212 
ILE N   H2   sing N N 213 
ILE CA  C    sing N N 214 
ILE CA  CB   sing N N 215 
ILE CA  HA   sing N N 216 
ILE C   O    doub N N 217 
ILE C   OXT  sing N N 218 
ILE CB  CG1  sing N N 219 
ILE CB  CG2  sing N N 220 
ILE CB  HB   sing N N 221 
ILE CG1 CD1  sing N N 222 
ILE CG1 HG12 sing N N 223 
ILE CG1 HG13 sing N N 224 
ILE CG2 HG21 sing N N 225 
ILE CG2 HG22 sing N N 226 
ILE CG2 HG23 sing N N 227 
ILE CD1 HD11 sing N N 228 
ILE CD1 HD12 sing N N 229 
ILE CD1 HD13 sing N N 230 
ILE OXT HXT  sing N N 231 
LEU N   CA   sing N N 232 
LEU N   H    sing N N 233 
LEU N   H2   sing N N 234 
LEU CA  C    sing N N 235 
LEU CA  CB   sing N N 236 
LEU CA  HA   sing N N 237 
LEU C   O    doub N N 238 
LEU C   OXT  sing N N 239 
LEU CB  CG   sing N N 240 
LEU CB  HB2  sing N N 241 
LEU CB  HB3  sing N N 242 
LEU CG  CD1  sing N N 243 
LEU CG  CD2  sing N N 244 
LEU CG  HG   sing N N 245 
LEU CD1 HD11 sing N N 246 
LEU CD1 HD12 sing N N 247 
LEU CD1 HD13 sing N N 248 
LEU CD2 HD21 sing N N 249 
LEU CD2 HD22 sing N N 250 
LEU CD2 HD23 sing N N 251 
LEU OXT HXT  sing N N 252 
LYS N   CA   sing N N 253 
LYS N   H    sing N N 254 
LYS N   H2   sing N N 255 
LYS CA  C    sing N N 256 
LYS CA  CB   sing N N 257 
LYS CA  HA   sing N N 258 
LYS C   O    doub N N 259 
LYS C   OXT  sing N N 260 
LYS CB  CG   sing N N 261 
LYS CB  HB2  sing N N 262 
LYS CB  HB3  sing N N 263 
LYS CG  CD   sing N N 264 
LYS CG  HG2  sing N N 265 
LYS CG  HG3  sing N N 266 
LYS CD  CE   sing N N 267 
LYS CD  HD2  sing N N 268 
LYS CD  HD3  sing N N 269 
LYS CE  NZ   sing N N 270 
LYS CE  HE2  sing N N 271 
LYS CE  HE3  sing N N 272 
LYS NZ  HZ1  sing N N 273 
LYS NZ  HZ2  sing N N 274 
LYS NZ  HZ3  sing N N 275 
LYS OXT HXT  sing N N 276 
MET N   CA   sing N N 277 
MET N   H    sing N N 278 
MET N   H2   sing N N 279 
MET CA  C    sing N N 280 
MET CA  CB   sing N N 281 
MET CA  HA   sing N N 282 
MET C   O    doub N N 283 
MET C   OXT  sing N N 284 
MET CB  CG   sing N N 285 
MET CB  HB2  sing N N 286 
MET CB  HB3  sing N N 287 
MET CG  SD   sing N N 288 
MET CG  HG2  sing N N 289 
MET CG  HG3  sing N N 290 
MET SD  CE   sing N N 291 
MET CE  HE1  sing N N 292 
MET CE  HE2  sing N N 293 
MET CE  HE3  sing N N 294 
MET OXT HXT  sing N N 295 
NAP PA  O1A  doub N N 296 
NAP PA  O2A  sing N N 297 
NAP PA  O5B  sing N N 298 
NAP PA  O3   sing N N 299 
NAP O2A HOA2 sing N N 300 
NAP O5B C5B  sing N N 301 
NAP C5B C4B  sing N N 302 
NAP C5B H51A sing N N 303 
NAP C5B H52A sing N N 304 
NAP C4B O4B  sing N N 305 
NAP C4B C3B  sing N N 306 
NAP C4B H4B  sing N N 307 
NAP O4B C1B  sing N N 308 
NAP C3B O3B  sing N N 309 
NAP C3B C2B  sing N N 310 
NAP C3B H3B  sing N N 311 
NAP O3B HO3A sing N N 312 
NAP C2B O2B  sing N N 313 
NAP C2B C1B  sing N N 314 
NAP C2B H2B  sing N N 315 
NAP O2B P2B  sing N N 316 
NAP C1B N9A  sing N N 317 
NAP C1B H1B  sing N N 318 
NAP N9A C8A  sing Y N 319 
NAP N9A C4A  sing Y N 320 
NAP C8A N7A  doub Y N 321 
NAP C8A H8A  sing N N 322 
NAP N7A C5A  sing Y N 323 
NAP C5A C6A  sing Y N 324 
NAP C5A C4A  doub Y N 325 
NAP C6A N6A  sing N N 326 
NAP C6A N1A  doub Y N 327 
NAP N6A H61A sing N N 328 
NAP N6A H62A sing N N 329 
NAP N1A C2A  sing Y N 330 
NAP C2A N3A  doub Y N 331 
NAP C2A H2A  sing N N 332 
NAP N3A C4A  sing Y N 333 
NAP O3  PN   sing N N 334 
NAP PN  O1N  doub N N 335 
NAP PN  O2N  sing N N 336 
NAP PN  O5D  sing N N 337 
NAP O5D C5D  sing N N 338 
NAP C5D C4D  sing N N 339 
NAP C5D H51N sing N N 340 
NAP C5D H52N sing N N 341 
NAP C4D O4D  sing N N 342 
NAP C4D C3D  sing N N 343 
NAP C4D H4D  sing N N 344 
NAP O4D C1D  sing N N 345 
NAP C3D O3D  sing N N 346 
NAP C3D C2D  sing N N 347 
NAP C3D H3D  sing N N 348 
NAP O3D HO3N sing N N 349 
NAP C2D O2D  sing N N 350 
NAP C2D C1D  sing N N 351 
NAP C2D H2D  sing N N 352 
NAP O2D HO2N sing N N 353 
NAP C1D N1N  sing N N 354 
NAP C1D H1D  sing N N 355 
NAP N1N C2N  sing Y N 356 
NAP N1N C6N  doub Y N 357 
NAP C2N C3N  doub Y N 358 
NAP C2N H2N  sing N N 359 
NAP C3N C7N  sing N N 360 
NAP C3N C4N  sing Y N 361 
NAP C7N O7N  doub N N 362 
NAP C7N N7N  sing N N 363 
NAP N7N H71N sing N N 364 
NAP N7N H72N sing N N 365 
NAP C4N C5N  doub Y N 366 
NAP C4N H4N  sing N N 367 
NAP C5N C6N  sing Y N 368 
NAP C5N H5N  sing N N 369 
NAP C6N H6N  sing N N 370 
NAP P2B O1X  doub N N 371 
NAP P2B O2X  sing N N 372 
NAP P2B O3X  sing N N 373 
NAP O2X HOP2 sing N N 374 
NAP O3X HOP3 sing N N 375 
PHE N   CA   sing N N 376 
PHE N   H    sing N N 377 
PHE N   H2   sing N N 378 
PHE CA  C    sing N N 379 
PHE CA  CB   sing N N 380 
PHE CA  HA   sing N N 381 
PHE C   O    doub N N 382 
PHE C   OXT  sing N N 383 
PHE CB  CG   sing N N 384 
PHE CB  HB2  sing N N 385 
PHE CB  HB3  sing N N 386 
PHE CG  CD1  doub Y N 387 
PHE CG  CD2  sing Y N 388 
PHE CD1 CE1  sing Y N 389 
PHE CD1 HD1  sing N N 390 
PHE CD2 CE2  doub Y N 391 
PHE CD2 HD2  sing N N 392 
PHE CE1 CZ   doub Y N 393 
PHE CE1 HE1  sing N N 394 
PHE CE2 CZ   sing Y N 395 
PHE CE2 HE2  sing N N 396 
PHE CZ  HZ   sing N N 397 
PHE OXT HXT  sing N N 398 
PRO N   CA   sing N N 399 
PRO N   CD   sing N N 400 
PRO N   H    sing N N 401 
PRO CA  C    sing N N 402 
PRO CA  CB   sing N N 403 
PRO CA  HA   sing N N 404 
PRO C   O    doub N N 405 
PRO C   OXT  sing N N 406 
PRO CB  CG   sing N N 407 
PRO CB  HB2  sing N N 408 
PRO CB  HB3  sing N N 409 
PRO CG  CD   sing N N 410 
PRO CG  HG2  sing N N 411 
PRO CG  HG3  sing N N 412 
PRO CD  HD2  sing N N 413 
PRO CD  HD3  sing N N 414 
PRO OXT HXT  sing N N 415 
SER N   CA   sing N N 416 
SER N   H    sing N N 417 
SER N   H2   sing N N 418 
SER CA  C    sing N N 419 
SER CA  CB   sing N N 420 
SER CA  HA   sing N N 421 
SER C   O    doub N N 422 
SER C   OXT  sing N N 423 
SER CB  OG   sing N N 424 
SER CB  HB2  sing N N 425 
SER CB  HB3  sing N N 426 
SER OG  HG   sing N N 427 
SER OXT HXT  sing N N 428 
THR N   CA   sing N N 429 
THR N   H    sing N N 430 
THR N   H2   sing N N 431 
THR CA  C    sing N N 432 
THR CA  CB   sing N N 433 
THR CA  HA   sing N N 434 
THR C   O    doub N N 435 
THR C   OXT  sing N N 436 
THR CB  OG1  sing N N 437 
THR CB  CG2  sing N N 438 
THR CB  HB   sing N N 439 
THR OG1 HG1  sing N N 440 
THR CG2 HG21 sing N N 441 
THR CG2 HG22 sing N N 442 
THR CG2 HG23 sing N N 443 
THR OXT HXT  sing N N 444 
TRP N   CA   sing N N 445 
TRP N   H    sing N N 446 
TRP N   H2   sing N N 447 
TRP CA  C    sing N N 448 
TRP CA  CB   sing N N 449 
TRP CA  HA   sing N N 450 
TRP C   O    doub N N 451 
TRP C   OXT  sing N N 452 
TRP CB  CG   sing N N 453 
TRP CB  HB2  sing N N 454 
TRP CB  HB3  sing N N 455 
TRP CG  CD1  doub Y N 456 
TRP CG  CD2  sing Y N 457 
TRP CD1 NE1  sing Y N 458 
TRP CD1 HD1  sing N N 459 
TRP CD2 CE2  doub Y N 460 
TRP CD2 CE3  sing Y N 461 
TRP NE1 CE2  sing Y N 462 
TRP NE1 HE1  sing N N 463 
TRP CE2 CZ2  sing Y N 464 
TRP CE3 CZ3  doub Y N 465 
TRP CE3 HE3  sing N N 466 
TRP CZ2 CH2  doub Y N 467 
TRP CZ2 HZ2  sing N N 468 
TRP CZ3 CH2  sing Y N 469 
TRP CZ3 HZ3  sing N N 470 
TRP CH2 HH2  sing N N 471 
TRP OXT HXT  sing N N 472 
TYR N   CA   sing N N 473 
TYR N   H    sing N N 474 
TYR N   H2   sing N N 475 
TYR CA  C    sing N N 476 
TYR CA  CB   sing N N 477 
TYR CA  HA   sing N N 478 
TYR C   O    doub N N 479 
TYR C   OXT  sing N N 480 
TYR CB  CG   sing N N 481 
TYR CB  HB2  sing N N 482 
TYR CB  HB3  sing N N 483 
TYR CG  CD1  doub Y N 484 
TYR CG  CD2  sing Y N 485 
TYR CD1 CE1  sing Y N 486 
TYR CD1 HD1  sing N N 487 
TYR CD2 CE2  doub Y N 488 
TYR CD2 HD2  sing N N 489 
TYR CE1 CZ   doub Y N 490 
TYR CE1 HE1  sing N N 491 
TYR CE2 CZ   sing Y N 492 
TYR CE2 HE2  sing N N 493 
TYR CZ  OH   sing N N 494 
TYR OH  HH   sing N N 495 
TYR OXT HXT  sing N N 496 
VAL N   CA   sing N N 497 
VAL N   H    sing N N 498 
VAL N   H2   sing N N 499 
VAL CA  C    sing N N 500 
VAL CA  CB   sing N N 501 
VAL CA  HA   sing N N 502 
VAL C   O    doub N N 503 
VAL C   OXT  sing N N 504 
VAL CB  CG1  sing N N 505 
VAL CB  CG2  sing N N 506 
VAL CB  HB   sing N N 507 
VAL CG1 HG11 sing N N 508 
VAL CG1 HG12 sing N N 509 
VAL CG1 HG13 sing N N 510 
VAL CG2 HG21 sing N N 511 
VAL CG2 HG22 sing N N 512 
VAL CG2 HG23 sing N N 513 
VAL OXT HXT  sing N N 514 
# 
_pdbx_initial_refinement_model.id               1 
_pdbx_initial_refinement_model.entity_id_list   ? 
_pdbx_initial_refinement_model.type             'experimental model' 
_pdbx_initial_refinement_model.source_name      PDB 
_pdbx_initial_refinement_model.accession_code   6DFR 
_pdbx_initial_refinement_model.details          'PDB ENTRY 6DFR' 
# 
_atom_sites.entry_id                    1RC4 
_atom_sites.fract_transf_matrix[1][1]   0.01310817 
_atom_sites.fract_transf_matrix[1][2]   -0.00080329 
_atom_sites.fract_transf_matrix[1][3]   0.02551902 
_atom_sites.fract_transf_matrix[2][1]   0.01302607 
_atom_sites.fract_transf_matrix[2][2]   -0.00828766 
_atom_sites.fract_transf_matrix[2][3]   -0.00695189 
_atom_sites.fract_transf_matrix[3][1]   0.00551462 
_atom_sites.fract_transf_matrix[3][2]   0.01075956 
_atom_sites.fract_transf_matrix[3][3]   -0.00249397 
_atom_sites.fract_transf_vector[1]      0.480637 
_atom_sites.fract_transf_vector[2]      0.470699 
_atom_sites.fract_transf_vector[3]      0.348317 
# 
loop_
_atom_type.symbol 
C 
N 
O 
P 
S 
# 
loop_
_atom_site.group_PDB 
_atom_site.id 
_atom_site.type_symbol 
_atom_site.label_atom_id 
_atom_site.label_alt_id 
_atom_site.label_comp_id 
_atom_site.label_asym_id 
_atom_site.label_entity_id 
_atom_site.label_seq_id 
_atom_site.pdbx_PDB_ins_code 
_atom_site.Cartn_x 
_atom_site.Cartn_y 
_atom_site.Cartn_z 
_atom_site.occupancy 
_atom_site.B_iso_or_equiv 
_atom_site.pdbx_formal_charge 
_atom_site.auth_seq_id 
_atom_site.auth_comp_id 
_atom_site.auth_asym_id 
_atom_site.auth_atom_id 
_atom_site.pdbx_PDB_model_num 
ATOM   1    N N   . MET A 1 1   ? -4.679  1.654   -14.726 1.00 21.62  ? 1   MET A N   1 
ATOM   2    C CA  . MET A 1 1   ? -5.107  0.475   -14.013 1.00 20.73  ? 1   MET A CA  1 
ATOM   3    C C   . MET A 1 1   ? -4.902  0.710   -12.523 1.00 17.53  ? 1   MET A C   1 
ATOM   4    O O   . MET A 1 1   ? -4.265  1.675   -12.128 1.00 16.34  ? 1   MET A O   1 
ATOM   5    C CB  . MET A 1 1   ? -4.349  -0.775  -14.513 1.00 19.96  ? 1   MET A CB  1 
ATOM   6    C CG  . MET A 1 1   ? -3.167  -1.103  -13.646 1.00 31.54  ? 1   MET A CG  1 
ATOM   7    S SD  . MET A 1 1   ? -1.716  -1.514  -14.626 1.00 44.47  ? 1   MET A SD  1 
ATOM   8    C CE  . MET A 1 1   ? -2.414  -1.965  -16.254 1.00 23.81  ? 1   MET A CE  1 
ATOM   9    N N   . ILE A 1 2   ? -5.439  -0.190  -11.721 1.00 13.06  ? 2   ILE A N   1 
ATOM   10   C CA  . ILE A 1 2   ? -5.339  -0.077  -10.280 1.00 14.55  ? 2   ILE A CA  1 
ATOM   11   C C   . ILE A 1 2   ? -4.408  -1.092  -9.679  1.00 12.90  ? 2   ILE A C   1 
ATOM   12   O O   . ILE A 1 2   ? -4.507  -2.236  -9.988  1.00 20.77  ? 2   ILE A O   1 
ATOM   13   C CB  . ILE A 1 2   ? -6.712  -0.187  -9.669  1.00 13.79  ? 2   ILE A CB  1 
ATOM   14   C CG1 . ILE A 1 2   ? -7.594  0.989   -10.043 1.00 15.16  ? 2   ILE A CG1 1 
ATOM   15   C CG2 . ILE A 1 2   ? -6.623  -0.257  -8.156  1.00 11.85  ? 2   ILE A CG2 1 
ATOM   16   C CD1 . ILE A 1 2   ? -9.053  0.730   -9.661  1.00 18.49  ? 2   ILE A CD1 1 
ATOM   17   N N   . SER A 1 3   ? -3.525  -0.631  -8.811  1.00 12.54  ? 3   SER A N   1 
ATOM   18   C CA  . SER A 1 3   ? -2.544  -1.449  -8.167  1.00 9.64   ? 3   SER A CA  1 
ATOM   19   C C   . SER A 1 3   ? -2.525  -1.206  -6.662  1.00 20.84  ? 3   SER A C   1 
ATOM   20   O O   . SER A 1 3   ? -2.678  -0.071  -6.190  1.00 14.40  ? 3   SER A O   1 
ATOM   21   C CB  . SER A 1 3   ? -1.174  -0.989  -8.672  1.00 16.63  ? 3   SER A CB  1 
ATOM   22   O OG  . SER A 1 3   ? -0.900  -1.461  -10.001 1.00 16.60  ? 3   SER A OG  1 
ATOM   23   N N   . LEU A 1 4   ? -2.341  -2.281  -5.897  1.00 12.88  ? 4   LEU A N   1 
ATOM   24   C CA  . LEU A 1 4   ? -2.272  -2.213  -4.441  1.00 14.14  ? 4   LEU A CA  1 
ATOM   25   C C   . LEU A 1 4   ? -0.781  -2.381  -3.992  1.00 20.52  ? 4   LEU A C   1 
ATOM   26   O O   . LEU A 1 4   ? -0.047  -3.101  -4.621  1.00 15.28  ? 4   LEU A O   1 
ATOM   27   C CB  . LEU A 1 4   ? -3.175  -3.335  -3.868  1.00 12.22  ? 4   LEU A CB  1 
ATOM   28   C CG  . LEU A 1 4   ? -4.636  -2.949  -3.638  1.00 21.71  ? 4   LEU A CG  1 
ATOM   29   C CD1 . LEU A 1 4   ? -5.309  -2.339  -4.871  1.00 19.06  ? 4   LEU A CD1 1 
ATOM   30   C CD2 . LEU A 1 4   ? -5.448  -4.090  -3.007  1.00 20.82  ? 4   LEU A CD2 1 
ATOM   31   N N   . ILE A 1 5   ? -0.304  -1.735  -2.928  1.00 14.74  ? 5   ILE A N   1 
ATOM   32   C CA  . ILE A 1 5   ? 1.077   -1.932  -2.516  1.00 9.67   ? 5   ILE A CA  1 
ATOM   33   C C   . ILE A 1 5   ? 1.032   -2.120  -1.018  1.00 19.21  ? 5   ILE A C   1 
ATOM   34   O O   . ILE A 1 5   ? 0.395   -1.265  -0.351  1.00 8.74   ? 5   ILE A O   1 
ATOM   35   C CB  . ILE A 1 5   ? 2.065   -0.847  -2.952  1.00 10.60  ? 5   ILE A CB  1 
ATOM   36   C CG1 . ILE A 1 5   ? 3.457   -1.112  -2.398  1.00 11.31  ? 5   ILE A CG1 1 
ATOM   37   C CG2 . ILE A 1 5   ? 1.665   0.606   -2.627  1.00 13.13  ? 5   ILE A CG2 1 
ATOM   38   C CD1 . ILE A 1 5   ? 4.446   -0.204  -3.160  1.00 10.61  ? 5   ILE A CD1 1 
ATOM   39   N N   . ALA A 1 6   ? 1.645   -3.231  -0.472  1.00 9.57   ? 6   ALA A N   1 
ATOM   40   C CA  . ALA A 1 6   ? 1.568   -3.426  0.984   1.00 13.22  ? 6   ALA A CA  1 
ATOM   41   C C   . ALA A 1 6   ? 2.725   -4.167  1.475   1.00 8.05   ? 6   ALA A C   1 
ATOM   42   O O   . ALA A 1 6   ? 3.362   -4.834  0.677   1.00 13.15  ? 6   ALA A O   1 
ATOM   43   C CB  . ALA A 1 6   ? 0.374   -4.316  1.311   1.00 14.14  ? 6   ALA A CB  1 
ATOM   44   N N   . ALA A 1 7   ? 3.009   -4.014  2.737   1.00 10.40  ? 7   ALA A N   1 
ATOM   45   C CA  . ALA A 1 7   ? 4.118   -4.715  3.435   1.00 10.17  ? 7   ALA A CA  1 
ATOM   46   C C   . ALA A 1 7   ? 3.356   -5.727  4.348   1.00 18.12  ? 7   ALA A C   1 
ATOM   47   O O   . ALA A 1 7   ? 2.491   -5.303  5.088   1.00 20.68  ? 7   ALA A O   1 
ATOM   48   C CB  . ALA A 1 7   ? 5.093   -3.804  4.153   1.00 12.56  ? 7   ALA A CB  1 
ATOM   49   N N   . LEU A 1 8   ? 3.609   -7.057  4.267   1.00 14.79  ? 8   LEU A N   1 
ATOM   50   C CA  . LEU A 1 8   ? 2.917   -8.065  5.060   1.00 18.58  ? 8   LEU A CA  1 
ATOM   51   C C   . LEU A 1 8   ? 3.855   -8.887  5.913   1.00 23.97  ? 8   LEU A C   1 
ATOM   52   O O   . LEU A 1 8   ? 4.905   -9.315  5.438   1.00 22.05  ? 8   LEU A O   1 
ATOM   53   C CB  . LEU A 1 8   ? 2.314   -9.156  4.186   1.00 20.79  ? 8   LEU A CB  1 
ATOM   54   C CG  . LEU A 1 8   ? 0.983   -8.833  3.607   1.00 35.47  ? 8   LEU A CG  1 
ATOM   55   C CD1 . LEU A 1 8   ? 1.025   -7.391  3.168   1.00 46.37  ? 8   LEU A CD1 1 
ATOM   56   C CD2 . LEU A 1 8   ? 0.844   -9.735  2.388   1.00 33.82  ? 8   LEU A CD2 1 
ATOM   57   N N   . ALA A 1 9   ? 3.464   -9.131  7.165   1.00 17.08  ? 9   ALA A N   1 
ATOM   58   C CA  . ALA A 1 9   ? 4.348   -9.914  7.970   1.00 17.48  ? 9   ALA A CA  1 
ATOM   59   C C   . ALA A 1 9   ? 3.823   -11.302 7.837   1.00 24.63  ? 9   ALA A C   1 
ATOM   60   O O   . ALA A 1 9   ? 2.993   -11.530 6.980   1.00 16.10  ? 9   ALA A O   1 
ATOM   61   C CB  . ALA A 1 9   ? 4.285   -9.463  9.401   1.00 16.77  ? 9   ALA A CB  1 
ATOM   62   N N   . VAL A 1 10  ? 4.284   -12.217 8.674   1.00 22.28  ? 10  VAL A N   1 
ATOM   63   C CA  . VAL A 1 10  ? 3.781   -13.565 8.587   1.00 29.13  ? 10  VAL A CA  1 
ATOM   64   C C   . VAL A 1 10  ? 2.287   -13.552 8.752   1.00 26.13  ? 10  VAL A C   1 
ATOM   65   O O   . VAL A 1 10  ? 1.750   -12.814 9.557   1.00 28.23  ? 10  VAL A O   1 
ATOM   66   C CB  . VAL A 1 10  ? 4.377   -14.397 9.731   1.00 32.28  ? 10  VAL A CB  1 
ATOM   67   C CG1 . VAL A 1 10  ? 3.649   -15.715 9.902   1.00 25.73  ? 10  VAL A CG1 1 
ATOM   68   C CG2 . VAL A 1 10  ? 5.825   -14.700 9.383   1.00 30.55  ? 10  VAL A CG2 1 
ATOM   69   N N   . ASP A 1 11  ? 1.621   -14.364 7.990   1.00 32.28  ? 11  ASP A N   1 
ATOM   70   C CA  . ASP A 1 11  ? 0.195   -14.420 8.085   1.00 33.88  ? 11  ASP A CA  1 
ATOM   71   C C   . ASP A 1 11  ? -0.515  -13.198 7.511   1.00 34.16  ? 11  ASP A C   1 
ATOM   72   O O   . ASP A 1 11  ? -1.646  -12.925 7.933   1.00 28.38  ? 11  ASP A O   1 
ATOM   73   C CB  . ASP A 1 11  ? -0.329  -14.675 9.526   1.00 52.42  ? 11  ASP A CB  1 
ATOM   74   C CG  . ASP A 1 11  ? -0.285  -16.107 10.036  1.00 74.12  ? 11  ASP A CG  1 
ATOM   75   O OD1 . ASP A 1 11  ? -0.467  -17.096 9.319   1.00 84.09  ? 11  ASP A OD1 1 
ATOM   76   O OD2 . ASP A 1 11  ? -0.066  -16.177 11.348  1.00 67.47  ? 11  ASP A OD2 1 
ATOM   77   N N   . ARG A 1 12  ? 0.103   -12.466 6.580   1.00 26.97  ? 12  ARG A N   1 
ATOM   78   C CA  . ARG A 1 12  ? -0.522  -11.294 5.962   1.00 17.42  ? 12  ARG A CA  1 
ATOM   79   C C   . ARG A 1 12  ? -1.000  -10.263 6.934   1.00 22.86  ? 12  ARG A C   1 
ATOM   80   O O   . ARG A 1 12  ? -1.967  -9.531  6.687   1.00 22.92  ? 12  ARG A O   1 
ATOM   81   C CB  . ARG A 1 12  ? -1.668  -11.633 5.030   1.00 20.74  ? 12  ARG A CB  1 
ATOM   82   C CG  . ARG A 1 12  ? -1.310  -12.616 3.932   1.00 29.56  ? 12  ARG A CG  1 
ATOM   83   C CD  . ARG A 1 12  ? -2.247  -12.502 2.733   1.00 51.76  ? 12  ARG A CD  1 
ATOM   84   N NE  . ARG A 1 12  ? -3.433  -13.382 2.666   1.00 77.99  ? 12  ARG A NE  1 
ATOM   85   C CZ  . ARG A 1 12  ? -4.649  -13.255 3.272   1.00 88.64  ? 12  ARG A CZ  1 
ATOM   86   N NH1 . ARG A 1 12  ? -4.995  -12.256 4.104   1.00 88.30  ? 12  ARG A NH1 1 
ATOM   87   N NH2 . ARG A 1 12  ? -5.568  -14.196 3.030   1.00 87.32  ? 12  ARG A NH2 1 
ATOM   88   N N   . VAL A 1 13  ? -0.337  -10.190 8.060   1.00 20.46  ? 13  VAL A N   1 
ATOM   89   C CA  . VAL A 1 13  ? -0.777  -9.203  8.976   1.00 24.80  ? 13  VAL A CA  1 
ATOM   90   C C   . VAL A 1 13  ? -0.231  -7.886  8.524   1.00 22.20  ? 13  VAL A C   1 
ATOM   91   O O   . VAL A 1 13  ? 0.920   -7.831  8.121   1.00 18.87  ? 13  VAL A O   1 
ATOM   92   C CB  . VAL A 1 13  ? -0.055  -9.383  10.292  1.00 31.17  ? 13  VAL A CB  1 
ATOM   93   C CG1 . VAL A 1 13  ? -0.218  -8.066  11.027  1.00 34.66  ? 13  VAL A CG1 1 
ATOM   94   C CG2 . VAL A 1 13  ? -0.653  -10.506 11.096  1.00 23.95  ? 13  VAL A CG2 1 
ATOM   95   N N   . ILE A 1 14  ? -1.011  -6.827  8.619   1.00 23.00  ? 14  ILE A N   1 
ATOM   96   C CA  . ILE A 1 14  ? -0.542  -5.501  8.224   1.00 29.81  ? 14  ILE A CA  1 
ATOM   97   C C   . ILE A 1 14  ? -0.806  -4.542  9.372   1.00 36.32  ? 14  ILE A C   1 
ATOM   98   O O   . ILE A 1 14  ? -1.665  -4.829  10.198  1.00 44.70  ? 14  ILE A O   1 
ATOM   99   C CB  . ILE A 1 14  ? -1.322  -5.051  7.004   1.00 32.05  ? 14  ILE A CB  1 
ATOM   100  C CG1 . ILE A 1 14  ? -2.804  -5.214  7.301   1.00 28.70  ? 14  ILE A CG1 1 
ATOM   101  C CG2 . ILE A 1 14  ? -0.944  -5.945  5.828   1.00 15.88  ? 14  ILE A CG2 1 
ATOM   102  C CD1 . ILE A 1 14  ? -3.629  -4.574  6.215   1.00 29.05  ? 14  ILE A CD1 1 
ATOM   103  N N   . GLY A 1 15  ? -0.072  -3.433  9.423   0.30 33.84  ? 15  GLY A N   1 
ATOM   104  C CA  . GLY A 1 15  ? -0.240  -2.452  10.484  0.30 36.77  ? 15  GLY A CA  1 
ATOM   105  C C   . GLY A 1 15  ? 0.497   -1.154  10.202  0.30 47.97  ? 15  GLY A C   1 
ATOM   106  O O   . GLY A 1 15  ? 1.381   -1.077  9.347   0.30 52.63  ? 15  GLY A O   1 
ATOM   107  N N   . MET A 1 16  ? 0.114   -0.128  10.944  0.30 52.30  ? 16  MET A N   1 
ATOM   108  C CA  . MET A 1 16  ? 0.699   1.186   10.815  0.30 49.11  ? 16  MET A CA  1 
ATOM   109  C C   . MET A 1 16  ? 2.199   1.200   11.195  0.30 47.53  ? 16  MET A C   1 
ATOM   110  O O   . MET A 1 16  ? 2.627   0.339   11.962  0.30 44.87  ? 16  MET A O   1 
ATOM   111  C CB  . MET A 1 16  ? -0.354  2.219   11.289  0.30 47.68  ? 16  MET A CB  1 
ATOM   112  C CG  . MET A 1 16  ? -1.649  1.917   10.497  0.30 53.77  ? 16  MET A CG  1 
ATOM   113  S SD  . MET A 1 16  ? -3.083  3.030   10.675  0.30 54.89  ? 16  MET A SD  1 
ATOM   114  C CE  . MET A 1 16  ? -4.301  2.324   9.514   0.30 55.16  ? 16  MET A CE  1 
ATOM   115  N N   . GLU A 1 17  ? 3.007   2.123   10.643  0.30 50.70  ? 17  GLU A N   1 
ATOM   116  C CA  . GLU A 1 17  ? 4.457   2.218   10.893  0.30 56.04  ? 17  GLU A CA  1 
ATOM   117  C C   . GLU A 1 17  ? 4.913   1.923   12.321  0.30 57.35  ? 17  GLU A C   1 
ATOM   118  O O   . GLU A 1 17  ? 5.683   0.983   12.583  0.30 58.60  ? 17  GLU A O   1 
ATOM   119  C CB  . GLU A 1 17  ? 5.049   3.568   10.411  0.30 62.58  ? 17  GLU A CB  1 
ATOM   120  C CG  . GLU A 1 17  ? 6.592   3.633   10.383  0.30 69.70  ? 17  GLU A CG  1 
ATOM   121  C CD  . GLU A 1 17  ? 7.206   3.103   9.114   0.30 75.59  ? 17  GLU A CD  1 
ATOM   122  O OE1 . GLU A 1 17  ? 6.390   2.341   8.428   0.30 78.85  ? 17  GLU A OE1 1 
ATOM   123  O OE2 . GLU A 1 17  ? 8.340   3.370   8.761   0.30 77.55  ? 17  GLU A OE2 1 
ATOM   124  N N   . ASN A 1 18  ? 4.424   2.757   13.240  0.30 55.12  ? 18  ASN A N   1 
ATOM   125  C CA  . ASN A 1 18  ? 4.743   2.650   14.653  0.30 52.02  ? 18  ASN A CA  1 
ATOM   126  C C   . ASN A 1 18  ? 4.275   1.338   15.247  0.30 54.47  ? 18  ASN A C   1 
ATOM   127  O O   . ASN A 1 18  ? 4.769   0.912   16.289  0.30 61.19  ? 18  ASN A O   1 
ATOM   128  C CB  . ASN A 1 18  ? 4.192   3.835   15.461  0.30 49.32  ? 18  ASN A CB  1 
ATOM   129  C CG  . ASN A 1 18  ? 4.895   5.145   15.220  0.00 90.00  ? 18  ASN A CG  1 
ATOM   130  O OD1 . ASN A 1 18  ? 4.535   6.185   15.771  0.00 90.00  ? 18  ASN A OD1 1 
ATOM   131  N ND2 . ASN A 1 18  ? 5.926   5.092   14.384  0.00 90.00  ? 18  ASN A ND2 1 
ATOM   132  N N   . ALA A 1 19  ? 3.311   0.711   14.577  0.30 46.46  ? 19  ALA A N   1 
ATOM   133  C CA  . ALA A 1 19  ? 2.771   -0.550  15.026  0.30 44.08  ? 19  ALA A CA  1 
ATOM   134  C C   . ALA A 1 19  ? 3.678   -1.694  14.609  0.30 50.64  ? 19  ALA A C   1 
ATOM   135  O O   . ALA A 1 19  ? 3.689   -2.765  15.229  0.30 50.16  ? 19  ALA A O   1 
ATOM   136  C CB  . ALA A 1 19  ? 1.376   -0.737  14.465  0.30 44.69  ? 19  ALA A CB  1 
ATOM   137  N N   . MET A 1 20  ? 4.428   -1.428  13.529  0.50 54.52  ? 20  MET A N   1 
ATOM   138  C CA  . MET A 1 20  ? 5.369   -2.362  12.945  0.50 48.21  ? 20  MET A CA  1 
ATOM   139  C C   . MET A 1 20  ? 6.781   -2.252  13.546  0.50 36.12  ? 20  MET A C   1 
ATOM   140  O O   . MET A 1 20  ? 7.414   -1.200  13.593  0.50 41.57  ? 20  MET A O   1 
ATOM   141  C CB  . MET A 1 20  ? 5.271   -2.463  11.401  0.30 52.93  ? 20  MET A CB  1 
ATOM   142  C CG  . MET A 1 20  ? 3.844   -2.475  10.816  0.30 55.10  ? 20  MET A CG  1 
ATOM   143  S SD  . MET A 1 20  ? 2.522   -3.294  11.772  0.30 53.11  ? 20  MET A SD  1 
ATOM   144  C CE  . MET A 1 20  ? 2.806   -5.060  11.459  0.30 49.26  ? 20  MET A CE  1 
ATOM   145  N N   . PRO A 1 21  ? 7.221   -3.395  14.019  0.50 26.21  ? 21  PRO A N   1 
ATOM   146  C CA  . PRO A 1 21  ? 8.465   -3.695  14.685  0.50 31.70  ? 21  PRO A CA  1 
ATOM   147  C C   . PRO A 1 21  ? 9.720   -3.815  13.879  0.50 26.32  ? 21  PRO A C   1 
ATOM   148  O O   . PRO A 1 21  ? 10.832  -3.991  14.368  0.50 27.10  ? 21  PRO A O   1 
ATOM   149  C CB  . PRO A 1 21  ? 8.217   -5.053  15.244  0.50 32.96  ? 21  PRO A CB  1 
ATOM   150  C CG  . PRO A 1 21  ? 6.930   -5.614  14.725  0.50 28.36  ? 21  PRO A CG  1 
ATOM   151  C CD  . PRO A 1 21  ? 6.363   -4.565  13.827  0.50 20.53  ? 21  PRO A CD  1 
ATOM   152  N N   . TRP A 1 22  ? 9.524   -3.743  12.624  1.00 29.81  ? 22  TRP A N   1 
ATOM   153  C CA  . TRP A 1 22  ? 10.647  -3.825  11.740  1.00 27.48  ? 22  TRP A CA  1 
ATOM   154  C C   . TRP A 1 22  ? 11.057  -2.419  11.274  1.00 21.37  ? 22  TRP A C   1 
ATOM   155  O O   . TRP A 1 22  ? 10.316  -1.461  11.411  1.00 25.76  ? 22  TRP A O   1 
ATOM   156  C CB  . TRP A 1 22  ? 10.362  -4.751  10.559  1.00 32.38  ? 22  TRP A CB  1 
ATOM   157  C CG  . TRP A 1 22  ? 9.274   -4.207  9.713   1.00 27.13  ? 22  TRP A CG  1 
ATOM   158  C CD1 . TRP A 1 22  ? 9.364   -3.143  8.882   1.00 29.08  ? 22  TRP A CD1 1 
ATOM   159  C CD2 . TRP A 1 22  ? 7.947   -4.708  9.613   1.00 20.77  ? 22  TRP A CD2 1 
ATOM   160  N NE1 . TRP A 1 22  ? 8.143   -2.930  8.256   1.00 23.18  ? 22  TRP A NE1 1 
ATOM   161  C CE2 . TRP A 1 22  ? 7.265   -3.893  8.695   1.00 19.02  ? 22  TRP A CE2 1 
ATOM   162  C CE3 . TRP A 1 22  ? 7.291   -5.779  10.209  1.00 27.29  ? 22  TRP A CE3 1 
ATOM   163  C CZ2 . TRP A 1 22  ? 5.945   -4.136  8.373   1.00 25.66  ? 22  TRP A CZ2 1 
ATOM   164  C CZ3 . TRP A 1 22  ? 5.977   -6.016  9.900   1.00 25.13  ? 22  TRP A CZ3 1 
ATOM   165  C CH2 . TRP A 1 22  ? 5.314   -5.200  8.990   1.00 28.04  ? 22  TRP A CH2 1 
ATOM   166  N N   . ASN A 1 23  ? 12.237  -2.332  10.687  1.00 26.25  ? 23  ASN A N   1 
ATOM   167  C CA  . ASN A 1 23  ? 12.858  -1.125  10.189  1.00 33.30  ? 23  ASN A CA  1 
ATOM   168  C C   . ASN A 1 23  ? 13.607  -1.438  8.887   1.00 36.81  ? 23  ASN A C   1 
ATOM   169  O O   . ASN A 1 23  ? 14.800  -1.819  8.909   1.00 28.76  ? 23  ASN A O   1 
ATOM   170  C CB  . ASN A 1 23  ? 13.901  -0.986  11.273  1.00 52.49  ? 23  ASN A CB  1 
ATOM   171  C CG  . ASN A 1 23  ? 14.459  0.362   11.467  1.00 57.37  ? 23  ASN A CG  1 
ATOM   172  O OD1 . ASN A 1 23  ? 15.398  0.758   10.768  1.00 60.89  ? 23  ASN A OD1 1 
ATOM   173  N ND2 . ASN A 1 23  ? 14.005  0.954   12.558  1.00 59.53  ? 23  ASN A ND2 1 
ATOM   174  N N   . LEU A 1 24  ? 12.905  -1.280  7.745   1.00 28.46  ? 24  LEU A N   1 
ATOM   175  C CA  . LEU A 1 24  ? 13.453  -1.591  6.424   1.00 18.21  ? 24  LEU A CA  1 
ATOM   176  C C   . LEU A 1 24  ? 13.482  -0.458  5.453   1.00 21.94  ? 24  LEU A C   1 
ATOM   177  O O   . LEU A 1 24  ? 12.559  -0.253  4.691   1.00 25.66  ? 24  LEU A O   1 
ATOM   178  C CB  . LEU A 1 24  ? 12.525  -2.639  5.799   1.00 10.81  ? 24  LEU A CB  1 
ATOM   179  C CG  . LEU A 1 24  ? 12.248  -3.863  6.671   1.00 26.72  ? 24  LEU A CG  1 
ATOM   180  C CD1 . LEU A 1 24  ? 11.180  -4.724  5.979   1.00 20.52  ? 24  LEU A CD1 1 
ATOM   181  C CD2 . LEU A 1 24  ? 13.535  -4.681  6.873   1.00 22.62  ? 24  LEU A CD2 1 
ATOM   182  N N   . PRO A 1 25  ? 14.569  0.253   5.493   1.00 26.54  ? 25  PRO A N   1 
ATOM   183  C CA  . PRO A 1 25  ? 14.778  1.381   4.626   1.00 28.22  ? 25  PRO A CA  1 
ATOM   184  C C   . PRO A 1 25  ? 14.613  0.941   3.160   1.00 33.57  ? 25  PRO A C   1 
ATOM   185  O O   . PRO A 1 25  ? 14.037  1.618   2.312   1.00 27.61  ? 25  PRO A O   1 
ATOM   186  C CB  . PRO A 1 25  ? 16.212  1.852   4.934   1.00 21.76  ? 25  PRO A CB  1 
ATOM   187  C CG  . PRO A 1 25  ? 16.662  1.144   6.174   1.00 18.53  ? 25  PRO A CG  1 
ATOM   188  C CD  . PRO A 1 25  ? 15.636  0.073   6.507   1.00 27.30  ? 25  PRO A CD  1 
ATOM   189  N N   . ALA A 1 26  ? 15.128  -0.235  2.869   1.00 24.32  ? 26  ALA A N   1 
ATOM   190  C CA  . ALA A 1 26  ? 15.043  -0.769  1.548   1.00 20.91  ? 26  ALA A CA  1 
ATOM   191  C C   . ALA A 1 26  ? 13.614  -0.941  1.109   1.00 15.08  ? 26  ALA A C   1 
ATOM   192  O O   . ALA A 1 26  ? 13.335  -0.814  -0.055  1.00 23.19  ? 26  ALA A O   1 
ATOM   193  C CB  . ALA A 1 26  ? 15.766  -2.106  1.439   1.00 19.06  ? 26  ALA A CB  1 
ATOM   194  N N   . ASP A 1 27  ? 12.707  -1.245  2.007   1.00 14.88  ? 27  ASP A N   1 
ATOM   195  C CA  . ASP A 1 27  ? 11.313  -1.417  1.623   1.00 10.58  ? 27  ASP A CA  1 
ATOM   196  C C   . ASP A 1 27  ? 10.727  -0.048  1.342   1.00 21.02  ? 27  ASP A C   1 
ATOM   197  O O   . ASP A 1 27  ? 9.930   0.167   0.427   1.00 23.55  ? 27  ASP A O   1 
ATOM   198  C CB  . ASP A 1 27  ? 10.532  -2.050  2.763   1.00 10.25  ? 27  ASP A CB  1 
ATOM   199  C CG  . ASP A 1 27  ? 9.077   -2.236  2.383   1.00 15.76  ? 27  ASP A CG  1 
ATOM   200  O OD1 . ASP A 1 27  ? 8.699   -2.676  1.311   1.00 12.74  ? 27  ASP A OD1 1 
ATOM   201  O OD2 . ASP A 1 27  ? 8.259   -1.850  3.318   1.00 14.50  ? 27  ASP A OD2 1 
ATOM   202  N N   . LEU A 1 28  ? 11.157  0.928   2.154   1.00 15.84  ? 28  LEU A N   1 
ATOM   203  C CA  . LEU A 1 28  ? 10.669  2.267   1.953   1.00 21.04  ? 28  LEU A CA  1 
ATOM   204  C C   . LEU A 1 28  ? 11.156  2.765   0.648   1.00 19.09  ? 28  LEU A C   1 
ATOM   205  O O   . LEU A 1 28  ? 10.431  3.480   -0.041  1.00 21.24  ? 28  LEU A O   1 
ATOM   206  C CB  . LEU A 1 28  ? 11.070  3.221   3.068   1.00 28.90  ? 28  LEU A CB  1 
ATOM   207  C CG  . LEU A 1 28  ? 10.237  2.919   4.290   1.00 35.80  ? 28  LEU A CG  1 
ATOM   208  C CD1 . LEU A 1 28  ? 10.716  3.847   5.396   1.00 44.25  ? 28  LEU A CD1 1 
ATOM   209  C CD2 . LEU A 1 28  ? 8.755   3.149   3.956   1.00 40.55  ? 28  LEU A CD2 1 
ATOM   210  N N   . ALA A 1 29  ? 12.382  2.358   0.296   1.00 17.60  ? 29  ALA A N   1 
ATOM   211  C CA  . ALA A 1 29  ? 12.923  2.796   -0.983  1.00 24.43  ? 29  ALA A CA  1 
ATOM   212  C C   . ALA A 1 29  ? 12.085  2.236   -2.107  1.00 21.52  ? 29  ALA A C   1 
ATOM   213  O O   . ALA A 1 29  ? 11.781  2.877   -3.112  1.00 17.98  ? 29  ALA A O   1 
ATOM   214  C CB  . ALA A 1 29  ? 14.372  2.360   -1.172  1.00 22.74  ? 29  ALA A CB  1 
ATOM   215  N N   . TRP A 1 30  ? 11.719  0.994   -1.926  1.00 15.53  ? 30  TRP A N   1 
ATOM   216  C CA  . TRP A 1 30  ? 10.915  0.312   -2.900  1.00 16.28  ? 30  TRP A CA  1 
ATOM   217  C C   . TRP A 1 30  ? 9.540   0.948   -2.986  1.00 10.63  ? 30  TRP A C   1 
ATOM   218  O O   . TRP A 1 30  ? 9.043   1.176   -4.069  1.00 12.22  ? 30  TRP A O   1 
ATOM   219  C CB  . TRP A 1 30  ? 10.766  -1.153  -2.449  1.00 14.10  ? 30  TRP A CB  1 
ATOM   220  C CG  . TRP A 1 30  ? 9.603   -1.970  -2.978  1.00 16.32  ? 30  TRP A CG  1 
ATOM   221  C CD1 . TRP A 1 30  ? 8.377   -2.108  -2.391  1.00 18.20  ? 30  TRP A CD1 1 
ATOM   222  C CD2 . TRP A 1 30  ? 9.570   -2.782  -4.159  1.00 18.82  ? 30  TRP A CD2 1 
ATOM   223  N NE1 . TRP A 1 30  ? 7.578   -2.968  -3.122  1.00 17.46  ? 30  TRP A NE1 1 
ATOM   224  C CE2 . TRP A 1 30  ? 8.291   -3.389  -4.226  1.00 21.61  ? 30  TRP A CE2 1 
ATOM   225  C CE3 . TRP A 1 30  ? 10.495  -3.043  -5.169  1.00 17.96  ? 30  TRP A CE3 1 
ATOM   226  C CZ2 . TRP A 1 30  ? 7.942   -4.261  -5.265  1.00 21.21  ? 30  TRP A CZ2 1 
ATOM   227  C CZ3 . TRP A 1 30  ? 10.146  -3.906  -6.187  1.00 16.17  ? 30  TRP A CZ3 1 
ATOM   228  C CH2 . TRP A 1 30  ? 8.889   -4.511  -6.240  1.00 16.08  ? 30  TRP A CH2 1 
ATOM   229  N N   . PHE A 1 31  ? 8.928   1.201   -1.826  1.00 7.55   ? 31  PHE A N   1 
ATOM   230  C CA  . PHE A 1 31  ? 7.618   1.795   -1.834  1.00 11.65  ? 31  PHE A CA  1 
ATOM   231  C C   . PHE A 1 31  ? 7.700   3.114   -2.592  1.00 15.73  ? 31  PHE A C   1 
ATOM   232  O O   . PHE A 1 31  ? 6.860   3.505   -3.403  1.00 14.46  ? 31  PHE A O   1 
ATOM   233  C CB  . PHE A 1 31  ? 7.269   2.093   -0.401  1.00 10.78  ? 31  PHE A CB  1 
ATOM   234  C CG  . PHE A 1 31  ? 6.065   2.974   -0.286  1.00 10.75  ? 31  PHE A CG  1 
ATOM   235  C CD1 . PHE A 1 31  ? 6.160   4.362   -0.347  1.00 11.50  ? 31  PHE A CD1 1 
ATOM   236  C CD2 . PHE A 1 31  ? 4.811   2.399   -0.099  1.00 14.34  ? 31  PHE A CD2 1 
ATOM   237  C CE1 . PHE A 1 31  ? 5.015   5.149   -0.226  1.00 17.85  ? 31  PHE A CE1 1 
ATOM   238  C CE2 . PHE A 1 31  ? 3.647   3.158   0.014   1.00 13.86  ? 31  PHE A CE2 1 
ATOM   239  C CZ  . PHE A 1 31  ? 3.766   4.547   -0.051  1.00 15.10  ? 31  PHE A CZ  1 
ATOM   240  N N   . LYS A 1 32  ? 8.769   3.817   -2.344  1.00 15.90  ? 32  LYS A N   1 
ATOM   241  C CA  . LYS A 1 32  ? 8.917   5.069   -3.005  1.00 18.64  ? 32  LYS A CA  1 
ATOM   242  C C   . LYS A 1 32  ? 9.102   5.012   -4.496  1.00 19.75  ? 32  LYS A C   1 
ATOM   243  O O   . LYS A 1 32  ? 8.463   5.713   -5.255  1.00 22.05  ? 32  LYS A O   1 
ATOM   244  C CB  . LYS A 1 32  ? 9.924   5.923   -2.289  1.00 23.25  ? 32  LYS A CB  1 
ATOM   245  C CG  . LYS A 1 32  ? 10.284  7.115   -3.122  1.00 40.67  ? 32  LYS A CG  1 
ATOM   246  C CD  . LYS A 1 32  ? 11.001  8.147   -2.290  1.00 48.82  ? 32  LYS A CD  1 
ATOM   247  C CE  . LYS A 1 32  ? 12.073  8.844   -3.097  1.00 59.66  ? 32  LYS A CE  1 
ATOM   248  N NZ  . LYS A 1 32  ? 12.196  10.245  -2.690  1.00 73.43  ? 32  LYS A NZ  1 
ATOM   249  N N   . ARG A 1 33  ? 9.972   4.167   -4.968  1.00 19.03  ? 33  ARG A N   1 
ATOM   250  C CA  . ARG A 1 33  ? 10.121  4.135   -6.398  1.00 16.07  ? 33  ARG A CA  1 
ATOM   251  C C   . ARG A 1 33  ? 8.908   3.626   -7.146  1.00 22.28  ? 33  ARG A C   1 
ATOM   252  O O   . ARG A 1 33  ? 8.664   3.975   -8.293  1.00 24.86  ? 33  ARG A O   1 
ATOM   253  C CB  . ARG A 1 33  ? 11.412  3.546   -6.878  1.00 26.08  ? 33  ARG A CB  1 
ATOM   254  C CG  . ARG A 1 33  ? 11.422  2.038   -6.964  1.00 46.67  ? 33  ARG A CG  1 
ATOM   255  C CD  . ARG A 1 33  ? 12.640  1.541   -7.762  1.00 64.99  ? 33  ARG A CD  1 
ATOM   256  N NE  . ARG A 1 33  ? 13.032  0.175   -7.400  1.00 80.89  ? 33  ARG A NE  1 
ATOM   257  C CZ  . ARG A 1 33  ? 13.680  -0.139  -6.264  1.00 85.17  ? 33  ARG A CZ  1 
ATOM   258  N NH1 . ARG A 1 33  ? 14.029  0.778   -5.351  1.00 81.73  ? 33  ARG A NH1 1 
ATOM   259  N NH2 . ARG A 1 33  ? 13.983  -1.415  -6.029  1.00 84.43  ? 33  ARG A NH2 1 
ATOM   260  N N   . ASN A 1 34  ? 8.103   2.791   -6.523  1.00 15.88  ? 34  ASN A N   1 
ATOM   261  C CA  . ASN A 1 34  ? 6.937   2.295   -7.235  1.00 17.15  ? 34  ASN A CA  1 
ATOM   262  C C   . ASN A 1 34  ? 5.707   3.249   -7.194  1.00 22.35  ? 34  ASN A C   1 
ATOM   263  O O   . ASN A 1 34  ? 4.726   3.052   -7.931  1.00 21.01  ? 34  ASN A O   1 
ATOM   264  C CB  . ASN A 1 34  ? 6.600   0.919   -6.649  1.00 21.59  ? 34  ASN A CB  1 
ATOM   265  C CG  . ASN A 1 34  ? 7.487   -0.173  -7.223  1.00 22.84  ? 34  ASN A CG  1 
ATOM   266  O OD1 . ASN A 1 34  ? 7.555   -0.347  -8.467  1.00 21.67  ? 34  ASN A OD1 1 
ATOM   267  N ND2 . ASN A 1 34  ? 8.160   -0.884  -6.333  1.00 12.84  ? 34  ASN A ND2 1 
ATOM   268  N N   . THR A 1 35  ? 5.775   4.261   -6.307  1.00 22.80  ? 35  THR A N   1 
ATOM   269  C CA  . THR A 1 35  ? 4.714   5.249   -6.131  1.00 15.90  ? 35  THR A CA  1 
ATOM   270  C C   . THR A 1 35  ? 4.989   6.640   -6.704  1.00 18.07  ? 35  THR A C   1 
ATOM   271  O O   . THR A 1 35  ? 4.054   7.389   -7.021  1.00 20.02  ? 35  THR A O   1 
ATOM   272  C CB  . THR A 1 35  ? 4.278   5.393   -4.639  1.00 11.29  ? 35  THR A CB  1 
ATOM   273  O OG1 . THR A 1 35  ? 5.337   5.813   -3.837  1.00 10.65  ? 35  THR A OG1 1 
ATOM   274  C CG2 . THR A 1 35  ? 3.700   4.111   -4.086  1.00 8.99   ? 35  THR A CG2 1 
ATOM   275  N N   . LEU A 1 36  ? 6.260   7.032   -6.836  1.00 17.44  ? 36  LEU A N   1 
ATOM   276  C CA  . LEU A 1 36  ? 6.570   8.355   -7.340  1.00 16.12  ? 36  LEU A CA  1 
ATOM   277  C C   . LEU A 1 36  ? 5.860   8.735   -8.605  1.00 21.84  ? 36  LEU A C   1 
ATOM   278  O O   . LEU A 1 36  ? 5.747   7.953   -9.537  1.00 14.88  ? 36  LEU A O   1 
ATOM   279  C CB  . LEU A 1 36  ? 8.019   8.427   -7.633  1.00 21.00  ? 36  LEU A CB  1 
ATOM   280  C CG  . LEU A 1 36  ? 8.615   9.770   -7.305  1.00 30.75  ? 36  LEU A CG  1 
ATOM   281  C CD1 . LEU A 1 36  ? 7.992   10.387  -6.048  1.00 31.72  ? 36  LEU A CD1 1 
ATOM   282  C CD2 . LEU A 1 36  ? 10.067  9.449   -6.975  1.00 34.81  ? 36  LEU A CD2 1 
ATOM   283  N N   . ASP A 1 37  ? 5.359   9.941   -8.650  1.00 12.60  ? 37  ASP A N   1 
ATOM   284  C CA  . ASP A 1 37  ? 4.656   10.346  -9.849  1.00 21.26  ? 37  ASP A CA  1 
ATOM   285  C C   . ASP A 1 37  ? 3.357   9.616   -10.182 1.00 22.16  ? 37  ASP A C   1 
ATOM   286  O O   . ASP A 1 37  ? 2.987   9.582   -11.337 1.00 25.11  ? 37  ASP A O   1 
ATOM   287  C CB  . ASP A 1 37  ? 5.561   10.488  -11.092 1.00 28.68  ? 37  ASP A CB  1 
ATOM   288  C CG  . ASP A 1 37  ? 6.665   11.471  -10.796 1.00 45.42  ? 37  ASP A CG  1 
ATOM   289  O OD1 . ASP A 1 37  ? 6.516   12.517  -10.134 1.00 49.03  ? 37  ASP A OD1 1 
ATOM   290  O OD2 . ASP A 1 37  ? 7.828   10.999  -11.174 1.00 53.70  ? 37  ASP A OD2 1 
ATOM   291  N N   . LYS A 1 38  ? 2.670   9.050   -9.218  1.00 14.83  ? 38  LYS A N   1 
ATOM   292  C CA  . LYS A 1 38  ? 1.419   8.396   -9.500  1.00 13.07  ? 38  LYS A CA  1 
ATOM   293  C C   . LYS A 1 38  ? 0.528   8.852   -8.396  1.00 12.65  ? 38  LYS A C   1 
ATOM   294  O O   . LYS A 1 38  ? 1.008   9.224   -7.352  1.00 11.22  ? 38  LYS A O   1 
ATOM   295  C CB  . LYS A 1 38  ? 1.445   6.906   -9.314  1.00 12.92  ? 38  LYS A CB  1 
ATOM   296  C CG  . LYS A 1 38  ? 2.613   6.309   -10.026 1.00 14.41  ? 38  LYS A CG  1 
ATOM   297  C CD  . LYS A 1 38  ? 2.599   4.812   -9.979  1.00 13.57  ? 38  LYS A CD  1 
ATOM   298  C CE  . LYS A 1 38  ? 3.787   4.340   -10.815 1.00 18.25  ? 38  LYS A CE  1 
ATOM   299  N NZ  . LYS A 1 38  ? 4.121   2.923   -10.636 1.00 16.17  ? 38  LYS A NZ  1 
ATOM   300  N N   . PRO A 1 39  ? -0.754  8.795   -8.616  1.00 10.05  ? 39  PRO A N   1 
ATOM   301  C CA  . PRO A 1 39  ? -1.720  9.179   -7.582  1.00 10.56  ? 39  PRO A CA  1 
ATOM   302  C C   . PRO A 1 39  ? -1.769  8.101   -6.512  1.00 16.43  ? 39  PRO A C   1 
ATOM   303  O O   . PRO A 1 39  ? -1.701  6.906   -6.839  1.00 10.27  ? 39  PRO A O   1 
ATOM   304  C CB  . PRO A 1 39  ? -3.111  9.211   -8.254  1.00 7.26   ? 39  PRO A CB  1 
ATOM   305  C CG  . PRO A 1 39  ? -2.858  8.860   -9.721  1.00 12.98  ? 39  PRO A CG  1 
ATOM   306  C CD  . PRO A 1 39  ? -1.395  8.391   -9.874  1.00 5.14   ? 39  PRO A CD  1 
ATOM   307  N N   . VAL A 1 40  ? -1.883  8.503   -5.240  1.00 10.67  ? 40  VAL A N   1 
ATOM   308  C CA  . VAL A 1 40  ? -1.939  7.543   -4.207  1.00 11.71  ? 40  VAL A CA  1 
ATOM   309  C C   . VAL A 1 40  ? -3.234  7.779   -3.473  1.00 16.38  ? 40  VAL A C   1 
ATOM   310  O O   . VAL A 1 40  ? -3.496  8.919   -3.124  1.00 7.44   ? 40  VAL A O   1 
ATOM   311  C CB  . VAL A 1 40  ? -0.758  7.548   -3.215  1.00 7.20   ? 40  VAL A CB  1 
ATOM   312  C CG1 . VAL A 1 40  ? 0.584   7.156   -3.861  1.00 10.47  ? 40  VAL A CG1 1 
ATOM   313  C CG2 . VAL A 1 40  ? -0.621  8.934   -2.657  1.00 8.98   ? 40  VAL A CG2 1 
ATOM   314  N N   . ILE A 1 41  ? -3.986  6.667   -3.265  1.00 10.58  ? 41  ILE A N   1 
ATOM   315  C CA  . ILE A 1 41  ? -5.242  6.609   -2.568  1.00 14.98  ? 41  ILE A CA  1 
ATOM   316  C C   . ILE A 1 41  ? -5.036  5.917   -1.226  1.00 13.49  ? 41  ILE A C   1 
ATOM   317  O O   . ILE A 1 41  ? -4.473  4.817   -1.168  1.00 14.24  ? 41  ILE A O   1 
ATOM   318  C CB  . ILE A 1 41  ? -6.235  5.811   -3.384  1.00 18.26  ? 41  ILE A CB  1 
ATOM   319  C CG1 . ILE A 1 41  ? -6.582  6.551   -4.717  1.00 15.21  ? 41  ILE A CG1 1 
ATOM   320  C CG2 . ILE A 1 41  ? -7.463  5.569   -2.496  1.00 13.48  ? 41  ILE A CG2 1 
ATOM   321  C CD1 . ILE A 1 41  ? -7.384  5.687   -5.656  1.00 8.77   ? 41  ILE A CD1 1 
ATOM   322  N N   . MET A 1 42  ? -5.492  6.535   -0.138  1.00 9.42   ? 42  MET A N   1 
ATOM   323  C CA  . MET A 1 42  ? -5.329  5.947   1.205   1.00 13.50  ? 42  MET A CA  1 
ATOM   324  C C   . MET A 1 42  ? -6.545  6.310   2.074   1.00 19.31  ? 42  MET A C   1 
ATOM   325  O O   . MET A 1 42  ? -7.230  7.274   1.765   1.00 16.65  ? 42  MET A O   1 
ATOM   326  C CB  . MET A 1 42  ? -4.046  6.465   1.831   1.00 15.63  ? 42  MET A CB  1 
ATOM   327  C CG  . MET A 1 42  ? -4.104  7.984   2.085   1.00 14.79  ? 42  MET A CG  1 
ATOM   328  S SD  . MET A 1 42  ? -2.539  8.643   2.714   1.00 15.93  ? 42  MET A SD  1 
ATOM   329  C CE  . MET A 1 42  ? -1.757  9.287   1.232   1.00 9.22   ? 42  MET A CE  1 
ATOM   330  N N   . GLY A 1 43  ? -6.825  5.531   3.112   1.00 8.83   ? 43  GLY A N   1 
ATOM   331  C CA  . GLY A 1 43  ? -7.943  5.705   4.040   1.00 5.43   ? 43  GLY A CA  1 
ATOM   332  C C   . GLY A 1 43  ? -7.593  6.730   5.061   1.00 9.02   ? 43  GLY A C   1 
ATOM   333  O O   . GLY A 1 43  ? -6.403  7.056   5.249   1.00 10.64  ? 43  GLY A O   1 
ATOM   334  N N   . ARG A 1 44  ? -8.577  7.304   5.731   1.00 11.84  ? 44  ARG A N   1 
ATOM   335  C CA  . ARG A 1 44  ? -8.166  8.343   6.707   1.00 9.14   ? 44  ARG A CA  1 
ATOM   336  C C   . ARG A 1 44  ? -7.121  7.915   7.791   1.00 14.00  ? 44  ARG A C   1 
ATOM   337  O O   . ARG A 1 44  ? -6.229  8.681   8.152   1.00 14.43  ? 44  ARG A O   1 
ATOM   338  C CB  . ARG A 1 44  ? -9.377  9.060   7.330   1.00 6.67   ? 44  ARG A CB  1 
ATOM   339  C CG  . ARG A 1 44  ? -8.841  10.044  8.324   1.00 12.99  ? 44  ARG A CG  1 
ATOM   340  C CD  . ARG A 1 44  ? -9.931  10.567  9.190   1.00 21.22  ? 44  ARG A CD  1 
ATOM   341  N NE  . ARG A 1 44  ? -10.809 9.591   9.809   1.00 19.64  ? 44  ARG A NE  1 
ATOM   342  C CZ  . ARG A 1 44  ? -10.729 9.183   11.074  1.00 23.40  ? 44  ARG A CZ  1 
ATOM   343  N NH1 . ARG A 1 44  ? -9.797  9.615   11.899  1.00 22.31  ? 44  ARG A NH1 1 
ATOM   344  N NH2 . ARG A 1 44  ? -11.624 8.316   11.527  1.00 15.76  ? 44  ARG A NH2 1 
ATOM   345  N N   . HIS A 1 45  ? -7.205  6.690   8.318   1.00 10.46  ? 45  HIS A N   1 
ATOM   346  C CA  . HIS A 1 45  ? -6.237  6.333   9.349   1.00 8.76   ? 45  HIS A CA  1 
ATOM   347  C C   . HIS A 1 45  ? -4.852  6.281   8.837   1.00 10.83  ? 45  HIS A C   1 
ATOM   348  O O   . HIS A 1 45  ? -3.909  6.647   9.506   1.00 12.94  ? 45  HIS A O   1 
ATOM   349  C CB  . HIS A 1 45  ? -6.590  4.972   9.957   1.00 9.66   ? 45  HIS A CB  1 
ATOM   350  C CG  . HIS A 1 45  ? -7.950  5.043   10.563  1.00 23.17  ? 45  HIS A CG  1 
ATOM   351  N ND1 . HIS A 1 45  ? -8.230  5.922   11.605  1.00 30.82  ? 45  HIS A ND1 1 
ATOM   352  C CD2 . HIS A 1 45  ? -9.082  4.348   10.270  1.00 31.76  ? 45  HIS A CD2 1 
ATOM   353  C CE1 . HIS A 1 45  ? -9.510  5.750   11.922  1.00 29.45  ? 45  HIS A CE1 1 
ATOM   354  N NE2 . HIS A 1 45  ? -10.051 4.804   11.132  1.00 32.71  ? 45  HIS A NE2 1 
ATOM   355  N N   . THR A 1 46  ? -4.697  5.787   7.636   1.00 12.48  ? 46  THR A N   1 
ATOM   356  C CA  . THR A 1 46  ? -3.353  5.688   7.070   1.00 11.62  ? 46  THR A CA  1 
ATOM   357  C C   . THR A 1 46  ? -2.763  7.091   6.907   1.00 13.87  ? 46  THR A C   1 
ATOM   358  O O   . THR A 1 46  ? -1.602  7.395   7.210   1.00 12.02  ? 46  THR A O   1 
ATOM   359  C CB  . THR A 1 46  ? -3.485  5.033   5.682   1.00 10.02  ? 46  THR A CB  1 
ATOM   360  O OG1 . THR A 1 46  ? -3.890  3.664   5.762   1.00 10.22  ? 46  THR A OG1 1 
ATOM   361  C CG2 . THR A 1 46  ? -2.110  5.059   5.044   1.00 9.15   ? 46  THR A CG2 1 
ATOM   362  N N   . TRP A 1 47  ? -3.598  7.987   6.389   1.00 12.21  ? 47  TRP A N   1 
ATOM   363  C CA  . TRP A 1 47  ? -3.197  9.396   6.174   1.00 6.45   ? 47  TRP A CA  1 
ATOM   364  C C   . TRP A 1 47  ? -2.712  10.031  7.505   1.00 10.73  ? 47  TRP A C   1 
ATOM   365  O O   . TRP A 1 47  ? -1.673  10.688  7.630   1.00 15.08  ? 47  TRP A O   1 
ATOM   366  C CB  . TRP A 1 47  ? -4.496  10.150  5.817   1.00 4.75   ? 47  TRP A CB  1 
ATOM   367  C CG  . TRP A 1 47  ? -4.390  11.641  6.009   1.00 11.94  ? 47  TRP A CG  1 
ATOM   368  C CD1 . TRP A 1 47  ? -5.269  12.411  6.749   1.00 11.79  ? 47  TRP A CD1 1 
ATOM   369  C CD2 . TRP A 1 47  ? -3.380  12.545  5.489   1.00 12.45  ? 47  TRP A CD2 1 
ATOM   370  N NE1 . TRP A 1 47  ? -4.872  13.735  6.703   1.00 12.36  ? 47  TRP A NE1 1 
ATOM   371  C CE2 . TRP A 1 47  ? -3.727  13.862  5.954   1.00 20.87  ? 47  TRP A CE2 1 
ATOM   372  C CE3 . TRP A 1 47  ? -2.234  12.388  4.723   1.00 13.41  ? 47  TRP A CE3 1 
ATOM   373  C CZ2 . TRP A 1 47  ? -2.964  15.008  5.643   1.00 19.36  ? 47  TRP A CZ2 1 
ATOM   374  C CZ3 . TRP A 1 47  ? -1.488  13.509  4.407   1.00 15.60  ? 47  TRP A CZ3 1 
ATOM   375  C CH2 . TRP A 1 47  ? -1.841  14.801  4.852   1.00 12.09  ? 47  TRP A CH2 1 
ATOM   376  N N   . GLU A 1 48  ? -3.513  9.829   8.523   1.00 11.22  ? 48  GLU A N   1 
ATOM   377  C CA  . GLU A 1 48  ? -3.156  10.364  9.776   1.00 11.49  ? 48  GLU A CA  1 
ATOM   378  C C   . GLU A 1 48  ? -1.894  9.786   10.321  1.00 19.32  ? 48  GLU A C   1 
ATOM   379  O O   . GLU A 1 48  ? -1.210  10.448  11.072  1.00 19.57  ? 48  GLU A O   1 
ATOM   380  C CB  . GLU A 1 48  ? -4.257  10.126  10.795  1.00 10.92  ? 48  GLU A CB  1 
ATOM   381  C CG  . GLU A 1 48  ? -5.469  10.970  10.422  1.00 15.30  ? 48  GLU A CG  1 
ATOM   382  C CD  . GLU A 1 48  ? -6.449  10.882  11.515  1.00 20.25  ? 48  GLU A CD  1 
ATOM   383  O OE1 . GLU A 1 48  ? -6.288  10.138  12.416  1.00 31.73  ? 48  GLU A OE1 1 
ATOM   384  O OE2 . GLU A 1 48  ? -7.385  11.773  11.453  1.00 22.90  ? 48  GLU A OE2 1 
ATOM   385  N N   . SER A 1 49  ? -1.554  8.553   9.985   1.00 18.60  ? 49  SER A N   1 
ATOM   386  C CA  . SER A 1 49  ? -0.357  8.091   10.583  1.00 13.56  ? 49  SER A CA  1 
ATOM   387  C C   . SER A 1 49  ? 0.787   8.402   9.750   1.00 24.65  ? 49  SER A C   1 
ATOM   388  O O   . SER A 1 49  ? 1.894   8.242   10.200  1.00 25.46  ? 49  SER A O   1 
ATOM   389  C CB  . SER A 1 49  ? -0.400  6.655   10.992  1.00 31.71  ? 49  SER A CB  1 
ATOM   390  O OG  . SER A 1 49  ? -0.422  5.943   9.815   1.00 39.34  ? 49  SER A OG  1 
ATOM   391  N N   . ILE A 1 50  ? 0.527   8.833   8.537   1.00 22.68  ? 50  ILE A N   1 
ATOM   392  C CA  . ILE A 1 50  ? 1.643   9.197   7.725   1.00 18.51  ? 50  ILE A CA  1 
ATOM   393  C C   . ILE A 1 50  ? 1.989   10.625  8.191   1.00 28.23  ? 50  ILE A C   1 
ATOM   394  O O   . ILE A 1 50  ? 3.131   11.042  8.302   1.00 40.15  ? 50  ILE A O   1 
ATOM   395  C CB  . ILE A 1 50  ? 1.371   9.205   6.247   1.00 17.30  ? 50  ILE A CB  1 
ATOM   396  C CG1 . ILE A 1 50  ? 1.502   7.785   5.788   1.00 13.95  ? 50  ILE A CG1 1 
ATOM   397  C CG2 . ILE A 1 50  ? 2.498   10.012  5.611   1.00 21.98  ? 50  ILE A CG2 1 
ATOM   398  C CD1 . ILE A 1 50  ? 1.263   7.693   4.299   1.00 18.76  ? 50  ILE A CD1 1 
ATOM   399  N N   . GLY A 1 51  ? 1.001   11.426  8.481   1.00 30.18  ? 51  GLY A N   1 
ATOM   400  C CA  . GLY A 1 51  ? 1.328   12.754  8.962   1.00 37.63  ? 51  GLY A CA  1 
ATOM   401  C C   . GLY A 1 51  ? 1.726   13.935  8.067   1.00 30.10  ? 51  GLY A C   1 
ATOM   402  O O   . GLY A 1 51  ? 1.868   15.052  8.578   1.00 24.11  ? 51  GLY A O   1 
ATOM   403  N N   . ARG A 1 52  ? 1.921   13.738  6.788   1.00 16.00  ? 52  ARG A N   1 
ATOM   404  C CA  . ARG A 1 52  ? 2.261   14.830  5.905   1.00 16.71  ? 52  ARG A CA  1 
ATOM   405  C C   . ARG A 1 52  ? 2.031   14.245  4.564   1.00 18.28  ? 52  ARG A C   1 
ATOM   406  O O   . ARG A 1 52  ? 2.096   13.051  4.462   1.00 16.96  ? 52  ARG A O   1 
ATOM   407  C CB  . ARG A 1 52  ? 3.635   15.484  6.098   1.00 25.06  ? 52  ARG A CB  1 
ATOM   408  C CG  . ARG A 1 52  ? 4.807   14.543  6.175   1.00 37.39  ? 52  ARG A CG  1 
ATOM   409  C CD  . ARG A 1 52  ? 4.911   13.776  4.888   1.00 55.86  ? 52  ARG A CD  1 
ATOM   410  N NE  . ARG A 1 52  ? 5.913   12.756  4.783   1.00 70.52  ? 52  ARG A NE  1 
ATOM   411  C CZ  . ARG A 1 52  ? 7.070   12.975  4.184   1.00 83.85  ? 52  ARG A CZ  1 
ATOM   412  N NH1 . ARG A 1 52  ? 7.404   14.161  3.648   1.00 82.05  ? 52  ARG A NH1 1 
ATOM   413  N NH2 . ARG A 1 52  ? 7.925   11.962  4.127   1.00 90.49  ? 52  ARG A NH2 1 
ATOM   414  N N   . PRO A 1 53  ? 1.793   15.010  3.563   1.00 20.19  ? 53  PRO A N   1 
ATOM   415  C CA  . PRO A 1 53  ? 1.554   14.454  2.256   1.00 12.88  ? 53  PRO A CA  1 
ATOM   416  C C   . PRO A 1 53  ? 2.753   13.813  1.625   1.00 14.08  ? 53  PRO A C   1 
ATOM   417  O O   . PRO A 1 53  ? 3.857   14.282  1.830   1.00 18.00  ? 53  PRO A O   1 
ATOM   418  C CB  . PRO A 1 53  ? 1.250   15.645  1.380   1.00 12.35  ? 53  PRO A CB  1 
ATOM   419  C CG  . PRO A 1 53  ? 1.085   16.839  2.312   1.00 20.75  ? 53  PRO A CG  1 
ATOM   420  C CD  . PRO A 1 53  ? 1.683   16.473  3.629   1.00 19.69  ? 53  PRO A CD  1 
ATOM   421  N N   . LEU A 1 54  ? 2.545   12.781  0.826   1.00 12.73  ? 54  LEU A N   1 
ATOM   422  C CA  . LEU A 1 54  ? 3.714   12.154  0.177   1.00 12.62  ? 54  LEU A CA  1 
ATOM   423  C C   . LEU A 1 54  ? 4.170   13.075  -0.981  1.00 11.39  ? 54  LEU A C   1 
ATOM   424  O O   . LEU A 1 54  ? 3.402   13.386  -1.935  1.00 20.87  ? 54  LEU A O   1 
ATOM   425  C CB  . LEU A 1 54  ? 3.336   10.762  -0.370  1.00 13.14  ? 54  LEU A CB  1 
ATOM   426  C CG  . LEU A 1 54  ? 3.062   9.746   0.734   1.00 13.56  ? 54  LEU A CG  1 
ATOM   427  C CD1 . LEU A 1 54  ? 2.676   8.414   0.092   1.00 11.83  ? 54  LEU A CD1 1 
ATOM   428  C CD2 . LEU A 1 54  ? 4.362   9.508   1.496   1.00 12.11  ? 54  LEU A CD2 1 
ATOM   429  N N   . PRO A 1 55  ? 5.409   13.567  -0.957  1.00 20.64  ? 55  PRO A N   1 
ATOM   430  C CA  . PRO A 1 55  ? 5.835   14.456  -2.049  1.00 15.68  ? 55  PRO A CA  1 
ATOM   431  C C   . PRO A 1 55  ? 5.891   13.810  -3.427  1.00 18.70  ? 55  PRO A C   1 
ATOM   432  O O   . PRO A 1 55  ? 6.190   12.640  -3.568  1.00 25.43  ? 55  PRO A O   1 
ATOM   433  C CB  . PRO A 1 55  ? 7.293   14.774  -1.757  1.00 17.72  ? 55  PRO A CB  1 
ATOM   434  C CG  . PRO A 1 55  ? 7.733   13.653  -0.858  1.00 20.25  ? 55  PRO A CG  1 
ATOM   435  C CD  . PRO A 1 55  ? 6.518   13.362  0.011   1.00 14.25  ? 55  PRO A CD  1 
ATOM   436  N N   . GLY A 1 56  ? 5.624   14.550  -4.485  1.00 15.35  ? 56  GLY A N   1 
ATOM   437  C CA  . GLY A 1 56  ? 5.724   13.912  -5.798  1.00 19.36  ? 56  GLY A CA  1 
ATOM   438  C C   . GLY A 1 56  ? 4.640   12.942  -6.176  1.00 26.15  ? 56  GLY A C   1 
ATOM   439  O O   . GLY A 1 56  ? 4.793   12.166  -7.127  1.00 28.43  ? 56  GLY A O   1 
ATOM   440  N N   . ARG A 1 57  ? 3.541   12.993  -5.444  1.00 22.09  ? 57  ARG A N   1 
ATOM   441  C CA  . ARG A 1 57  ? 2.418   12.134  -5.720  1.00 15.53  ? 57  ARG A CA  1 
ATOM   442  C C   . ARG A 1 57  ? 1.156   12.868  -5.418  1.00 21.31  ? 57  ARG A C   1 
ATOM   443  O O   . ARG A 1 57  ? 1.077   13.690  -4.505  1.00 17.04  ? 57  ARG A O   1 
ATOM   444  C CB  . ARG A 1 57  ? 2.437   10.922  -4.812  1.00 13.03  ? 57  ARG A CB  1 
ATOM   445  C CG  . ARG A 1 57  ? 3.503   9.950   -5.330  1.00 18.60  ? 57  ARG A CG  1 
ATOM   446  C CD  . ARG A 1 57  ? 4.149   9.116   -4.239  1.00 14.59  ? 57  ARG A CD  1 
ATOM   447  N NE  . ARG A 1 57  ? 5.136   9.909   -3.534  1.00 18.57  ? 57  ARG A NE  1 
ATOM   448  C CZ  . ARG A 1 57  ? 5.987   9.452   -2.618  1.00 17.01  ? 57  ARG A CZ  1 
ATOM   449  N NH1 . ARG A 1 57  ? 6.051   8.166   -2.220  1.00 9.67   ? 57  ARG A NH1 1 
ATOM   450  N NH2 . ARG A 1 57  ? 6.810   10.330  -2.055  1.00 18.22  ? 57  ARG A NH2 1 
ATOM   451  N N   . LYS A 1 58  ? 0.149   12.588  -6.183  1.00 8.47   ? 58  LYS A N   1 
ATOM   452  C CA  . LYS A 1 58  ? -1.057  13.274  -5.840  1.00 18.33  ? 58  LYS A CA  1 
ATOM   453  C C   . LYS A 1 58  ? -1.650  12.414  -4.717  1.00 13.99  ? 58  LYS A C   1 
ATOM   454  O O   . LYS A 1 58  ? -1.809  11.201  -4.867  1.00 13.85  ? 58  LYS A O   1 
ATOM   455  C CB  . LYS A 1 58  ? -2.021  13.316  -7.029  1.00 14.86  ? 58  LYS A CB  1 
ATOM   456  C CG  . LYS A 1 58  ? -3.392  13.901  -6.660  1.00 23.59  ? 58  LYS A CG  1 
ATOM   457  C CD  . LYS A 1 58  ? -4.391  13.745  -7.780  1.00 25.34  ? 58  LYS A CD  1 
ATOM   458  C CE  . LYS A 1 58  ? -5.544  14.739  -7.730  1.00 28.45  ? 58  LYS A CE  1 
ATOM   459  N NZ  . LYS A 1 58  ? -6.100  14.938  -9.092  1.00 26.68  ? 58  LYS A NZ  1 
ATOM   460  N N   . ASN A 1 59  ? -1.970  13.028  -3.605  1.00 15.45  ? 59  ASN A N   1 
ATOM   461  C CA  . ASN A 1 59  ? -2.541  12.308  -2.469  1.00 8.70   ? 59  ASN A CA  1 
ATOM   462  C C   . ASN A 1 59  ? -4.046  12.456  -2.353  1.00 12.45  ? 59  ASN A C   1 
ATOM   463  O O   . ASN A 1 59  ? -4.545  13.589  -2.212  1.00 12.82  ? 59  ASN A O   1 
ATOM   464  C CB  . ASN A 1 59  ? -1.926  12.872  -1.164  1.00 9.51   ? 59  ASN A CB  1 
ATOM   465  C CG  . ASN A 1 59  ? -0.419  12.637  -1.007  1.00 14.07  ? 59  ASN A CG  1 
ATOM   466  O OD1 . ASN A 1 59  ? 0.063   12.211  0.042   1.00 11.22  ? 59  ASN A OD1 1 
ATOM   467  N ND2 . ASN A 1 59  ? 0.341   12.958  -2.043  1.00 19.97  ? 59  ASN A ND2 1 
ATOM   468  N N   . ILE A 1 60  ? -4.763  11.330  -2.385  1.00 7.51   ? 60  ILE A N   1 
ATOM   469  C CA  . ILE A 1 60  ? -6.214  11.359  -2.288  1.00 8.64   ? 60  ILE A CA  1 
ATOM   470  C C   . ILE A 1 60  ? -6.657  10.656  -1.045  1.00 14.13  ? 60  ILE A C   1 
ATOM   471  O O   . ILE A 1 60  ? -6.339  9.468   -0.820  1.00 10.76  ? 60  ILE A O   1 
ATOM   472  C CB  . ILE A 1 60  ? -6.727  10.645  -3.490  1.00 10.02  ? 60  ILE A CB  1 
ATOM   473  C CG1 . ILE A 1 60  ? -6.300  11.503  -4.624  1.00 9.04   ? 60  ILE A CG1 1 
ATOM   474  C CG2 . ILE A 1 60  ? -8.242  10.508  -3.509  1.00 4.63   ? 60  ILE A CG2 1 
ATOM   475  C CD1 . ILE A 1 60  ? -6.309  10.740  -5.933  1.00 17.73  ? 60  ILE A CD1 1 
ATOM   476  N N   . ILE A 1 61  ? -7.368  11.366  -0.215  1.00 10.53  ? 61  ILE A N   1 
ATOM   477  C CA  . ILE A 1 61  ? -7.776  10.718  1.020   1.00 7.66   ? 61  ILE A CA  1 
ATOM   478  C C   . ILE A 1 61  ? -9.236  10.386  1.033   1.00 15.13  ? 61  ILE A C   1 
ATOM   479  O O   . ILE A 1 61  ? -10.014 11.252  0.656   1.00 16.87  ? 61  ILE A O   1 
ATOM   480  C CB  . ILE A 1 61  ? -7.476  11.595  2.269   1.00 6.18   ? 61  ILE A CB  1 
ATOM   481  C CG1 . ILE A 1 61  ? -6.154  12.362  2.196   1.00 15.76  ? 61  ILE A CG1 1 
ATOM   482  C CG2 . ILE A 1 61  ? -7.499  10.741  3.507   1.00 12.85  ? 61  ILE A CG2 1 
ATOM   483  C CD1 . ILE A 1 61  ? -4.902  11.571  1.858   1.00 13.75  ? 61  ILE A CD1 1 
ATOM   484  N N   . LEU A 1 62  ? -9.572  9.170   1.482   1.00 5.30   ? 62  LEU A N   1 
ATOM   485  C CA  . LEU A 1 62  ? -10.940 8.656   1.593   1.00 9.18   ? 62  LEU A CA  1 
ATOM   486  C C   . LEU A 1 62  ? -11.494 8.906   2.993   1.00 15.53  ? 62  LEU A C   1 
ATOM   487  O O   . LEU A 1 62  ? -10.927 8.463   3.970   1.00 16.51  ? 62  LEU A O   1 
ATOM   488  C CB  . LEU A 1 62  ? -10.842 7.138   1.412   1.00 16.45  ? 62  LEU A CB  1 
ATOM   489  C CG  . LEU A 1 62  ? -11.827 6.342   0.583   1.00 23.17  ? 62  LEU A CG  1 
ATOM   490  C CD1 . LEU A 1 62  ? -12.601 7.128   -0.445  1.00 23.37  ? 62  LEU A CD1 1 
ATOM   491  C CD2 . LEU A 1 62  ? -11.017 5.281   -0.158  1.00 21.01  ? 62  LEU A CD2 1 
ATOM   492  N N   . SER A 1 63  ? -12.615 9.601   3.132   1.00 12.73  ? 63  SER A N   1 
ATOM   493  C CA  . SER A 1 63  ? -13.146 9.824   4.468   1.00 8.09   ? 63  SER A CA  1 
ATOM   494  C C   . SER A 1 63  ? -14.625 10.091  4.304   1.00 10.94  ? 63  SER A C   1 
ATOM   495  O O   . SER A 1 63  ? -15.041 10.655  3.301   1.00 13.27  ? 63  SER A O   1 
ATOM   496  C CB  . SER A 1 63  ? -12.560 11.017  5.162   1.00 14.21  ? 63  SER A CB  1 
ATOM   497  O OG  . SER A 1 63  ? -13.279 11.252  6.383   1.00 16.13  ? 63  SER A OG  1 
ATOM   498  N N   . SER A 1 64  ? -15.446 9.654   5.233   1.00 18.18  ? 64  SER A N   1 
ATOM   499  C CA  . SER A 1 64  ? -16.863 9.928   5.045   1.00 19.19  ? 64  SER A CA  1 
ATOM   500  C C   . SER A 1 64  ? -17.120 11.363  5.482   1.00 19.53  ? 64  SER A C   1 
ATOM   501  O O   . SER A 1 64  ? -18.196 11.894  5.303   1.00 30.91  ? 64  SER A O   1 
ATOM   502  C CB  . SER A 1 64  ? -17.702 9.109   5.974   1.00 6.88   ? 64  SER A CB  1 
ATOM   503  O OG  . SER A 1 64  ? -17.236 9.418   7.287   1.00 13.69  ? 64  SER A OG  1 
ATOM   504  N N   . GLN A 1 65  ? -16.152 12.018  6.075   1.00 19.66  ? 65  GLN A N   1 
ATOM   505  C CA  . GLN A 1 65  ? -16.423 13.376  6.488   1.00 20.28  ? 65  GLN A CA  1 
ATOM   506  C C   . GLN A 1 65  ? -15.651 14.363  5.700   1.00 22.84  ? 65  GLN A C   1 
ATOM   507  O O   . GLN A 1 65  ? -14.704 14.012  5.050   1.00 18.43  ? 65  GLN A O   1 
ATOM   508  C CB  . GLN A 1 65  ? -16.030 13.598  7.940   1.00 23.32  ? 65  GLN A CB  1 
ATOM   509  C CG  . GLN A 1 65  ? -16.755 12.631  8.886   1.00 34.93  ? 65  GLN A CG  1 
ATOM   510  C CD  . GLN A 1 65  ? -18.238 12.813  8.799   1.00 41.69  ? 65  GLN A CD  1 
ATOM   511  O OE1 . GLN A 1 65  ? -18.924 11.993  8.198   1.00 55.54  ? 65  GLN A OE1 1 
ATOM   512  N NE2 . GLN A 1 65  ? -18.734 13.897  9.381   1.00 41.60  ? 65  GLN A NE2 1 
ATOM   513  N N   . PRO A 1 66  ? -16.053 15.629  5.806   1.00 26.76  ? 66  PRO A N   1 
ATOM   514  C CA  . PRO A 1 66  ? -15.363 16.704  5.093   1.00 21.37  ? 66  PRO A CA  1 
ATOM   515  C C   . PRO A 1 66  ? -13.876 16.764  5.474   1.00 23.47  ? 66  PRO A C   1 
ATOM   516  O O   . PRO A 1 66  ? -13.481 16.510  6.623   1.00 15.36  ? 66  PRO A O   1 
ATOM   517  C CB  . PRO A 1 66  ? -16.046 18.022  5.536   1.00 25.69  ? 66  PRO A CB  1 
ATOM   518  C CG  . PRO A 1 66  ? -17.097 17.661  6.587   1.00 36.30  ? 66  PRO A CG  1 
ATOM   519  C CD  . PRO A 1 66  ? -17.077 16.144  6.773   1.00 21.71  ? 66  PRO A CD  1 
ATOM   520  N N   . GLY A 1 67  ? -13.042 17.112  4.501   1.00 22.94  ? 67  GLY A N   1 
ATOM   521  C CA  . GLY A 1 67  ? -11.603 17.213  4.713   1.00 23.73  ? 67  GLY A CA  1 
ATOM   522  C C   . GLY A 1 67  ? -11.130 18.287  5.692   1.00 23.45  ? 67  GLY A C   1 
ATOM   523  O O   . GLY A 1 67  ? -11.712 19.360  5.826   1.00 26.73  ? 67  GLY A O   1 
ATOM   524  N N   . THR A 1 68  ? -10.023 17.982  6.358   1.00 18.38  ? 68  THR A N   1 
ATOM   525  C CA  . THR A 1 68  ? -9.411  18.874  7.347   1.00 18.88  ? 68  THR A CA  1 
ATOM   526  C C   . THR A 1 68  ? -7.977  19.266  7.059   1.00 20.63  ? 68  THR A C   1 
ATOM   527  O O   . THR A 1 68  ? -7.219  19.584  7.952   1.00 19.10  ? 68  THR A O   1 
ATOM   528  C CB  . THR A 1 68  ? -9.440  18.122  8.700   1.00 28.97  ? 68  THR A CB  1 
ATOM   529  O OG1 . THR A 1 68  ? -8.758  16.905  8.514   1.00 31.09  ? 68  THR A OG1 1 
ATOM   530  C CG2 . THR A 1 68  ? -10.892 17.811  9.069   1.00 17.47  ? 68  THR A CG2 1 
ATOM   531  N N   . ASP A 1 69  ? -7.588  19.254  5.802   1.00 20.75  ? 69  ASP A N   1 
ATOM   532  C CA  . ASP A 1 69  ? -6.238  19.603  5.470   1.00 16.77  ? 69  ASP A CA  1 
ATOM   533  C C   . ASP A 1 69  ? -6.267  19.860  3.992   1.00 18.69  ? 69  ASP A C   1 
ATOM   534  O O   . ASP A 1 69  ? -6.705  19.031  3.195   1.00 14.23  ? 69  ASP A O   1 
ATOM   535  C CB  . ASP A 1 69  ? -5.249  18.525  5.979   1.00 11.31  ? 69  ASP A CB  1 
ATOM   536  C CG  . ASP A 1 69  ? -3.829  18.882  5.749   1.00 11.47  ? 69  ASP A CG  1 
ATOM   537  O OD1 . ASP A 1 69  ? -3.448  19.425  4.773   1.00 12.86  ? 69  ASP A OD1 1 
ATOM   538  O OD2 . ASP A 1 69  ? -3.019  18.414  6.618   1.00 14.09  ? 69  ASP A OD2 1 
ATOM   539  N N   . ASP A 1 70  ? -5.845  21.058  3.644   1.00 13.60  ? 70  ASP A N   1 
ATOM   540  C CA  . ASP A 1 70  ? -5.864  21.451  2.278   1.00 21.53  ? 70  ASP A CA  1 
ATOM   541  C C   . ASP A 1 70  ? -4.671  21.032  1.470   1.00 18.43  ? 70  ASP A C   1 
ATOM   542  O O   . ASP A 1 70  ? -4.572  21.368  0.316   1.00 17.28  ? 70  ASP A O   1 
ATOM   543  C CB  . ASP A 1 70  ? -6.041  22.963  2.167   1.00 28.18  ? 70  ASP A CB  1 
ATOM   544  C CG  . ASP A 1 70  ? -7.448  23.412  2.394   1.00 44.27  ? 70  ASP A CG  1 
ATOM   545  O OD1 . ASP A 1 70  ? -8.419  22.690  2.225   1.00 38.00  ? 70  ASP A OD1 1 
ATOM   546  O OD2 . ASP A 1 70  ? -7.508  24.683  2.753   1.00 65.77  ? 70  ASP A OD2 1 
ATOM   547  N N   . ARG A 1 71  ? -3.756  20.317  2.040   1.00 19.36  ? 71  ARG A N   1 
ATOM   548  C CA  . ARG A 1 71  ? -2.599  19.915  1.248   1.00 16.95  ? 71  ARG A CA  1 
ATOM   549  C C   . ARG A 1 71  ? -2.837  18.673  0.417   1.00 17.15  ? 71  ARG A C   1 
ATOM   550  O O   . ARG A 1 71  ? -1.987  18.326  -0.383  1.00 21.07  ? 71  ARG A O   1 
ATOM   551  C CB  . ARG A 1 71  ? -1.521  19.545  2.245   1.00 4.85   ? 71  ARG A CB  1 
ATOM   552  C CG  . ARG A 1 71  ? -0.910  20.810  2.838   1.00 12.55  ? 71  ARG A CG  1 
ATOM   553  C CD  . ARG A 1 71  ? 0.014   20.573  4.022   1.00 18.71  ? 71  ARG A CD  1 
ATOM   554  N NE  . ARG A 1 71  ? -0.571  19.688  5.052   1.00 20.54  ? 71  ARG A NE  1 
ATOM   555  C CZ  . ARG A 1 71  ? 0.211   19.148  5.931   1.00 10.85  ? 71  ARG A CZ  1 
ATOM   556  N NH1 . ARG A 1 71  ? 1.512   19.387  5.908   1.00 11.25  ? 71  ARG A NH1 1 
ATOM   557  N NH2 . ARG A 1 71  ? -0.309  18.358  6.832   1.00 12.41  ? 71  ARG A NH2 1 
ATOM   558  N N   . VAL A 1 72  ? -3.987  17.997  0.631   1.00 15.09  ? 72  VAL A N   1 
ATOM   559  C CA  . VAL A 1 72  ? -4.354  16.774  -0.064  1.00 25.23  ? 72  VAL A CA  1 
ATOM   560  C C   . VAL A 1 72  ? -5.736  16.881  -0.663  1.00 16.22  ? 72  VAL A C   1 
ATOM   561  O O   . VAL A 1 72  ? -6.383  17.873  -0.448  1.00 18.04  ? 72  VAL A O   1 
ATOM   562  C CB  . VAL A 1 72  ? -4.249  15.610  0.936   1.00 19.23  ? 72  VAL A CB  1 
ATOM   563  C CG1 . VAL A 1 72  ? -2.817  15.449  1.469   1.00 17.03  ? 72  VAL A CG1 1 
ATOM   564  C CG2 . VAL A 1 72  ? -5.155  15.829  2.126   1.00 16.52  ? 72  VAL A CG2 1 
ATOM   565  N N   . THR A 1 73  ? -6.198  15.890  -1.423  1.00 9.51   ? 73  THR A N   1 
ATOM   566  C CA  . THR A 1 73  ? -7.533  15.893  -2.049  1.00 5.57   ? 73  THR A CA  1 
ATOM   567  C C   . THR A 1 73  ? -8.409  14.971  -1.248  1.00 16.82  ? 73  THR A C   1 
ATOM   568  O O   . THR A 1 73  ? -7.991  13.827  -0.957  1.00 12.80  ? 73  THR A O   1 
ATOM   569  C CB  . THR A 1 73  ? -7.451  15.362  -3.473  1.00 11.55  ? 73  THR A CB  1 
ATOM   570  O OG1 . THR A 1 73  ? -6.705  16.289  -4.173  1.00 17.38  ? 73  THR A OG1 1 
ATOM   571  C CG2 . THR A 1 73  ? -8.800  15.108  -4.113  1.00 3.84   ? 73  THR A CG2 1 
ATOM   572  N N   . TRP A 1 74  ? -9.603  15.470  -0.880  1.00 10.45  ? 74  TRP A N   1 
ATOM   573  C CA  . TRP A 1 74  ? -10.474 14.634  -0.104  1.00 6.07   ? 74  TRP A CA  1 
ATOM   574  C C   . TRP A 1 74  ? -11.582 14.043  -0.902  1.00 19.26  ? 74  TRP A C   1 
ATOM   575  O O   . TRP A 1 74  ? -12.208 14.791  -1.622  1.00 16.73  ? 74  TRP A O   1 
ATOM   576  C CB  . TRP A 1 74  ? -11.099 15.463  1.041   1.00 2.56   ? 74  TRP A CB  1 
ATOM   577  C CG  . TRP A 1 74  ? -10.032 15.823  2.045   1.00 9.38   ? 74  TRP A CG  1 
ATOM   578  C CD1 . TRP A 1 74  ? -9.202  16.916  1.981   1.00 22.15  ? 74  TRP A CD1 1 
ATOM   579  C CD2 . TRP A 1 74  ? -9.618  15.114  3.230   1.00 9.40   ? 74  TRP A CD2 1 
ATOM   580  N NE1 . TRP A 1 74  ? -8.304  16.953  3.047   1.00 17.34  ? 74  TRP A NE1 1 
ATOM   581  C CE2 . TRP A 1 74  ? -8.553  15.857  3.829   1.00 6.69   ? 74  TRP A CE2 1 
ATOM   582  C CE3 . TRP A 1 74  ? -10.036 13.933  3.821   1.00 8.09   ? 74  TRP A CE3 1 
ATOM   583  C CZ2 . TRP A 1 74  ? -7.922  15.464  4.999   1.00 12.03  ? 74  TRP A CZ2 1 
ATOM   584  C CZ3 . TRP A 1 74  ? -9.383  13.551  4.979   1.00 11.86  ? 74  TRP A CZ3 1 
ATOM   585  C CH2 . TRP A 1 74  ? -8.380  14.311  5.553   1.00 13.02  ? 74  TRP A CH2 1 
ATOM   586  N N   . VAL A 1 75  ? -11.860 12.739  -0.736  1.00 14.18  ? 75  VAL A N   1 
ATOM   587  C CA  . VAL A 1 75  ? -12.970 12.138  -1.471  1.00 13.53  ? 75  VAL A CA  1 
ATOM   588  C C   . VAL A 1 75  ? -13.861 11.366  -0.568  1.00 14.13  ? 75  VAL A C   1 
ATOM   589  O O   . VAL A 1 75  ? -13.472 10.985  0.535   1.00 12.03  ? 75  VAL A O   1 
ATOM   590  C CB  . VAL A 1 75  ? -12.599 11.292  -2.659  1.00 14.21  ? 75  VAL A CB  1 
ATOM   591  C CG1 . VAL A 1 75  ? -11.820 12.196  -3.626  1.00 14.23  ? 75  VAL A CG1 1 
ATOM   592  C CG2 . VAL A 1 75  ? -11.707 10.130  -2.168  1.00 11.86  ? 75  VAL A CG2 1 
ATOM   593  N N   . LYS A 1 76  ? -15.081 11.122  -1.050  1.00 12.63  ? 76  LYS A N   1 
ATOM   594  C CA  . LYS A 1 76  ? -16.029 10.402  -0.249  1.00 8.74   ? 76  LYS A CA  1 
ATOM   595  C C   . LYS A 1 76  ? -16.483 9.038   -0.657  1.00 18.38  ? 76  LYS A C   1 
ATOM   596  O O   . LYS A 1 76  ? -17.352 8.518   -0.007  1.00 21.72  ? 76  LYS A O   1 
ATOM   597  C CB  . LYS A 1 76  ? -17.271 11.244  0.005   1.00 15.09  ? 76  LYS A CB  1 
ATOM   598  C CG  . LYS A 1 76  ? -17.034 12.563  0.722   1.00 25.41  ? 76  LYS A CG  1 
ATOM   599  C CD  . LYS A 1 76  ? -18.371 13.335  0.966   1.00 42.91  ? 76  LYS A CD  1 
ATOM   600  C CE  . LYS A 1 76  ? -18.398 14.531  1.976   1.00 58.77  ? 76  LYS A CE  1 
ATOM   601  N NZ  . LYS A 1 76  ? -17.832 15.847  1.547   1.00 54.29  ? 76  LYS A NZ  1 
ATOM   602  N N   . SER A 1 77  ? -15.963 8.439   -1.692  1.00 14.86  ? 77  SER A N   1 
ATOM   603  C CA  . SER A 1 77  ? -16.411 7.129   -2.088  1.00 13.36  ? 77  SER A CA  1 
ATOM   604  C C   . SER A 1 77  ? -15.316 6.560   -2.941  1.00 14.39  ? 77  SER A C   1 
ATOM   605  O O   . SER A 1 77  ? -14.502 7.300   -3.406  1.00 9.30   ? 77  SER A O   1 
ATOM   606  C CB  . SER A 1 77  ? -17.652 7.241   -2.988  1.00 16.72  ? 77  SER A CB  1 
ATOM   607  O OG  . SER A 1 77  ? -17.247 7.774   -4.245  1.00 20.31  ? 77  SER A OG  1 
ATOM   608  N N   . VAL A 1 78  ? -15.300 5.277   -3.148  1.00 10.64  ? 78  VAL A N   1 
ATOM   609  C CA  . VAL A 1 78  ? -14.298 4.684   -3.933  1.00 14.52  ? 78  VAL A CA  1 
ATOM   610  C C   . VAL A 1 78  ? -14.426 5.193   -5.332  1.00 15.97  ? 78  VAL A C   1 
ATOM   611  O O   . VAL A 1 78  ? -13.466 5.408   -6.027  1.00 20.23  ? 78  VAL A O   1 
ATOM   612  C CB  . VAL A 1 78  ? -14.519 3.166   -3.881  1.00 18.75  ? 78  VAL A CB  1 
ATOM   613  C CG1 . VAL A 1 78  ? -13.760 2.492   -5.013  1.00 17.76  ? 78  VAL A CG1 1 
ATOM   614  C CG2 . VAL A 1 78  ? -14.034 2.635   -2.541  1.00 15.28  ? 78  VAL A CG2 1 
ATOM   615  N N   . ASP A 1 79  ? -15.629 5.388   -5.774  1.00 12.70  ? 79  ASP A N   1 
ATOM   616  C CA  . ASP A 1 79  ? -15.774 5.865   -7.142  1.00 17.87  ? 79  ASP A CA  1 
ATOM   617  C C   . ASP A 1 79  ? -15.265 7.254   -7.355  1.00 14.91  ? 79  ASP A C   1 
ATOM   618  O O   . ASP A 1 79  ? -14.630 7.577   -8.372  1.00 15.95  ? 79  ASP A O   1 
ATOM   619  C CB  . ASP A 1 79  ? -17.214 5.804   -7.577  1.00 21.88  ? 79  ASP A CB  1 
ATOM   620  C CG  . ASP A 1 79  ? -17.414 4.399   -7.990  1.00 39.02  ? 79  ASP A CG  1 
ATOM   621  O OD1 . ASP A 1 79  ? -16.493 3.690   -8.338  1.00 52.48  ? 79  ASP A OD1 1 
ATOM   622  O OD2 . ASP A 1 79  ? -18.642 4.025   -7.921  1.00 44.98  ? 79  ASP A OD2 1 
ATOM   623  N N   . GLU A 1 80  ? -15.542 8.096   -6.381  1.00 9.70   ? 80  GLU A N   1 
ATOM   624  C CA  . GLU A 1 80  ? -15.054 9.447   -6.518  1.00 8.31   ? 80  GLU A CA  1 
ATOM   625  C C   . GLU A 1 80  ? -13.519 9.402   -6.476  1.00 14.20  ? 80  GLU A C   1 
ATOM   626  O O   . GLU A 1 80  ? -12.846 10.122  -7.184  1.00 16.90  ? 80  GLU A O   1 
ATOM   627  C CB  . GLU A 1 80  ? -15.490 10.226  -5.285  1.00 9.10   ? 80  GLU A CB  1 
ATOM   628  C CG  . GLU A 1 80  ? -15.803 11.642  -5.679  1.00 22.07  ? 80  GLU A CG  1 
ATOM   629  C CD  . GLU A 1 80  ? -15.916 12.617  -4.528  1.00 25.34  ? 80  GLU A CD  1 
ATOM   630  O OE1 . GLU A 1 80  ? -16.382 12.109  -3.433  1.00 23.74  ? 80  GLU A OE1 1 
ATOM   631  O OE2 . GLU A 1 80  ? -15.626 13.794  -4.641  1.00 29.69  ? 80  GLU A OE2 1 
ATOM   632  N N   . ALA A 1 81  ? -12.938 8.537   -5.635  1.00 11.10  ? 81  ALA A N   1 
ATOM   633  C CA  . ALA A 1 81  ? -11.496 8.407   -5.493  1.00 6.00   ? 81  ALA A CA  1 
ATOM   634  C C   . ALA A 1 81  ? -10.826 8.090   -6.834  1.00 14.41  ? 81  ALA A C   1 
ATOM   635  O O   . ALA A 1 81  ? -9.847  8.708   -7.254  1.00 12.99  ? 81  ALA A O   1 
ATOM   636  C CB  . ALA A 1 81  ? -11.156 7.360   -4.418  1.00 2.50   ? 81  ALA A CB  1 
ATOM   637  N N   . ILE A 1 82  ? -11.368 7.104   -7.535  1.00 13.73  ? 82  ILE A N   1 
ATOM   638  C CA  . ILE A 1 82  ? -10.807 6.722   -8.859  1.00 14.44  ? 82  ILE A CA  1 
ATOM   639  C C   . ILE A 1 82  ? -10.948 7.864   -9.861  1.00 18.70  ? 82  ILE A C   1 
ATOM   640  O O   . ILE A 1 82  ? -10.056 8.128   -10.664 1.00 9.34   ? 82  ILE A O   1 
ATOM   641  C CB  . ILE A 1 82  ? -11.557 5.495   -9.348  1.00 13.19  ? 82  ILE A CB  1 
ATOM   642  C CG1 . ILE A 1 82  ? -11.091 4.275   -8.574  1.00 15.64  ? 82  ILE A CG1 1 
ATOM   643  C CG2 . ILE A 1 82  ? -11.395 5.254   -10.862 1.00 10.52  ? 82  ILE A CG2 1 
ATOM   644  C CD1 . ILE A 1 82  ? -12.246 3.260   -8.381  1.00 16.60  ? 82  ILE A CD1 1 
ATOM   645  N N   . ALA A 1 83  ? -12.109 8.552   -9.811  1.00 12.18  ? 83  ALA A N   1 
ATOM   646  C CA  . ALA A 1 83  ? -12.344 9.659   -10.743 1.00 14.06  ? 83  ALA A CA  1 
ATOM   647  C C   . ALA A 1 83  ? -11.389 10.817  -10.553 1.00 14.02  ? 83  ALA A C   1 
ATOM   648  O O   . ALA A 1 83  ? -10.953 11.473  -11.505 1.00 14.85  ? 83  ALA A O   1 
ATOM   649  C CB  . ALA A 1 83  ? -13.815 10.101  -10.764 1.00 13.64  ? 83  ALA A CB  1 
ATOM   650  N N   . ALA A 1 84  ? -11.042 11.063  -9.295  1.00 15.50  ? 84  ALA A N   1 
ATOM   651  C CA  . ALA A 1 84  ? -10.140 12.156  -9.018  1.00 11.19  ? 84  ALA A CA  1 
ATOM   652  C C   . ALA A 1 84  ? -8.773  11.862  -9.526  1.00 18.89  ? 84  ALA A C   1 
ATOM   653  O O   . ALA A 1 84  ? -7.957  12.774  -9.533  1.00 14.23  ? 84  ALA A O   1 
ATOM   654  C CB  . ALA A 1 84  ? -10.062 12.442  -7.510  1.00 10.22  ? 84  ALA A CB  1 
ATOM   655  N N   . CYS A 1 85  ? -8.501  10.587  -9.943  1.00 18.96  ? 85  CYS A N   1 
ATOM   656  C CA  . CYS A 1 85  ? -7.147  10.278  -10.442 1.00 18.04  ? 85  CYS A CA  1 
ATOM   657  C C   . CYS A 1 85  ? -6.896  10.752  -11.833 1.00 22.21  ? 85  CYS A C   1 
ATOM   658  O O   . CYS A 1 85  ? -5.755  11.087  -12.221 1.00 23.81  ? 85  CYS A O   1 
ATOM   659  C CB  . CYS A 1 85  ? -6.773  8.814   -10.345 1.00 18.27  ? 85  CYS A CB  1 
ATOM   660  S SG  . CYS A 1 85  ? -6.625  8.426   -8.606  1.00 16.70  ? 85  CYS A SG  1 
ATOM   661  N N   . GLY A 1 86  ? -8.008  10.788  -12.557 1.00 21.80  ? 86  GLY A N   1 
ATOM   662  C CA  . GLY A 1 86  ? -7.954  11.222  -13.916 1.00 24.98  ? 86  GLY A CA  1 
ATOM   663  C C   . GLY A 1 86  ? -7.549  10.057  -14.788 1.00 31.06  ? 86  GLY A C   1 
ATOM   664  O O   . GLY A 1 86  ? -7.763  8.866   -14.505 1.00 30.73  ? 86  GLY A O   1 
ATOM   665  N N   . ASP A 1 87  ? -6.951  10.429  -15.877 1.00 28.83  ? 87  ASP A N   1 
ATOM   666  C CA  . ASP A 1 87  ? -6.510  9.442   -16.781 1.00 23.17  ? 87  ASP A CA  1 
ATOM   667  C C   . ASP A 1 87  ? -5.052  9.273   -16.584 1.00 29.43  ? 87  ASP A C   1 
ATOM   668  O O   . ASP A 1 87  ? -4.284  10.110  -17.058 1.00 32.75  ? 87  ASP A O   1 
ATOM   669  C CB  . ASP A 1 87  ? -6.694  10.046  -18.140 1.00 34.04  ? 87  ASP A CB  1 
ATOM   670  C CG  . ASP A 1 87  ? -8.027  9.660   -18.636 1.00 70.74  ? 87  ASP A CG  1 
ATOM   671  O OD1 . ASP A 1 87  ? -9.071  9.923   -18.048 1.00 69.75  ? 87  ASP A OD1 1 
ATOM   672  O OD2 . ASP A 1 87  ? -7.903  8.811   -19.635 1.00 92.20  ? 87  ASP A OD2 1 
ATOM   673  N N   . VAL A 1 88  ? -4.686  8.229   -15.871 1.00 24.59  ? 88  VAL A N   1 
ATOM   674  C CA  . VAL A 1 88  ? -3.288  7.916   -15.607 1.00 15.01  ? 88  VAL A CA  1 
ATOM   675  C C   . VAL A 1 88  ? -3.117  6.445   -15.861 1.00 15.91  ? 88  VAL A C   1 
ATOM   676  O O   . VAL A 1 88  ? -4.043  5.640   -15.805 1.00 21.42  ? 88  VAL A O   1 
ATOM   677  C CB  . VAL A 1 88  ? -2.860  8.268   -14.240 1.00 10.01  ? 88  VAL A CB  1 
ATOM   678  C CG1 . VAL A 1 88  ? -3.042  9.766   -14.188 1.00 13.80  ? 88  VAL A CG1 1 
ATOM   679  C CG2 . VAL A 1 88  ? -3.849  7.663   -13.227 1.00 11.20  ? 88  VAL A CG2 1 
ATOM   680  N N   . PRO A 1 89  ? -1.926  6.090   -16.131 1.00 19.18  ? 89  PRO A N   1 
ATOM   681  C CA  . PRO A 1 89  ? -1.766  4.716   -16.373 1.00 16.85  ? 89  PRO A CA  1 
ATOM   682  C C   . PRO A 1 89  ? -1.968  3.792   -15.175 1.00 22.14  ? 89  PRO A C   1 
ATOM   683  O O   . PRO A 1 89  ? -2.532  2.664   -15.304 1.00 15.32  ? 89  PRO A O   1 
ATOM   684  C CB  . PRO A 1 89  ? -0.383  4.574   -17.030 1.00 18.88  ? 89  PRO A CB  1 
ATOM   685  C CG  . PRO A 1 89  ? 0.150   5.949   -17.286 1.00 10.96  ? 89  PRO A CG  1 
ATOM   686  C CD  . PRO A 1 89  ? -0.715  6.909   -16.478 1.00 12.04  ? 89  PRO A CD  1 
ATOM   687  N N   . GLU A 1 90  ? -1.489  4.230   -14.013 1.00 14.47  ? 90  GLU A N   1 
ATOM   688  C CA  . GLU A 1 90  ? -1.619  3.390   -12.851 1.00 14.92  ? 90  GLU A CA  1 
ATOM   689  C C   . GLU A 1 90  ? -1.852  4.224   -11.601 1.00 14.32  ? 90  GLU A C   1 
ATOM   690  O O   . GLU A 1 90  ? -1.214  5.265   -11.376 1.00 9.09   ? 90  GLU A O   1 
ATOM   691  C CB  . GLU A 1 90  ? -0.294  2.653   -12.712 1.00 18.28  ? 90  GLU A CB  1 
ATOM   692  C CG  . GLU A 1 90  ? -0.255  1.630   -11.574 1.00 17.66  ? 90  GLU A CG  1 
ATOM   693  C CD  . GLU A 1 90  ? 1.106   0.979   -11.474 1.00 16.09  ? 90  GLU A CD  1 
ATOM   694  O OE1 . GLU A 1 90  ? 2.121   1.397   -11.975 1.00 17.41  ? 90  GLU A OE1 1 
ATOM   695  O OE2 . GLU A 1 90  ? 1.041   -0.166  -10.917 1.00 15.46  ? 90  GLU A OE2 1 
ATOM   696  N N   . ILE A 1 91  ? -2.778  3.724   -10.818 1.00 11.43  ? 91  ILE A N   1 
ATOM   697  C CA  . ILE A 1 91  ? -3.214  4.313   -9.577  1.00 8.07   ? 91  ILE A CA  1 
ATOM   698  C C   . ILE A 1 91  ? -2.763  3.423   -8.474  1.00 15.30  ? 91  ILE A C   1 
ATOM   699  O O   . ILE A 1 91  ? -3.067  2.245   -8.536  1.00 12.96  ? 91  ILE A O   1 
ATOM   700  C CB  . ILE A 1 91  ? -4.747  4.288   -9.588  1.00 7.68   ? 91  ILE A CB  1 
ATOM   701  C CG1 . ILE A 1 91  ? -5.244  5.327   -10.585 1.00 14.56  ? 91  ILE A CG1 1 
ATOM   702  C CG2 . ILE A 1 91  ? -5.221  4.610   -8.180  1.00 12.45  ? 91  ILE A CG2 1 
ATOM   703  C CD1 . ILE A 1 91  ? -6.684  5.166   -11.034 1.00 11.17  ? 91  ILE A CD1 1 
ATOM   704  N N   . MET A 1 92  ? -2.047  3.954   -7.492  1.00 12.77  ? 92  MET A N   1 
ATOM   705  C CA  . MET A 1 92  ? -1.608  3.101   -6.434  1.00 9.62   ? 92  MET A CA  1 
ATOM   706  C C   . MET A 1 92  ? -2.485  3.238   -5.211  1.00 17.27  ? 92  MET A C   1 
ATOM   707  O O   . MET A 1 92  ? -2.698  4.359   -4.793  1.00 16.17  ? 92  MET A O   1 
ATOM   708  C CB  . MET A 1 92  ? -0.225  3.599   -6.046  1.00 5.95   ? 92  MET A CB  1 
ATOM   709  C CG  . MET A 1 92  ? 0.678   3.708   -7.236  1.00 13.74  ? 92  MET A CG  1 
ATOM   710  S SD  . MET A 1 92  ? 1.001   2.111   -8.015  1.00 17.67  ? 92  MET A SD  1 
ATOM   711  C CE  . MET A 1 92  ? 1.665   1.092   -6.669  1.00 6.90   ? 92  MET A CE  1 
ATOM   712  N N   . VAL A 1 93  ? -2.994  2.129   -4.646  1.00 8.21   ? 93  VAL A N   1 
ATOM   713  C CA  . VAL A 1 93  ? -3.812  2.147   -3.439  1.00 8.44   ? 93  VAL A CA  1 
ATOM   714  C C   . VAL A 1 93  ? -2.902  1.778   -2.309  1.00 8.75   ? 93  VAL A C   1 
ATOM   715  O O   . VAL A 1 93  ? -2.258  0.750   -2.335  1.00 8.31   ? 93  VAL A O   1 
ATOM   716  C CB  . VAL A 1 93  ? -4.946  1.211   -3.543  1.00 10.20  ? 93  VAL A CB  1 
ATOM   717  C CG1 . VAL A 1 93  ? -5.764  1.191   -2.253  1.00 8.58   ? 93  VAL A CG1 1 
ATOM   718  C CG2 . VAL A 1 93  ? -5.739  1.745   -4.730  1.00 4.66   ? 93  VAL A CG2 1 
ATOM   719  N N   . ILE A 1 94  ? -2.793  2.607   -1.303  1.00 7.88   ? 94  ILE A N   1 
ATOM   720  C CA  . ILE A 1 94  ? -1.883  2.271   -0.210  1.00 4.59   ? 94  ILE A CA  1 
ATOM   721  C C   . ILE A 1 94  ? -2.484  1.877   1.130   1.00 10.87  ? 94  ILE A C   1 
ATOM   722  O O   . ILE A 1 94  ? -1.748  1.920   2.077   1.00 14.21  ? 94  ILE A O   1 
ATOM   723  C CB  . ILE A 1 94  ? -0.849  3.377   0.008   1.00 16.98  ? 94  ILE A CB  1 
ATOM   724  C CG1 . ILE A 1 94  ? -1.516  4.574   0.685   1.00 10.69  ? 94  ILE A CG1 1 
ATOM   725  C CG2 . ILE A 1 94  ? -0.277  3.866   -1.342  1.00 13.61  ? 94  ILE A CG2 1 
ATOM   726  C CD1 . ILE A 1 94  ? -0.517  5.734   0.805   1.00 11.51  ? 94  ILE A CD1 1 
ATOM   727  N N   . GLY A 1 95  ? -3.734  1.476   1.228   1.00 7.40   ? 95  GLY A N   1 
ATOM   728  C CA  . GLY A 1 95  ? -4.265  1.065   2.477   1.00 8.03   ? 95  GLY A CA  1 
ATOM   729  C C   . GLY A 1 95  ? -5.117  2.108   3.092   1.00 11.29  ? 95  GLY A C   1 
ATOM   730  O O   . GLY A 1 95  ? -5.281  3.111   2.474   1.00 14.09  ? 95  GLY A O   1 
ATOM   731  N N   . GLY A 1 96  ? -5.654  1.893   4.308   1.00 17.36  ? 96  GLY A N   1 
ATOM   732  C CA  . GLY A 1 96  ? -5.432  0.668   5.064   1.00 15.75  ? 96  GLY A CA  1 
ATOM   733  C C   . GLY A 1 96  ? -6.227  -0.591  4.661   1.00 17.29  ? 96  GLY A C   1 
ATOM   734  O O   . GLY A 1 96  ? -6.666  -0.851  3.501   1.00 10.02  ? 96  GLY A O   1 
ATOM   735  N N   . GLY A 1 97  ? -6.396  -1.385  5.697   1.00 9.50   ? 97  GLY A N   1 
ATOM   736  C CA  . GLY A 1 97  ? -7.092  -2.625  5.578   1.00 8.36   ? 97  GLY A CA  1 
ATOM   737  C C   . GLY A 1 97  ? -8.384  -2.524  4.823   1.00 12.98  ? 97  GLY A C   1 
ATOM   738  O O   . GLY A 1 97  ? -8.601  -3.226  3.818   1.00 17.26  ? 97  GLY A O   1 
ATOM   739  N N   . ARG A 1 98  ? -9.220  -1.625  5.303   1.00 5.88   ? 98  ARG A N   1 
ATOM   740  C CA  . ARG A 1 98  ? -10.534 -1.385  4.682   1.00 9.18   ? 98  ARG A CA  1 
ATOM   741  C C   . ARG A 1 98  ? -10.414 -0.950  3.223   1.00 9.62   ? 98  ARG A C   1 
ATOM   742  O O   . ARG A 1 98  ? -11.218 -1.352  2.363   1.00 18.97  ? 98  ARG A O   1 
ATOM   743  C CB  . ARG A 1 98  ? -11.423 -0.428  5.558   1.00 6.17   ? 98  ARG A CB  1 
ATOM   744  C CG  . ARG A 1 98  ? -12.861 -0.217  5.058   1.00 21.54  ? 98  ARG A CG  1 
ATOM   745  C CD  . ARG A 1 98  ? -13.795 0.651   5.966   1.00 32.71  ? 98  ARG A CD  1 
ATOM   746  N NE  . ARG A 1 98  ? -15.019 1.186   5.271   1.00 30.07  ? 98  ARG A NE  1 
ATOM   747  C CZ  . ARG A 1 98  ? -15.780 2.239   5.686   1.00 27.75  ? 98  ARG A CZ  1 
ATOM   748  N NH1 . ARG A 1 98  ? -15.509 2.945   6.816   1.00 19.72  ? 98  ARG A NH1 1 
ATOM   749  N NH2 . ARG A 1 98  ? -16.832 2.590   4.948   1.00 27.18  ? 98  ARG A NH2 1 
ATOM   750  N N   . VAL A 1 99  ? -9.421  -0.090  2.912   1.00 19.24  ? 99  VAL A N   1 
ATOM   751  C CA  . VAL A 1 99  ? -9.266  0.374   1.526   1.00 16.47  ? 99  VAL A CA  1 
ATOM   752  C C   . VAL A 1 99  ? -8.804  -0.800  0.634   1.00 15.26  ? 99  VAL A C   1 
ATOM   753  O O   . VAL A 1 99  ? -9.244  -0.993  -0.533  1.00 13.00  ? 99  VAL A O   1 
ATOM   754  C CB  . VAL A 1 99  ? -8.342  1.597   1.556   1.00 14.63  ? 99  VAL A CB  1 
ATOM   755  C CG1 . VAL A 1 99  ? -7.897  2.139   0.197   1.00 8.01   ? 99  VAL A CG1 1 
ATOM   756  C CG2 . VAL A 1 99  ? -8.952  2.672   2.442   1.00 9.70   ? 99  VAL A CG2 1 
ATOM   757  N N   . TYR A 1 100 ? -7.893  -1.620  1.201   1.00 15.32  ? 100 TYR A N   1 
ATOM   758  C CA  . TYR A 1 100 ? -7.431  -2.755  0.418   1.00 12.15  ? 100 TYR A CA  1 
ATOM   759  C C   . TYR A 1 100 ? -8.608  -3.643  0.052   1.00 12.56  ? 100 TYR A C   1 
ATOM   760  O O   . TYR A 1 100 ? -8.754  -4.011  -1.114  1.00 14.31  ? 100 TYR A O   1 
ATOM   761  C CB  . TYR A 1 100 ? -6.390  -3.600  1.124   1.00 13.71  ? 100 TYR A CB  1 
ATOM   762  C CG  . TYR A 1 100 ? -5.034  -2.955  1.320   1.00 12.48  ? 100 TYR A CG  1 
ATOM   763  C CD1 . TYR A 1 100 ? -4.392  -2.261  0.288   1.00 7.82   ? 100 TYR A CD1 1 
ATOM   764  C CD2 . TYR A 1 100 ? -4.398  -3.070  2.567   1.00 13.78  ? 100 TYR A CD2 1 
ATOM   765  C CE1 . TYR A 1 100 ? -3.115  -1.710  0.475   1.00 5.52   ? 100 TYR A CE1 1 
ATOM   766  C CE2 . TYR A 1 100 ? -3.120  -2.526  2.768   1.00 13.83  ? 100 TYR A CE2 1 
ATOM   767  C CZ  . TYR A 1 100 ? -2.488  -1.844  1.725   1.00 9.94   ? 100 TYR A CZ  1 
ATOM   768  O OH  . TYR A 1 100 ? -1.262  -1.289  1.925   1.00 18.17  ? 100 TYR A OH  1 
ATOM   769  N N   . GLU A 1 101 ? -9.453  -3.966  1.062   1.00 10.56  ? 101 GLU A N   1 
ATOM   770  C CA  . GLU A 1 101 ? -10.650 -4.826  0.839   1.00 14.00  ? 101 GLU A CA  1 
ATOM   771  C C   . GLU A 1 101 ? -11.519 -4.327  -0.298  1.00 14.98  ? 101 GLU A C   1 
ATOM   772  O O   . GLU A 1 101 ? -11.980 -5.054  -1.158  1.00 20.50  ? 101 GLU A O   1 
ATOM   773  C CB  . GLU A 1 101 ? -11.516 -4.981  2.085   1.00 10.34  ? 101 GLU A CB  1 
ATOM   774  C CG  . GLU A 1 101 ? -11.324 -6.301  2.826   1.00 29.45  ? 101 GLU A CG  1 
ATOM   775  C CD  . GLU A 1 101 ? -11.970 -6.265  4.199   1.00 40.91  ? 101 GLU A CD  1 
ATOM   776  O OE1 . GLU A 1 101 ? -12.771 -5.419  4.502   1.00 32.69  ? 101 GLU A OE1 1 
ATOM   777  O OE2 . GLU A 1 101 ? -11.459 -7.110  5.087   1.00 54.05  ? 101 GLU A OE2 1 
ATOM   778  N N   . GLN A 1 102 ? -11.733 -3.025  -0.305  1.00 13.90  ? 102 GLN A N   1 
ATOM   779  C CA  . GLN A 1 102 ? -12.526 -2.397  -1.314  1.00 10.73  ? 102 GLN A CA  1 
ATOM   780  C C   . GLN A 1 102 ? -11.950 -2.388  -2.705  1.00 14.54  ? 102 GLN A C   1 
ATOM   781  O O   . GLN A 1 102 ? -12.704 -2.546  -3.673  1.00 14.81  ? 102 GLN A O   1 
ATOM   782  C CB  . GLN A 1 102 ? -12.718 -0.912  -0.920  1.00 5.86   ? 102 GLN A CB  1 
ATOM   783  C CG  . GLN A 1 102 ? -13.933 -0.857  -0.004  1.00 13.47  ? 102 GLN A CG  1 
ATOM   784  C CD  . GLN A 1 102 ? -14.105 0.456   0.721   1.00 18.31  ? 102 GLN A CD  1 
ATOM   785  O OE1 . GLN A 1 102 ? -15.094 1.138   0.447   1.00 15.39  ? 102 GLN A OE1 1 
ATOM   786  N NE2 . GLN A 1 102 ? -13.229 0.710   1.730   1.00 15.12  ? 102 GLN A NE2 1 
ATOM   787  N N   . PHE A 1 103 ? -10.646 -2.178  -2.830  1.00 14.70  ? 103 PHE A N   1 
ATOM   788  C CA  . PHE A 1 103 ? -10.057 -2.091  -4.157  1.00 11.78  ? 103 PHE A CA  1 
ATOM   789  C C   . PHE A 1 103 ? -9.542  -3.306  -4.830  1.00 18.73  ? 103 PHE A C   1 
ATOM   790  O O   . PHE A 1 103 ? -9.376  -3.299  -6.042  1.00 15.15  ? 103 PHE A O   1 
ATOM   791  C CB  . PHE A 1 103 ? -8.882  -1.091  -4.088  1.00 16.11  ? 103 PHE A CB  1 
ATOM   792  C CG  . PHE A 1 103 ? -9.345  0.348   -4.094  1.00 13.61  ? 103 PHE A CG  1 
ATOM   793  C CD1 . PHE A 1 103 ? -9.528  1.015   -5.306  1.00 17.42  ? 103 PHE A CD1 1 
ATOM   794  C CD2 . PHE A 1 103 ? -9.618  1.036   -2.912  1.00 12.38  ? 103 PHE A CD2 1 
ATOM   795  C CE1 . PHE A 1 103 ? -9.970  2.340   -5.351  1.00 8.53   ? 103 PHE A CE1 1 
ATOM   796  C CE2 . PHE A 1 103 ? -10.053 2.365   -2.936  1.00 13.71  ? 103 PHE A CE2 1 
ATOM   797  C CZ  . PHE A 1 103 ? -10.239 3.016   -4.160  1.00 5.85   ? 103 PHE A CZ  1 
ATOM   798  N N   . LEU A 1 104 ? -9.269  -4.322  -4.043  1.00 17.62  ? 104 LEU A N   1 
ATOM   799  C CA  . LEU A 1 104 ? -8.745  -5.583  -4.535  1.00 23.16  ? 104 LEU A CA  1 
ATOM   800  C C   . LEU A 1 104 ? -9.472  -6.165  -5.741  1.00 23.09  ? 104 LEU A C   1 
ATOM   801  O O   . LEU A 1 104 ? -8.857  -6.567  -6.723  1.00 19.66  ? 104 LEU A O   1 
ATOM   802  C CB  . LEU A 1 104 ? -8.710  -6.590  -3.362  1.00 26.89  ? 104 LEU A CB  1 
ATOM   803  C CG  . LEU A 1 104 ? -8.051  -7.937  -3.627  1.00 28.83  ? 104 LEU A CG  1 
ATOM   804  C CD1 . LEU A 1 104 ? -6.530  -7.832  -3.607  1.00 30.61  ? 104 LEU A CD1 1 
ATOM   805  C CD2 . LEU A 1 104 ? -8.476  -8.895  -2.528  1.00 33.26  ? 104 LEU A CD2 1 
ATOM   806  N N   . PRO A 1 105 ? -10.778 -6.223  -5.675  1.00 22.65  ? 105 PRO A N   1 
ATOM   807  C CA  . PRO A 1 105 ? -11.559 -6.773  -6.757  1.00 18.29  ? 105 PRO A CA  1 
ATOM   808  C C   . PRO A 1 105 ? -11.391 -5.954  -7.988  1.00 24.67  ? 105 PRO A C   1 
ATOM   809  O O   . PRO A 1 105 ? -11.656 -6.373  -9.112  1.00 23.16  ? 105 PRO A O   1 
ATOM   810  C CB  . PRO A 1 105 ? -13.005 -6.665  -6.351  1.00 21.37  ? 105 PRO A CB  1 
ATOM   811  C CG  . PRO A 1 105 ? -13.016 -6.169  -4.914  1.00 19.76  ? 105 PRO A CG  1 
ATOM   812  C CD  . PRO A 1 105 ? -11.614 -5.719  -4.590  1.00 17.40  ? 105 PRO A CD  1 
ATOM   813  N N   . LYS A 1 106 ? -10.934 -4.742  -7.791  1.00 22.03  ? 106 LYS A N   1 
ATOM   814  C CA  . LYS A 1 106 ? -10.740 -3.894  -8.947  1.00 20.22  ? 106 LYS A CA  1 
ATOM   815  C C   . LYS A 1 106 ? -9.298  -3.857  -9.357  1.00 18.37  ? 106 LYS A C   1 
ATOM   816  O O   . LYS A 1 106 ? -9.007  -3.308  -10.389 1.00 16.50  ? 106 LYS A O   1 
ATOM   817  C CB  . LYS A 1 106 ? -11.093 -2.466  -8.596  1.00 23.13  ? 106 LYS A CB  1 
ATOM   818  C CG  . LYS A 1 106 ? -12.556 -2.259  -8.277  1.00 29.85  ? 106 LYS A CG  1 
ATOM   819  C CD  . LYS A 1 106 ? -12.844 -0.822  -7.872  1.00 34.88  ? 106 LYS A CD  1 
ATOM   820  C CE  . LYS A 1 106 ? -14.242 -0.360  -8.285  1.00 49.71  ? 106 LYS A CE  1 
ATOM   821  N NZ  . LYS A 1 106 ? -15.323 -0.846  -7.406  1.00 59.61  ? 106 LYS A NZ  1 
ATOM   822  N N   . ALA A 1 107 ? -8.388  -4.426  -8.565  1.00 17.78  ? 107 ALA A N   1 
ATOM   823  C CA  . ALA A 1 107 ? -6.983  -4.344  -8.930  1.00 14.13  ? 107 ALA A CA  1 
ATOM   824  C C   . ALA A 1 107 ? -6.488  -5.330  -9.899  1.00 18.42  ? 107 ALA A C   1 
ATOM   825  O O   . ALA A 1 107 ? -6.972  -6.436  -9.979  1.00 24.33  ? 107 ALA A O   1 
ATOM   826  C CB  . ALA A 1 107 ? -6.101  -4.448  -7.698  1.00 13.41  ? 107 ALA A CB  1 
ATOM   827  N N   . GLN A 1 108 ? -5.492  -4.903  -10.628 1.00 9.21   ? 108 GLN A N   1 
ATOM   828  C CA  . GLN A 1 108 ? -4.850  -5.739  -11.619 1.00 19.96  ? 108 GLN A CA  1 
ATOM   829  C C   . GLN A 1 108 ? -3.423  -6.122  -11.280 1.00 21.86  ? 108 GLN A C   1 
ATOM   830  O O   . GLN A 1 108 ? -2.796  -6.951  -11.987 1.00 15.60  ? 108 GLN A O   1 
ATOM   831  C CB  . GLN A 1 108 ? -4.643  -4.954  -12.894 1.00 22.59  ? 108 GLN A CB  1 
ATOM   832  C CG  . GLN A 1 108 ? -5.932  -5.098  -13.644 1.00 48.66  ? 108 GLN A CG  1 
ATOM   833  C CD  . GLN A 1 108 ? -6.261  -6.507  -14.169 1.00 60.60  ? 108 GLN A CD  1 
ATOM   834  O OE1 . GLN A 1 108 ? -5.383  -7.238  -14.706 1.00 60.39  ? 108 GLN A OE1 1 
ATOM   835  N NE2 . GLN A 1 108 ? -7.556  -6.860  -14.074 1.00 54.76  ? 108 GLN A NE2 1 
ATOM   836  N N   . LYS A 1 109 ? -2.886  -5.488  -10.237 1.00 21.83  ? 109 LYS A N   1 
ATOM   837  C CA  . LYS A 1 109 ? -1.515  -5.771  -9.875  1.00 11.40  ? 109 LYS A CA  1 
ATOM   838  C C   . LYS A 1 109 ? -1.339  -5.592  -8.414  1.00 14.24  ? 109 LYS A C   1 
ATOM   839  O O   . LYS A 1 109 ? -2.044  -4.778  -7.796  1.00 9.14   ? 109 LYS A O   1 
ATOM   840  C CB  . LYS A 1 109 ? -0.783  -4.666  -10.550 1.00 14.33  ? 109 LYS A CB  1 
ATOM   841  C CG  . LYS A 1 109 ? 0.684   -4.833  -10.779 1.00 27.48  ? 109 LYS A CG  1 
ATOM   842  C CD  . LYS A 1 109 ? 1.026   -3.985  -12.004 1.00 34.25  ? 109 LYS A CD  1 
ATOM   843  C CE  . LYS A 1 109 ? 2.456   -4.101  -12.458 1.00 39.69  ? 109 LYS A CE  1 
ATOM   844  N NZ  . LYS A 1 109 ? 2.741   -3.287  -13.654 1.00 47.75  ? 109 LYS A NZ  1 
ATOM   845  N N   . LEU A 1 110 ? -0.421  -6.363  -7.859  1.00 4.41   ? 110 LEU A N   1 
ATOM   846  C CA  . LEU A 1 110 ? -0.180  -6.254  -6.436  1.00 11.58  ? 110 LEU A CA  1 
ATOM   847  C C   . LEU A 1 110 ? 1.336   -6.177  -6.271  1.00 20.12  ? 110 LEU A C   1 
ATOM   848  O O   . LEU A 1 110 ? 2.038   -6.964  -6.871  1.00 18.07  ? 110 LEU A O   1 
ATOM   849  C CB  . LEU A 1 110 ? -0.638  -7.511  -5.637  1.00 12.47  ? 110 LEU A CB  1 
ATOM   850  C CG  . LEU A 1 110 ? -2.125  -7.902  -5.739  1.00 15.93  ? 110 LEU A CG  1 
ATOM   851  C CD1 . LEU A 1 110 ? -2.428  -9.220  -5.022  1.00 14.23  ? 110 LEU A CD1 1 
ATOM   852  C CD2 . LEU A 1 110 ? -2.994  -6.832  -5.107  1.00 12.33  ? 110 LEU A CD2 1 
ATOM   853  N N   . TYR A 1 111 ? 1.820   -5.225  -5.474  1.00 12.30  ? 111 TYR A N   1 
ATOM   854  C CA  . TYR A 1 111 ? 3.213   -5.053  -5.185  1.00 11.43  ? 111 TYR A CA  1 
ATOM   855  C C   . TYR A 1 111 ? 3.257   -5.354  -3.710  1.00 13.43  ? 111 TYR A C   1 
ATOM   856  O O   . TYR A 1 111 ? 2.744   -4.592  -2.845  1.00 9.52   ? 111 TYR A O   1 
ATOM   857  C CB  . TYR A 1 111 ? 3.675   -3.591  -5.362  1.00 14.45  ? 111 TYR A CB  1 
ATOM   858  C CG  . TYR A 1 111 ? 3.629   -2.985  -6.741  1.00 14.59  ? 111 TYR A CG  1 
ATOM   859  C CD1 . TYR A 1 111 ? 2.410   -2.627  -7.321  1.00 18.41  ? 111 TYR A CD1 1 
ATOM   860  C CD2 . TYR A 1 111 ? 4.813   -2.742  -7.444  1.00 12.91  ? 111 TYR A CD2 1 
ATOM   861  C CE1 . TYR A 1 111 ? 2.360   -2.060  -8.597  1.00 15.77  ? 111 TYR A CE1 1 
ATOM   862  C CE2 . TYR A 1 111 ? 4.782   -2.156  -8.710  1.00 14.94  ? 111 TYR A CE2 1 
ATOM   863  C CZ  . TYR A 1 111 ? 3.555   -1.818  -9.274  1.00 16.27  ? 111 TYR A CZ  1 
ATOM   864  O OH  . TYR A 1 111 ? 3.526   -1.251  -10.499 1.00 14.55  ? 111 TYR A OH  1 
ATOM   865  N N   . LEU A 1 112 ? 3.831   -6.482  -3.427  1.00 11.77  ? 112 LEU A N   1 
ATOM   866  C CA  . LEU A 1 112 ? 3.957   -6.943  -2.052  1.00 7.30   ? 112 LEU A CA  1 
ATOM   867  C C   . LEU A 1 112 ? 5.395   -7.125  -1.474  1.00 19.48  ? 112 LEU A C   1 
ATOM   868  O O   . LEU A 1 112 ? 6.327   -7.569  -2.156  1.00 14.60  ? 112 LEU A O   1 
ATOM   869  C CB  . LEU A 1 112 ? 3.229   -8.317  -1.908  1.00 11.18  ? 112 LEU A CB  1 
ATOM   870  C CG  . LEU A 1 112 ? 1.746   -8.336  -2.357  1.00 14.99  ? 112 LEU A CG  1 
ATOM   871  C CD1 . LEU A 1 112 ? 1.117   -9.702  -2.003  1.00 9.08   ? 112 LEU A CD1 1 
ATOM   872  C CD2 . LEU A 1 112 ? 0.948   -7.203  -1.733  1.00 17.31  ? 112 LEU A CD2 1 
ATOM   873  N N   . THR A 1 113 ? 5.571   -6.792  -0.182  1.00 10.65  ? 113 THR A N   1 
ATOM   874  C CA  . THR A 1 113 ? 6.860   -6.992  0.447   1.00 11.58  ? 113 THR A CA  1 
ATOM   875  C C   . THR A 1 113 ? 6.580   -8.077  1.505   1.00 9.70   ? 113 THR A C   1 
ATOM   876  O O   . THR A 1 113 ? 5.773   -7.885  2.397   1.00 12.79  ? 113 THR A O   1 
ATOM   877  C CB  . THR A 1 113 ? 7.427   -5.724  1.114   1.00 11.85  ? 113 THR A CB  1 
ATOM   878  O OG1 . THR A 1 113 ? 7.630   -4.800  0.082   1.00 10.50  ? 113 THR A OG1 1 
ATOM   879  C CG2 . THR A 1 113 ? 8.808   -6.043  1.689   1.00 9.05   ? 113 THR A CG2 1 
ATOM   880  N N   . HIS A 1 114 ? 7.208   -9.204  1.470   1.00 12.56  ? 114 HIS A N   1 
ATOM   881  C CA  . HIS A 1 114 ? 6.922   -10.205 2.486   1.00 12.45  ? 114 HIS A CA  1 
ATOM   882  C C   . HIS A 1 114 ? 7.973   -10.154 3.499   1.00 15.32  ? 114 HIS A C   1 
ATOM   883  O O   . HIS A 1 114 ? 9.113   -10.459 3.223   1.00 10.41  ? 114 HIS A O   1 
ATOM   884  C CB  . HIS A 1 114 ? 6.875   -11.663 1.958   1.00 14.02  ? 114 HIS A CB  1 
ATOM   885  C CG  . HIS A 1 114 ? 5.916   -11.832 0.824   1.00 9.36   ? 114 HIS A CG  1 
ATOM   886  N ND1 . HIS A 1 114 ? 4.571   -12.123 1.045   1.00 14.55  ? 114 HIS A ND1 1 
ATOM   887  C CD2 . HIS A 1 114 ? 6.132   -11.738 -0.528  1.00 8.28   ? 114 HIS A CD2 1 
ATOM   888  C CE1 . HIS A 1 114 ? 3.997   -12.203 -0.155  1.00 13.71  ? 114 HIS A CE1 1 
ATOM   889  N NE2 . HIS A 1 114 ? 4.910   -11.970 -1.123  1.00 12.31  ? 114 HIS A NE2 1 
ATOM   890  N N   . ILE A 1 115 ? 7.579   -9.806  4.688   1.00 14.75  ? 115 ILE A N   1 
ATOM   891  C CA  . ILE A 1 115 ? 8.519   -9.682  5.808   1.00 22.16  ? 115 ILE A CA  1 
ATOM   892  C C   . ILE A 1 115 ? 8.549   -10.865 6.750   1.00 19.72  ? 115 ILE A C   1 
ATOM   893  O O   . ILE A 1 115 ? 7.485   -11.362 7.195   1.00 16.19  ? 115 ILE A O   1 
ATOM   894  C CB  . ILE A 1 115 ? 8.256   -8.349  6.561   1.00 19.21  ? 115 ILE A CB  1 
ATOM   895  C CG1 . ILE A 1 115 ? 8.165   -7.255  5.479   1.00 14.14  ? 115 ILE A CG1 1 
ATOM   896  C CG2 . ILE A 1 115 ? 9.386   -8.083  7.570   1.00 15.58  ? 115 ILE A CG2 1 
ATOM   897  C CD1 . ILE A 1 115 ? 7.944   -5.831  5.955   1.00 25.97  ? 115 ILE A CD1 1 
ATOM   898  N N   . ASP A 1 116 ? 9.776   -11.314 7.041   1.00 13.06  ? 116 ASP A N   1 
ATOM   899  C CA  . ASP A 1 116 ? 9.885   -12.440 7.955   1.00 20.72  ? 116 ASP A CA  1 
ATOM   900  C C   . ASP A 1 116 ? 10.027  -11.931 9.368   1.00 30.77  ? 116 ASP A C   1 
ATOM   901  O O   . ASP A 1 116 ? 11.158  -11.775 9.851   1.00 30.41  ? 116 ASP A O   1 
ATOM   902  C CB  . ASP A 1 116 ? 11.049  -13.375 7.744   1.00 37.82  ? 116 ASP A CB  1 
ATOM   903  C CG  . ASP A 1 116 ? 10.828  -14.665 8.526   1.00 77.85  ? 116 ASP A CG  1 
ATOM   904  O OD1 . ASP A 1 116 ? 9.829   -15.397 8.386   1.00 81.91  ? 116 ASP A OD1 1 
ATOM   905  O OD2 . ASP A 1 116 ? 11.758  -14.873 9.453   1.00 91.51  ? 116 ASP A OD2 1 
ATOM   906  N N   . ALA A 1 117 ? 8.857   -11.693 9.991   1.00 31.47  ? 117 ALA A N   1 
ATOM   907  C CA  . ALA A 1 117 ? 8.677   -11.173 11.341  1.00 19.98  ? 117 ALA A CA  1 
ATOM   908  C C   . ALA A 1 117 ? 7.322   -11.539 11.794  1.00 24.55  ? 117 ALA A C   1 
ATOM   909  O O   . ALA A 1 117 ? 6.392   -11.022 11.242  1.00 29.52  ? 117 ALA A O   1 
ATOM   910  C CB  . ALA A 1 117 ? 8.656   -9.649  11.287  1.00 13.93  ? 117 ALA A CB  1 
ATOM   911  N N   . GLU A 1 118 ? 7.203   -12.421 12.766  1.00 38.53  ? 118 GLU A N   1 
ATOM   912  C CA  . GLU A 1 118 ? 5.882   -12.794 13.250  1.00 48.88  ? 118 GLU A CA  1 
ATOM   913  C C   . GLU A 1 118 ? 5.438   -11.755 14.246  1.00 45.10  ? 118 GLU A C   1 
ATOM   914  O O   . GLU A 1 118 ? 6.050   -11.580 15.281  1.00 48.96  ? 118 GLU A O   1 
ATOM   915  C CB  . GLU A 1 118 ? 5.754   -14.202 13.888  1.00 46.20  ? 118 GLU A CB  1 
ATOM   916  C CG  . GLU A 1 118 ? 4.450   -14.586 14.377  0.00 50.00  ? 118 GLU A CG  1 
ATOM   917  C CD  . GLU A 1 118 ? 4.379   -15.969 14.986  0.00 50.00  ? 118 GLU A CD  1 
ATOM   918  O OE1 . GLU A 1 118 ? 5.422   -16.654 15.025  0.00 50.00  ? 118 GLU A OE1 1 
ATOM   919  O OE2 . GLU A 1 118 ? 3.280   -16.367 15.426  0.00 50.00  ? 118 GLU A OE2 1 
ATOM   920  N N   . VAL A 1 119 ? 4.381   -11.065 13.925  1.00 43.63  ? 119 VAL A N   1 
ATOM   921  C CA  . VAL A 1 119 ? 3.882   -10.082 14.810  1.00 50.49  ? 119 VAL A CA  1 
ATOM   922  C C   . VAL A 1 119 ? 2.439   -10.307 14.934  1.00 60.03  ? 119 VAL A C   1 
ATOM   923  O O   . VAL A 1 119 ? 1.838   -10.763 13.967  1.00 67.07  ? 119 VAL A O   1 
ATOM   924  C CB  . VAL A 1 119 ? 4.219   -8.641  14.532  1.00 54.83  ? 119 VAL A CB  1 
ATOM   925  C CG1 . VAL A 1 119 ? 5.547   -8.370  15.217  1.00 67.54  ? 119 VAL A CG1 1 
ATOM   926  C CG2 . VAL A 1 119 ? 4.359   -8.409  13.050  1.00 42.61  ? 119 VAL A CG2 1 
ATOM   927  N N   . GLU A 1 120 ? 1.952   -10.007 16.143  1.00 67.86  ? 120 GLU A N   1 
ATOM   928  C CA  . GLU A 1 120 ? 0.557   -10.128 16.557  1.00 74.99  ? 120 GLU A CA  1 
ATOM   929  C C   . GLU A 1 120 ? -0.110  -8.800  16.240  1.00 72.90  ? 120 GLU A C   1 
ATOM   930  O O   . GLU A 1 120 ? 0.138   -7.744  16.849  1.00 73.53  ? 120 GLU A O   1 
ATOM   931  C CB  . GLU A 1 120 ? 0.389   -10.559 18.045  1.00 76.11  ? 120 GLU A CB  1 
ATOM   932  C CG  . GLU A 1 120 ? -1.044  -10.682 18.476  0.00 20.00  ? 120 GLU A CG  1 
ATOM   933  C CD  . GLU A 1 120 ? -1.162  -11.105 19.926  0.00 20.00  ? 120 GLU A CD  1 
ATOM   934  O OE1 . GLU A 1 120 ? -0.112  -11.294 20.577  0.00 20.00  ? 120 GLU A OE1 1 
ATOM   935  O OE2 . GLU A 1 120 ? -2.303  -11.247 20.412  0.00 20.00  ? 120 GLU A OE2 1 
ATOM   936  N N   . GLY A 1 121 ? -0.965  -8.845  15.250  1.00 70.34  ? 121 GLY A N   1 
ATOM   937  C CA  . GLY A 1 121 ? -1.611  -7.622  14.873  1.00 62.72  ? 121 GLY A CA  1 
ATOM   938  C C   . GLY A 1 121 ? -3.066  -7.805  14.638  1.00 52.58  ? 121 GLY A C   1 
ATOM   939  O O   . GLY A 1 121 ? -3.629  -8.907  14.665  1.00 36.73  ? 121 GLY A O   1 
ATOM   940  N N   . ASP A 1 122 ? -3.623  -6.653  14.407  1.00 67.31  ? 122 ASP A N   1 
ATOM   941  C CA  . ASP A 1 122 ? -5.031  -6.493  14.165  1.00 79.81  ? 122 ASP A CA  1 
ATOM   942  C C   . ASP A 1 122 ? -5.557  -6.880  12.770  1.00 68.22  ? 122 ASP A C   1 
ATOM   943  O O   . ASP A 1 122 ? -6.346  -7.829  12.621  1.00 60.79  ? 122 ASP A O   1 
ATOM   944  C CB  . ASP A 1 122 ? -5.457  -5.086  14.667  1.00 86.25  ? 122 ASP A CB  1 
ATOM   945  C CG  . ASP A 1 122 ? -4.651  -3.930  14.124  1.00 84.62  ? 122 ASP A CG  1 
ATOM   946  O OD1 . ASP A 1 122 ? -4.344  -4.066  12.850  1.00 85.23  ? 122 ASP A OD1 1 
ATOM   947  O OD2 . ASP A 1 122 ? -4.414  -2.930  14.785  1.00 82.03  ? 122 ASP A OD2 1 
ATOM   948  N N   . THR A 1 123 ? -5.105  -6.125  11.778  1.00 58.79  ? 123 THR A N   1 
ATOM   949  C CA  . THR A 1 123 ? -5.475  -6.317  10.408  1.00 58.67  ? 123 THR A CA  1 
ATOM   950  C C   . THR A 1 123 ? -4.537  -7.187  9.561   1.00 48.29  ? 123 THR A C   1 
ATOM   951  O O   . THR A 1 123 ? -3.325  -7.204  9.747   1.00 41.73  ? 123 THR A O   1 
ATOM   952  C CB  . THR A 1 123 ? -5.768  -4.945  9.794   1.00 61.51  ? 123 THR A CB  1 
ATOM   953  O OG1 . THR A 1 123 ? -5.290  -3.964  10.694  1.00 56.45  ? 123 THR A OG1 1 
ATOM   954  C CG2 . THR A 1 123 ? -7.276  -4.787  9.591   1.00 66.33  ? 123 THR A CG2 1 
ATOM   955  N N   . HIS A 1 124 ? -5.173  -7.900  8.626   1.00 38.17  ? 124 HIS A N   1 
ATOM   956  C CA  . HIS A 1 124 ? -4.572  -8.800  7.654   1.00 39.69  ? 124 HIS A CA  1 
ATOM   957  C C   . HIS A 1 124 ? -4.800  -8.277  6.263   1.00 38.79  ? 124 HIS A C   1 
ATOM   958  O O   . HIS A 1 124 ? -5.792  -7.599  6.001   1.00 40.29  ? 124 HIS A O   1 
ATOM   959  C CB  . HIS A 1 124 ? -5.180  -10.198 7.776   1.00 39.94  ? 124 HIS A CB  1 
ATOM   960  C CG  . HIS A 1 124 ? -4.760  -10.707 9.121   1.00 59.50  ? 124 HIS A CG  1 
ATOM   961  N ND1 . HIS A 1 124 ? -4.167  -11.954 9.304   1.00 64.42  ? 124 HIS A ND1 1 
ATOM   962  C CD2 . HIS A 1 124 ? -4.837  -10.086 10.332  1.00 50.70  ? 124 HIS A CD2 1 
ATOM   963  C CE1 . HIS A 1 124 ? -3.917  -12.067 10.591  1.00 51.80  ? 124 HIS A CE1 1 
ATOM   964  N NE2 . HIS A 1 124 ? -4.316  -10.962 11.229  1.00 52.40  ? 124 HIS A NE2 1 
ATOM   965  N N   . PHE A 1 125 ? -3.910  -8.565  5.358   1.00 29.18  ? 125 PHE A N   1 
ATOM   966  C CA  . PHE A 1 125 ? -4.168  -8.069  4.042   1.00 20.24  ? 125 PHE A CA  1 
ATOM   967  C C   . PHE A 1 125 ? -5.301  -8.915  3.586   1.00 26.83  ? 125 PHE A C   1 
ATOM   968  O O   . PHE A 1 125 ? -5.428  -9.999  4.131   1.00 29.89  ? 125 PHE A O   1 
ATOM   969  C CB  . PHE A 1 125 ? -2.968  -8.402  3.179   1.00 12.48  ? 125 PHE A CB  1 
ATOM   970  C CG  . PHE A 1 125 ? -3.018  -7.831  1.821   1.00 15.83  ? 125 PHE A CG  1 
ATOM   971  C CD1 . PHE A 1 125 ? -2.876  -6.456  1.625   1.00 17.96  ? 125 PHE A CD1 1 
ATOM   972  C CD2 . PHE A 1 125 ? -3.196  -8.672  0.713   1.00 22.35  ? 125 PHE A CD2 1 
ATOM   973  C CE1 . PHE A 1 125 ? -2.915  -5.935  0.325   1.00 20.95  ? 125 PHE A CE1 1 
ATOM   974  C CE2 . PHE A 1 125 ? -3.216  -8.170  -0.587  1.00 18.46  ? 125 PHE A CE2 1 
ATOM   975  C CZ  . PHE A 1 125 ? -3.062  -6.793  -0.764  1.00 18.37  ? 125 PHE A CZ  1 
ATOM   976  N N   . PRO A 1 126 ? -6.109  -8.457  2.623   1.00 26.66  ? 126 PRO A N   1 
ATOM   977  C CA  . PRO A 1 126 ? -7.190  -9.273  2.176   1.00 20.30  ? 126 PRO A CA  1 
ATOM   978  C C   . PRO A 1 126 ? -6.697  -10.570 1.509   1.00 22.64  ? 126 PRO A C   1 
ATOM   979  O O   . PRO A 1 126 ? -5.625  -10.694 0.941   1.00 23.71  ? 126 PRO A O   1 
ATOM   980  C CB  . PRO A 1 126 ? -8.002  -8.439  1.189   1.00 21.90  ? 126 PRO A CB  1 
ATOM   981  C CG  . PRO A 1 126 ? -7.359  -7.070  1.128   1.00 19.20  ? 126 PRO A CG  1 
ATOM   982  C CD  . PRO A 1 126 ? -6.094  -7.143  1.942   1.00 21.87  ? 126 PRO A CD  1 
ATOM   983  N N   . ASP A 1 127 ? -7.511  -11.575 1.546   1.00 21.84  ? 127 ASP A N   1 
ATOM   984  C CA  . ASP A 1 127 ? -7.092  -12.795 0.948   1.00 37.90  ? 127 ASP A CA  1 
ATOM   985  C C   . ASP A 1 127 ? -7.208  -12.774 -0.555  1.00 44.12  ? 127 ASP A C   1 
ATOM   986  O O   . ASP A 1 127 ? -8.278  -12.522 -1.064  1.00 46.60  ? 127 ASP A O   1 
ATOM   987  C CB  . ASP A 1 127 ? -7.964  -13.937 1.522   1.00 49.05  ? 127 ASP A CB  1 
ATOM   988  C CG  . ASP A 1 127 ? -7.765  -15.279 0.761   0.00 50.00  ? 127 ASP A CG  1 
ATOM   989  O OD1 . ASP A 1 127 ? -6.613  -15.636 0.434   0.00 50.00  ? 127 ASP A OD1 1 
ATOM   990  O OD2 . ASP A 1 127 ? -8.789  -15.939 0.487   0.00 50.00  ? 127 ASP A OD2 1 
ATOM   991  N N   . TYR A 1 128 ? -6.126  -13.040 -1.286  1.00 50.10  ? 128 TYR A N   1 
ATOM   992  C CA  . TYR A 1 128 ? -6.219  -13.057 -2.741  1.00 39.63  ? 128 TYR A CA  1 
ATOM   993  C C   . TYR A 1 128 ? -6.092  -14.468 -3.245  1.00 46.63  ? 128 TYR A C   1 
ATOM   994  O O   . TYR A 1 128 ? -5.136  -15.171 -2.940  1.00 52.08  ? 128 TYR A O   1 
ATOM   995  C CB  . TYR A 1 128 ? -5.264  -12.134 -3.486  1.00 27.78  ? 128 TYR A CB  1 
ATOM   996  C CG  . TYR A 1 128 ? -3.903  -12.309 -2.952  1.00 31.03  ? 128 TYR A CG  1 
ATOM   997  C CD1 . TYR A 1 128 ? -3.565  -11.725 -1.733  1.00 33.19  ? 128 TYR A CD1 1 
ATOM   998  C CD2 . TYR A 1 128 ? -2.968  -13.072 -3.642  1.00 29.88  ? 128 TYR A CD2 1 
ATOM   999  C CE1 . TYR A 1 128 ? -2.296  -11.889 -1.187  1.00 32.77  ? 128 TYR A CE1 1 
ATOM   1000 C CE2 . TYR A 1 128 ? -1.683  -13.242 -3.115  1.00 29.65  ? 128 TYR A CE2 1 
ATOM   1001 C CZ  . TYR A 1 128 ? -1.362  -12.656 -1.889  1.00 40.70  ? 128 TYR A CZ  1 
ATOM   1002 O OH  . TYR A 1 128 ? -0.099  -12.829 -1.380  1.00 50.18  ? 128 TYR A OH  1 
ATOM   1003 N N   . GLU A 1 129 ? -7.074  -14.855 -4.019  1.00 39.38  ? 129 GLU A N   1 
ATOM   1004 C CA  . GLU A 1 129 ? -7.122  -16.176 -4.588  1.00 42.43  ? 129 GLU A CA  1 
ATOM   1005 C C   . GLU A 1 129 ? -5.931  -16.525 -5.523  1.00 35.44  ? 129 GLU A C   1 
ATOM   1006 O O   . GLU A 1 129 ? -5.736  -15.976 -6.604  1.00 36.46  ? 129 GLU A O   1 
ATOM   1007 C CB  . GLU A 1 129 ? -8.526  -16.424 -5.163  1.00 51.05  ? 129 GLU A CB  1 
ATOM   1008 C CG  . GLU A 1 129 ? -8.564  -17.343 -6.386  1.00 72.39  ? 129 GLU A CG  1 
ATOM   1009 C CD  . GLU A 1 129 ? -9.926  -17.950 -6.478  1.00 92.55  ? 129 GLU A CD  1 
ATOM   1010 O OE1 . GLU A 1 129 ? -10.391 -18.242 -5.274  1.00 93.51  ? 129 GLU A OE1 1 
ATOM   1011 O OE2 . GLU A 1 129 ? -10.541 -18.096 -7.534  1.00 96.91  ? 129 GLU A OE2 1 
ATOM   1012 N N   . PRO A 1 130 ? -5.121  -17.467 -5.075  1.00 35.84  ? 130 PRO A N   1 
ATOM   1013 C CA  . PRO A 1 130 ? -3.958  -17.925 -5.785  1.00 41.05  ? 130 PRO A CA  1 
ATOM   1014 C C   . PRO A 1 130 ? -4.246  -18.218 -7.219  1.00 34.58  ? 130 PRO A C   1 
ATOM   1015 O O   . PRO A 1 130 ? -3.381  -18.150 -8.043  1.00 34.15  ? 130 PRO A O   1 
ATOM   1016 C CB  . PRO A 1 130 ? -3.547  -19.232 -5.122  1.00 46.78  ? 130 PRO A CB  1 
ATOM   1017 C CG  . PRO A 1 130 ? -4.740  -19.698 -4.309  1.00 44.07  ? 130 PRO A CG  1 
ATOM   1018 C CD  . PRO A 1 130 ? -5.703  -18.532 -4.223  1.00 41.28  ? 130 PRO A CD  1 
ATOM   1019 N N   . ASP A 1 131 ? -5.482  -18.525 -7.502  1.00 40.14  ? 131 ASP A N   1 
ATOM   1020 C CA  . ASP A 1 131 ? -5.849  -18.820 -8.845  1.00 46.43  ? 131 ASP A CA  1 
ATOM   1021 C C   . ASP A 1 131 ? -5.907  -17.638 -9.778  1.00 43.37  ? 131 ASP A C   1 
ATOM   1022 O O   . ASP A 1 131 ? -5.724  -17.778 -10.988 1.00 48.42  ? 131 ASP A O   1 
ATOM   1023 C CB  . ASP A 1 131 ? -7.201  -19.532 -8.934  1.00 69.16  ? 131 ASP A CB  1 
ATOM   1024 C CG  . ASP A 1 131 ? -7.235  -20.281 -10.231 1.00 95.69  ? 131 ASP A CG  1 
ATOM   1025 O OD1 . ASP A 1 131 ? -6.866  -19.782 -11.289 1.00 100.00 ? 131 ASP A OD1 1 
ATOM   1026 O OD2 . ASP A 1 131 ? -7.483  -21.567 -10.071 1.00 100.00 ? 131 ASP A OD2 1 
ATOM   1027 N N   . ASP A 1 132 ? -6.177  -16.467 -9.243  1.00 33.34  ? 132 ASP A N   1 
ATOM   1028 C CA  . ASP A 1 132 ? -6.283  -15.275 -10.100 1.00 30.87  ? 132 ASP A CA  1 
ATOM   1029 C C   . ASP A 1 132 ? -5.064  -14.465 -10.318 1.00 25.55  ? 132 ASP A C   1 
ATOM   1030 O O   . ASP A 1 132 ? -5.149  -13.512 -11.076 1.00 22.50  ? 132 ASP A O   1 
ATOM   1031 C CB  . ASP A 1 132 ? -7.255  -14.267 -9.504  1.00 30.82  ? 132 ASP A CB  1 
ATOM   1032 C CG  . ASP A 1 132 ? -8.519  -14.956 -9.201  1.00 44.66  ? 132 ASP A CG  1 
ATOM   1033 O OD1 . ASP A 1 132 ? -8.915  -15.914 -9.867  1.00 50.60  ? 132 ASP A OD1 1 
ATOM   1034 O OD2 . ASP A 1 132 ? -9.085  -14.480 -8.115  1.00 55.05  ? 132 ASP A OD2 1 
ATOM   1035 N N   . TRP A 1 133 ? -3.962  -14.810 -9.665  1.00 23.40  ? 133 TRP A N   1 
ATOM   1036 C CA  . TRP A 1 133 ? -2.802  -14.006 -9.867  1.00 21.06  ? 133 TRP A CA  1 
ATOM   1037 C C   . TRP A 1 133 ? -1.620  -14.809 -10.150 1.00 23.40  ? 133 TRP A C   1 
ATOM   1038 O O   . TRP A 1 133 ? -1.471  -15.905 -9.629  1.00 31.22  ? 133 TRP A O   1 
ATOM   1039 C CB  . TRP A 1 133 ? -2.464  -13.340 -8.529  1.00 25.16  ? 133 TRP A CB  1 
ATOM   1040 C CG  . TRP A 1 133 ? -3.545  -12.486 -8.033  1.00 23.71  ? 133 TRP A CG  1 
ATOM   1041 C CD1 . TRP A 1 133 ? -4.607  -12.900 -7.323  1.00 26.35  ? 133 TRP A CD1 1 
ATOM   1042 C CD2 . TRP A 1 133 ? -3.670  -11.080 -8.257  1.00 23.61  ? 133 TRP A CD2 1 
ATOM   1043 N NE1 . TRP A 1 133 ? -5.405  -11.822 -7.044  1.00 30.72  ? 133 TRP A NE1 1 
ATOM   1044 C CE2 . TRP A 1 133 ? -4.842  -10.684 -7.601  1.00 28.05  ? 133 TRP A CE2 1 
ATOM   1045 C CE3 . TRP A 1 133 ? -2.886  -10.123 -8.919  1.00 17.91  ? 133 TRP A CE3 1 
ATOM   1046 C CZ2 . TRP A 1 133 ? -5.257  -9.351  -7.605  1.00 19.33  ? 133 TRP A CZ2 1 
ATOM   1047 C CZ3 . TRP A 1 133 ? -3.280  -8.807  -8.899  1.00 22.52  ? 133 TRP A CZ3 1 
ATOM   1048 C CH2 . TRP A 1 133 ? -4.459  -8.443  -8.257  1.00 17.85  ? 133 TRP A CH2 1 
ATOM   1049 N N   . GLU A 1 134 ? -0.789  -14.201 -10.937 1.00 16.25  ? 134 GLU A N   1 
ATOM   1050 C CA  . GLU A 1 134 ? 0.443   -14.774 -11.358 1.00 23.56  ? 134 GLU A CA  1 
ATOM   1051 C C   . GLU A 1 134 ? 1.653   -13.942 -10.877 1.00 17.99  ? 134 GLU A C   1 
ATOM   1052 O O   . GLU A 1 134 ? 1.743   -12.735 -11.124 1.00 23.39  ? 134 GLU A O   1 
ATOM   1053 C CB  . GLU A 1 134 ? 0.335   -14.786 -12.898 1.00 28.55  ? 134 GLU A CB  1 
ATOM   1054 C CG  . GLU A 1 134 ? 1.480   -15.550 -13.593 1.00 48.79  ? 134 GLU A CG  1 
ATOM   1055 C CD  . GLU A 1 134 ? 1.630   -15.199 -15.052 1.00 66.56  ? 134 GLU A CD  1 
ATOM   1056 O OE1 . GLU A 1 134 ? 0.731   -14.713 -15.749 1.00 69.55  ? 134 GLU A OE1 1 
ATOM   1057 O OE2 . GLU A 1 134 ? 2.840   -15.466 -15.484 1.00 77.19  ? 134 GLU A OE2 1 
ATOM   1058 N N   . SER A 1 135 ? 2.580   -14.564 -10.188 1.00 18.86  ? 135 SER A N   1 
ATOM   1059 C CA  . SER A 1 135 ? 3.771   -13.873 -9.702  1.00 18.07  ? 135 SER A CA  1 
ATOM   1060 C C   . SER A 1 135 ? 4.662   -13.524 -10.891 1.00 23.02  ? 135 SER A C   1 
ATOM   1061 O O   . SER A 1 135 ? 5.070   -14.353 -11.680 1.00 30.19  ? 135 SER A O   1 
ATOM   1062 C CB  . SER A 1 135 ? 4.525   -14.704 -8.606  1.00 22.80  ? 135 SER A CB  1 
ATOM   1063 O OG  . SER A 1 135 ? 5.810   -14.139 -8.267  1.00 18.59  ? 135 SER A OG  1 
ATOM   1064 N N   . VAL A 1 136 ? 5.006   -12.282 -11.071 1.00 14.75  ? 136 VAL A N   1 
ATOM   1065 C CA  . VAL A 1 136 ? 5.847   -11.928 -12.201 1.00 17.97  ? 136 VAL A CA  1 
ATOM   1066 C C   . VAL A 1 136 ? 7.178   -11.383 -11.762 1.00 24.71  ? 136 VAL A C   1 
ATOM   1067 O O   . VAL A 1 136 ? 8.020   -10.975 -12.555 1.00 21.30  ? 136 VAL A O   1 
ATOM   1068 C CB  . VAL A 1 136 ? 5.135   -10.872 -13.054 1.00 28.80  ? 136 VAL A CB  1 
ATOM   1069 C CG1 . VAL A 1 136 ? 3.780   -11.423 -13.523 1.00 17.81  ? 136 VAL A CG1 1 
ATOM   1070 C CG2 . VAL A 1 136 ? 4.872   -9.629  -12.210 1.00 19.91  ? 136 VAL A CG2 1 
ATOM   1071 N N   . PHE A 1 137 ? 7.394   -11.351 -10.477 1.00 17.32  ? 137 PHE A N   1 
ATOM   1072 C CA  . PHE A 1 137 ? 8.652   -10.833 -10.083 1.00 10.26  ? 137 PHE A CA  1 
ATOM   1073 C C   . PHE A 1 137 ? 8.772   -11.044 -8.613  1.00 15.52  ? 137 PHE A C   1 
ATOM   1074 O O   . PHE A 1 137 ? 7.796   -10.878 -7.861  1.00 17.67  ? 137 PHE A O   1 
ATOM   1075 C CB  . PHE A 1 137 ? 8.780   -9.306  -10.358 1.00 13.65  ? 137 PHE A CB  1 
ATOM   1076 C CG  . PHE A 1 137 ? 9.998   -8.679  -9.647  1.00 15.64  ? 137 PHE A CG  1 
ATOM   1077 C CD1 . PHE A 1 137 ? 11.271  -8.695  -10.217 1.00 23.42  ? 137 PHE A CD1 1 
ATOM   1078 C CD2 . PHE A 1 137 ? 9.886   -8.076  -8.389  1.00 18.67  ? 137 PHE A CD2 1 
ATOM   1079 C CE1 . PHE A 1 137 ? 12.379  -8.135  -9.575  1.00 22.28  ? 137 PHE A CE1 1 
ATOM   1080 C CE2 . PHE A 1 137 ? 10.975  -7.497  -7.726  1.00 20.08  ? 137 PHE A CE2 1 
ATOM   1081 C CZ  . PHE A 1 137 ? 12.235  -7.529  -8.319  1.00 24.96  ? 137 PHE A CZ  1 
ATOM   1082 N N   . SER A 1 138 ? 9.996   -11.363 -8.252  1.00 16.05  ? 138 SER A N   1 
ATOM   1083 C CA  . SER A 1 138 ? 10.375  -11.616 -6.898  1.00 23.71  ? 138 SER A CA  1 
ATOM   1084 C C   . SER A 1 138 ? 11.845  -11.356 -6.590  1.00 27.67  ? 138 SER A C   1 
ATOM   1085 O O   . SER A 1 138 ? 12.742  -11.520 -7.381  1.00 23.67  ? 138 SER A O   1 
ATOM   1086 C CB  . SER A 1 138 ? 10.167  -13.077 -6.667  1.00 26.84  ? 138 SER A CB  1 
ATOM   1087 O OG  . SER A 1 138 ? 9.829   -13.210 -5.324  1.00 55.79  ? 138 SER A OG  1 
ATOM   1088 N N   . GLU A 1 139 ? 12.123  -10.980 -5.384  1.00 20.84  ? 139 GLU A N   1 
ATOM   1089 C CA  . GLU A 1 139 ? 13.483  -10.736 -5.052  1.00 14.39  ? 139 GLU A CA  1 
ATOM   1090 C C   . GLU A 1 139 ? 13.666  -10.679 -3.546  1.00 21.10  ? 139 GLU A C   1 
ATOM   1091 O O   . GLU A 1 139 ? 13.094  -9.819  -2.858  1.00 14.48  ? 139 GLU A O   1 
ATOM   1092 C CB  . GLU A 1 139 ? 13.793  -9.427  -5.696  1.00 14.62  ? 139 GLU A CB  1 
ATOM   1093 C CG  . GLU A 1 139 ? 15.129  -8.912  -5.223  1.00 27.84  ? 139 GLU A CG  1 
ATOM   1094 C CD  . GLU A 1 139 ? 15.403  -7.565  -5.813  1.00 31.14  ? 139 GLU A CD  1 
ATOM   1095 O OE1 . GLU A 1 139 ? 15.500  -7.585  -7.130  1.00 39.22  ? 139 GLU A OE1 1 
ATOM   1096 O OE2 . GLU A 1 139 ? 15.457  -6.566  -5.126  1.00 32.32  ? 139 GLU A OE2 1 
ATOM   1097 N N   . PHE A 1 140 ? 14.469  -11.639 -3.080  1.00 22.34  ? 140 PHE A N   1 
ATOM   1098 C CA  . PHE A 1 140 ? 14.802  -11.861 -1.687  1.00 24.15  ? 140 PHE A CA  1 
ATOM   1099 C C   . PHE A 1 140 ? 16.017  -11.155 -1.207  1.00 16.66  ? 140 PHE A C   1 
ATOM   1100 O O   . PHE A 1 140 ? 16.983  -11.078 -1.910  1.00 15.35  ? 140 PHE A O   1 
ATOM   1101 C CB  . PHE A 1 140 ? 14.963  -13.358 -1.396  1.00 22.06  ? 140 PHE A CB  1 
ATOM   1102 C CG  . PHE A 1 140 ? 15.258  -13.659 0.060   1.00 20.81  ? 140 PHE A CG  1 
ATOM   1103 C CD1 . PHE A 1 140 ? 14.272  -13.489 1.036   1.00 24.69  ? 140 PHE A CD1 1 
ATOM   1104 C CD2 . PHE A 1 140 ? 16.504  -14.125 0.480   1.00 22.13  ? 140 PHE A CD2 1 
ATOM   1105 C CE1 . PHE A 1 140 ? 14.488  -13.755 2.387   1.00 15.46  ? 140 PHE A CE1 1 
ATOM   1106 C CE2 . PHE A 1 140 ? 16.748  -14.416 1.829   1.00 20.29  ? 140 PHE A CE2 1 
ATOM   1107 C CZ  . PHE A 1 140 ? 15.737  -14.220 2.777   1.00 16.53  ? 140 PHE A CZ  1 
ATOM   1108 N N   . HIS A 1 141 ? 15.911  -10.672 0.018   1.00 15.20  ? 141 HIS A N   1 
ATOM   1109 C CA  . HIS A 1 141 ? 16.947  -9.949  0.679   1.00 17.42  ? 141 HIS A CA  1 
ATOM   1110 C C   . HIS A 1 141 ? 16.970  -10.372 2.081   1.00 19.22  ? 141 HIS A C   1 
ATOM   1111 O O   . HIS A 1 141 ? 15.968  -10.501 2.753   1.00 22.22  ? 141 HIS A O   1 
ATOM   1112 C CB  . HIS A 1 141 ? 16.658  -8.444  0.673   1.00 18.73  ? 141 HIS A CB  1 
ATOM   1113 C CG  . HIS A 1 141 ? 16.549  -7.987  -0.745  1.00 28.67  ? 141 HIS A CG  1 
ATOM   1114 N ND1 . HIS A 1 141 ? 17.696  -7.585  -1.482  1.00 25.87  ? 141 HIS A ND1 1 
ATOM   1115 C CD2 . HIS A 1 141 ? 15.431  -7.895  -1.558  1.00 27.48  ? 141 HIS A CD2 1 
ATOM   1116 C CE1 . HIS A 1 141 ? 17.239  -7.262  -2.711  1.00 22.05  ? 141 HIS A CE1 1 
ATOM   1117 N NE2 . HIS A 1 141 ? 15.889  -7.429  -2.786  1.00 24.35  ? 141 HIS A NE2 1 
ATOM   1118 N N   . ASP A 1 142 ? 18.148  -10.596 2.521   1.00 18.69  ? 142 ASP A N   1 
ATOM   1119 C CA  . ASP A 1 142 ? 18.300  -11.008 3.874   1.00 26.51  ? 142 ASP A CA  1 
ATOM   1120 C C   . ASP A 1 142 ? 18.497  -9.788  4.722   1.00 28.35  ? 142 ASP A C   1 
ATOM   1121 O O   . ASP A 1 142 ? 18.727  -8.688  4.216   1.00 28.61  ? 142 ASP A O   1 
ATOM   1122 C CB  . ASP A 1 142 ? 19.631  -11.692 3.906   1.00 27.95  ? 142 ASP A CB  1 
ATOM   1123 C CG  . ASP A 1 142 ? 19.715  -12.679 4.987   1.00 52.97  ? 142 ASP A CG  1 
ATOM   1124 O OD1 . ASP A 1 142 ? 19.023  -12.651 6.007   1.00 44.70  ? 142 ASP A OD1 1 
ATOM   1125 O OD2 . ASP A 1 142 ? 20.588  -13.602 4.646   1.00 76.06  ? 142 ASP A OD2 1 
ATOM   1126 N N   . ALA A 1 143 ? 18.436  -9.975  6.014   1.00 21.41  ? 143 ALA A N   1 
ATOM   1127 C CA  . ALA A 1 143 ? 18.644  -8.837  6.841   1.00 22.96  ? 143 ALA A CA  1 
ATOM   1128 C C   . ALA A 1 143 ? 20.070  -8.346  6.646   1.00 31.20  ? 143 ALA A C   1 
ATOM   1129 O O   . ALA A 1 143 ? 20.883  -9.041  6.039   1.00 39.16  ? 143 ALA A O   1 
ATOM   1130 C CB  . ALA A 1 143 ? 18.387  -9.171  8.304   1.00 26.68  ? 143 ALA A CB  1 
ATOM   1131 N N   . ASP A 1 144 ? 20.325  -7.137  7.182   1.00 39.71  ? 144 ASP A N   1 
ATOM   1132 C CA  . ASP A 1 144 ? 21.595  -6.405  7.150   1.00 35.45  ? 144 ASP A CA  1 
ATOM   1133 C C   . ASP A 1 144 ? 21.725  -5.282  8.196   1.00 37.31  ? 144 ASP A C   1 
ATOM   1134 O O   . ASP A 1 144 ? 20.970  -5.174  9.171   1.00 36.85  ? 144 ASP A O   1 
ATOM   1135 C CB  . ASP A 1 144 ? 21.999  -5.912  5.749   1.00 42.25  ? 144 ASP A CB  1 
ATOM   1136 C CG  . ASP A 1 144 ? 21.107  -4.815  5.227   1.00 38.57  ? 144 ASP A CG  1 
ATOM   1137 O OD1 . ASP A 1 144 ? 20.375  -4.198  5.970   1.00 35.74  ? 144 ASP A OD1 1 
ATOM   1138 O OD2 . ASP A 1 144 ? 21.148  -4.675  3.906   1.00 38.37  ? 144 ASP A OD2 1 
ATOM   1139 N N   . ALA A 1 145 ? 22.737  -4.450  7.966   1.00 37.15  ? 145 ALA A N   1 
ATOM   1140 C CA  . ALA A 1 145 ? 23.077  -3.320  8.814   1.00 40.07  ? 145 ALA A CA  1 
ATOM   1141 C C   . ALA A 1 145 ? 21.903  -2.438  9.115   1.00 43.05  ? 145 ALA A C   1 
ATOM   1142 O O   . ALA A 1 145 ? 21.589  -2.148  10.271  1.00 41.51  ? 145 ALA A O   1 
ATOM   1143 C CB  . ALA A 1 145 ? 24.056  -2.427  8.069   1.00 43.21  ? 145 ALA A CB  1 
ATOM   1144 N N   . GLN A 1 146 ? 21.305  -2.035  7.992   1.00 51.24  ? 146 GLN A N   1 
ATOM   1145 C CA  . GLN A 1 146 ? 20.157  -1.156  7.846   1.00 50.12  ? 146 GLN A CA  1 
ATOM   1146 C C   . GLN A 1 146 ? 18.790  -1.782  7.946   1.00 42.39  ? 146 GLN A C   1 
ATOM   1147 O O   . GLN A 1 146 ? 17.879  -1.229  8.559   1.00 44.34  ? 146 GLN A O   1 
ATOM   1148 C CB  . GLN A 1 146 ? 20.286  -0.494  6.482   1.00 47.24  ? 146 GLN A CB  1 
ATOM   1149 C CG  . GLN A 1 146 ? 21.532  0.391   6.490   1.00 69.30  ? 146 GLN A CG  1 
ATOM   1150 C CD  . GLN A 1 146 ? 21.727  1.188   5.216   1.00 89.96  ? 146 GLN A CD  1 
ATOM   1151 O OE1 . GLN A 1 146 ? 21.086  2.247   5.018   1.00 97.87  ? 146 GLN A OE1 1 
ATOM   1152 N NE2 . GLN A 1 146 ? 22.693  0.742   4.405   1.00 92.40  ? 146 GLN A NE2 1 
ATOM   1153 N N   . ASN A 1 147 ? 18.657  -2.922  7.319   1.00 34.33  ? 147 ASN A N   1 
ATOM   1154 C CA  . ASN A 1 147 ? 17.408  -3.628  7.311   1.00 30.26  ? 147 ASN A CA  1 
ATOM   1155 C C   . ASN A 1 147 ? 17.320  -4.622  8.413   1.00 24.58  ? 147 ASN A C   1 
ATOM   1156 O O   . ASN A 1 147 ? 18.105  -5.544  8.472   1.00 24.85  ? 147 ASN A O   1 
ATOM   1157 C CB  . ASN A 1 147 ? 17.223  -4.228  5.928   1.00 21.95  ? 147 ASN A CB  1 
ATOM   1158 C CG  . ASN A 1 147 ? 17.241  -3.051  4.973   1.00 20.59  ? 147 ASN A CG  1 
ATOM   1159 O OD1 . ASN A 1 147 ? 16.272  -2.284  4.914   1.00 22.30  ? 147 ASN A OD1 1 
ATOM   1160 N ND2 . ASN A 1 147 ? 18.373  -2.878  4.296   1.00 19.43  ? 147 ASN A ND2 1 
ATOM   1161 N N   . SER A 1 148 ? 16.352  -4.422  9.278   1.00 23.89  ? 148 SER A N   1 
ATOM   1162 C CA  . SER A 1 148 ? 16.162  -5.299  10.404  1.00 25.28  ? 148 SER A CA  1 
ATOM   1163 C C   . SER A 1 148 ? 15.702  -6.736  10.181  1.00 31.92  ? 148 SER A C   1 
ATOM   1164 O O   . SER A 1 148 ? 15.948  -7.573  11.052  1.00 33.75  ? 148 SER A O   1 
ATOM   1165 C CB  . SER A 1 148 ? 15.330  -4.661  11.490  1.00 20.43  ? 148 SER A CB  1 
ATOM   1166 O OG  . SER A 1 148 ? 13.991  -4.895  11.204  1.00 34.12  ? 148 SER A OG  1 
ATOM   1167 N N   . HIS A 1 149 ? 15.027  -7.042  9.071   1.00 27.50  ? 149 HIS A N   1 
ATOM   1168 C CA  . HIS A 1 149 ? 14.532  -8.393  8.810   1.00 18.34  ? 149 HIS A CA  1 
ATOM   1169 C C   . HIS A 1 149 ? 14.780  -8.795  7.382   1.00 21.73  ? 149 HIS A C   1 
ATOM   1170 O O   . HIS A 1 149 ? 15.109  -7.971  6.523   1.00 19.86  ? 149 HIS A O   1 
ATOM   1171 C CB  . HIS A 1 149 ? 13.033  -8.565  9.017   1.00 20.76  ? 149 HIS A CB  1 
ATOM   1172 C CG  . HIS A 1 149 ? 12.639  -8.245  10.386  1.00 23.86  ? 149 HIS A CG  1 
ATOM   1173 N ND1 . HIS A 1 149 ? 12.928  -7.023  10.930  1.00 30.87  ? 149 HIS A ND1 1 
ATOM   1174 C CD2 . HIS A 1 149 ? 11.988  -8.985  11.305  1.00 26.63  ? 149 HIS A CD2 1 
ATOM   1175 C CE1 . HIS A 1 149 ? 12.464  -7.032  12.167  1.00 28.03  ? 149 HIS A CE1 1 
ATOM   1176 N NE2 . HIS A 1 149 ? 11.894  -8.203  12.428  1.00 25.80  ? 149 HIS A NE2 1 
ATOM   1177 N N   . SER A 1 150 ? 14.650  -10.088 7.126   1.00 11.87  ? 150 SER A N   1 
ATOM   1178 C CA  . SER A 1 150 ? 14.872  -10.519 5.763   1.00 17.38  ? 150 SER A CA  1 
ATOM   1179 C C   . SER A 1 150 ? 13.526  -10.197 5.093   1.00 23.12  ? 150 SER A C   1 
ATOM   1180 O O   . SER A 1 150 ? 12.476  -10.254 5.761   1.00 18.84  ? 150 SER A O   1 
ATOM   1181 C CB  . SER A 1 150 ? 15.214  -12.007 5.772   1.00 9.19   ? 150 SER A CB  1 
ATOM   1182 O OG  . SER A 1 150 ? 14.060  -12.725 6.253   1.00 18.15  ? 150 SER A OG  1 
ATOM   1183 N N   . TYR A 1 151 ? 13.523  -9.834  3.821   1.00 22.17  ? 151 TYR A N   1 
ATOM   1184 C CA  . TYR A 1 151 ? 12.277  -9.515  3.178   1.00 12.79  ? 151 TYR A CA  1 
ATOM   1185 C C   . TYR A 1 151 ? 12.384  -9.910  1.707   1.00 19.49  ? 151 TYR A C   1 
ATOM   1186 O O   . TYR A 1 151 ? 13.489  -10.024 1.185   1.00 17.87  ? 151 TYR A O   1 
ATOM   1187 C CB  . TYR A 1 151 ? 11.904  -7.998  3.349   1.00 10.12  ? 151 TYR A CB  1 
ATOM   1188 C CG  . TYR A 1 151 ? 13.096  -7.220  2.878   1.00 12.07  ? 151 TYR A CG  1 
ATOM   1189 C CD1 . TYR A 1 151 ? 14.168  -7.067  3.754   1.00 12.59  ? 151 TYR A CD1 1 
ATOM   1190 C CD2 . TYR A 1 151 ? 13.193  -6.709  1.582   1.00 9.78   ? 151 TYR A CD2 1 
ATOM   1191 C CE1 . TYR A 1 151 ? 15.327  -6.395  3.356   1.00 18.87  ? 151 TYR A CE1 1 
ATOM   1192 C CE2 . TYR A 1 151 ? 14.343  -6.035  1.163   1.00 22.79  ? 151 TYR A CE2 1 
ATOM   1193 C CZ  . TYR A 1 151 ? 15.412  -5.887  2.060   1.00 22.29  ? 151 TYR A CZ  1 
ATOM   1194 O OH  . TYR A 1 151 ? 16.572  -5.237  1.687   1.00 26.87  ? 151 TYR A OH  1 
ATOM   1195 N N   . CYS A 1 152 ? 11.219  -10.116 1.061   1.00 19.48  ? 152 CYS A N   1 
ATOM   1196 C CA  . CYS A 1 152 ? 11.107  -10.488 -0.354  1.00 13.81  ? 152 CYS A CA  1 
ATOM   1197 C C   . CYS A 1 152 ? 10.100  -9.608  -1.076  1.00 14.11  ? 152 CYS A C   1 
ATOM   1198 O O   . CYS A 1 152 ? 8.965   -9.501  -0.614  1.00 18.66  ? 152 CYS A O   1 
ATOM   1199 C CB  . CYS A 1 152 ? 10.566  -11.912 -0.504  1.00 19.55  ? 152 CYS A CB  1 
ATOM   1200 S SG  . CYS A 1 152 ? 10.650  -12.505 -2.229  1.00 27.16  ? 152 CYS A SG  1 
ATOM   1201 N N   . PHE A 1 153 ? 10.506  -8.992  -2.171  1.00 12.26  ? 153 PHE A N   1 
ATOM   1202 C CA  . PHE A 1 153 ? 9.605   -8.145  -2.930  1.00 13.58  ? 153 PHE A CA  1 
ATOM   1203 C C   . PHE A 1 153 ? 8.928   -8.978  -3.987  1.00 20.71  ? 153 PHE A C   1 
ATOM   1204 O O   . PHE A 1 153 ? 9.513   -9.868  -4.564  1.00 21.90  ? 153 PHE A O   1 
ATOM   1205 C CB  . PHE A 1 153 ? 10.376  -7.104  -3.716  1.00 17.82  ? 153 PHE A CB  1 
ATOM   1206 C CG  . PHE A 1 153 ? 11.038  -6.145  -2.781  1.00 16.28  ? 153 PHE A CG  1 
ATOM   1207 C CD1 . PHE A 1 153 ? 10.292  -5.493  -1.798  1.00 15.75  ? 153 PHE A CD1 1 
ATOM   1208 C CD2 . PHE A 1 153 ? 12.396  -5.879  -2.913  1.00 12.84  ? 153 PHE A CD2 1 
ATOM   1209 C CE1 . PHE A 1 153 ? 10.896  -4.572  -0.942  1.00 26.43  ? 153 PHE A CE1 1 
ATOM   1210 C CE2 . PHE A 1 153 ? 13.011  -4.971  -2.051  1.00 15.87  ? 153 PHE A CE2 1 
ATOM   1211 C CZ  . PHE A 1 153 ? 12.262  -4.309  -1.077  1.00 17.84  ? 153 PHE A CZ  1 
ATOM   1212 N N   . GLU A 1 154 ? 7.703   -8.683  -4.283  1.00 15.99  ? 154 GLU A N   1 
ATOM   1213 C CA  . GLU A 1 154 ? 7.072   -9.487  -5.273  1.00 5.28   ? 154 GLU A CA  1 
ATOM   1214 C C   . GLU A 1 154 ? 5.985   -8.702  -5.982  1.00 10.83  ? 154 GLU A C   1 
ATOM   1215 O O   . GLU A 1 154 ? 5.269   -7.921  -5.360  1.00 10.04  ? 154 GLU A O   1 
ATOM   1216 C CB  . GLU A 1 154 ? 6.453   -10.714 -4.513  1.00 10.11  ? 154 GLU A CB  1 
ATOM   1217 C CG  . GLU A 1 154 ? 5.514   -11.494 -5.445  1.00 13.53  ? 154 GLU A CG  1 
ATOM   1218 C CD  . GLU A 1 154 ? 4.909   -12.811 -4.989  1.00 21.78  ? 154 GLU A CD  1 
ATOM   1219 O OE1 . GLU A 1 154 ? 4.416   -12.846 -3.774  1.00 21.13  ? 154 GLU A OE1 1 
ATOM   1220 O OE2 . GLU A 1 154 ? 4.681   -13.701 -5.782  1.00 25.59  ? 154 GLU A OE2 1 
ATOM   1221 N N   . ILE A 1 155 ? 5.855   -8.911  -7.279  1.00 9.43   ? 155 ILE A N   1 
ATOM   1222 C CA  . ILE A 1 155 ? 4.822   -8.245  -8.007  1.00 6.97   ? 155 ILE A CA  1 
ATOM   1223 C C   . ILE A 1 155 ? 3.904   -9.268  -8.609  1.00 12.51  ? 155 ILE A C   1 
ATOM   1224 O O   . ILE A 1 155 ? 4.369   -10.158 -9.290  1.00 14.72  ? 155 ILE A O   1 
ATOM   1225 C CB  . ILE A 1 155 ? 5.318   -7.479  -9.185  1.00 10.49  ? 155 ILE A CB  1 
ATOM   1226 C CG1 . ILE A 1 155 ? 6.115   -6.318  -8.609  1.00 13.96  ? 155 ILE A CG1 1 
ATOM   1227 C CG2 . ILE A 1 155 ? 4.049   -7.033  -9.889  1.00 11.69  ? 155 ILE A CG2 1 
ATOM   1228 C CD1 . ILE A 1 155 ? 6.911   -5.497  -9.619  1.00 16.21  ? 155 ILE A CD1 1 
ATOM   1229 N N   . LEU A 1 156 ? 2.603   -9.168  -8.397  1.00 11.58  ? 156 LEU A N   1 
ATOM   1230 C CA  . LEU A 1 156 ? 1.741   -10.150 -8.993  1.00 18.48  ? 156 LEU A CA  1 
ATOM   1231 C C   . LEU A 1 156 ? 0.783   -9.454  -9.903  1.00 26.85  ? 156 LEU A C   1 
ATOM   1232 O O   . LEU A 1 156 ? 0.448   -8.285  -9.670  1.00 20.62  ? 156 LEU A O   1 
ATOM   1233 C CB  . LEU A 1 156 ? 0.870   -10.862 -7.974  1.00 10.61  ? 156 LEU A CB  1 
ATOM   1234 C CG  . LEU A 1 156 ? 1.704   -11.624 -6.997  1.00 23.07  ? 156 LEU A CG  1 
ATOM   1235 C CD1 . LEU A 1 156 ? 1.790   -10.866 -5.682  1.00 21.80  ? 156 LEU A CD1 1 
ATOM   1236 C CD2 . LEU A 1 156 ? 1.033   -12.961 -6.822  1.00 22.96  ? 156 LEU A CD2 1 
ATOM   1237 N N   . GLU A 1 157 ? 0.337   -10.193 -10.904 1.00 13.10  ? 157 GLU A N   1 
ATOM   1238 C CA  . GLU A 1 157 ? -0.611  -9.625  -11.844 1.00 19.90  ? 157 GLU A CA  1 
ATOM   1239 C C   . GLU A 1 157 ? -1.773  -10.529 -11.982 1.00 19.23  ? 157 GLU A C   1 
ATOM   1240 O O   . GLU A 1 157 ? -1.676  -11.756 -11.865 1.00 25.37  ? 157 GLU A O   1 
ATOM   1241 C CB  . GLU A 1 157 ? -0.043  -9.304  -13.225 1.00 19.15  ? 157 GLU A CB  1 
ATOM   1242 C CG  . GLU A 1 157 ? 1.138   -8.307  -13.219 1.00 28.17  ? 157 GLU A CG  1 
ATOM   1243 C CD  . GLU A 1 157 ? 1.702   -8.205  -14.619 1.00 32.76  ? 157 GLU A CD  1 
ATOM   1244 O OE1 . GLU A 1 157 ? 1.333   -8.960  -15.496 1.00 40.05  ? 157 GLU A OE1 1 
ATOM   1245 O OE2 . GLU A 1 157 ? 2.568   -7.223  -14.824 1.00 37.84  ? 157 GLU A OE2 1 
ATOM   1246 N N   . ARG A 1 158 ? -2.897  -9.907  -12.203 1.00 17.74  ? 158 ARG A N   1 
ATOM   1247 C CA  . ARG A 1 158 ? -4.128  -10.626 -12.340 1.00 23.72  ? 158 ARG A CA  1 
ATOM   1248 C C   . ARG A 1 158 ? -4.159  -11.439 -13.659 1.00 30.14  ? 158 ARG A C   1 
ATOM   1249 O O   . ARG A 1 158 ? -3.943  -10.905 -14.766 1.00 33.03  ? 158 ARG A O   1 
ATOM   1250 C CB  . ARG A 1 158 ? -5.173  -9.539  -12.218 1.00 26.98  ? 158 ARG A CB  1 
ATOM   1251 C CG  . ARG A 1 158 ? -6.593  -9.935  -12.426 1.00 33.40  ? 158 ARG A CG  1 
ATOM   1252 C CD  . ARG A 1 158 ? -7.322  -10.251 -11.155 1.00 42.88  ? 158 ARG A CD  1 
ATOM   1253 N NE  . ARG A 1 158 ? -7.619  -9.093  -10.318 1.00 54.07  ? 158 ARG A NE  1 
ATOM   1254 C CZ  . ARG A 1 158 ? -8.531  -9.106  -9.322  1.00 53.98  ? 158 ARG A CZ  1 
ATOM   1255 N NH1 . ARG A 1 158 ? -9.251  -10.191 -9.027  1.00 62.80  ? 158 ARG A NH1 1 
ATOM   1256 N NH2 . ARG A 1 158 ? -8.731  -8.005  -8.597  1.00 55.34  ? 158 ARG A NH2 1 
ATOM   1257 N N   . ARG A 1 159 ? -4.402  -12.760 -13.546 1.00 39.16  ? 159 ARG A N   1 
ATOM   1258 C CA  . ARG A 1 159 ? -4.475  -13.600 -14.730 1.00 52.71  ? 159 ARG A CA  1 
ATOM   1259 C C   . ARG A 1 159 ? -5.907  -13.581 -15.262 1.00 72.76  ? 159 ARG A C   1 
ATOM   1260 O O   . ARG A 1 159 ? -6.809  -14.141 -14.564 1.00 74.69  ? 159 ARG A O   1 
ATOM   1261 C CB  . ARG A 1 159 ? -3.704  -14.932 -14.805 1.00 52.30  ? 159 ARG A CB  1 
ATOM   1262 C CG  . ARG A 1 159 ? -3.727  -15.845 -13.560 1.00 72.09  ? 159 ARG A CG  1 
ATOM   1263 C CD  . ARG A 1 159 ? -3.377  -17.347 -13.807 1.00 78.53  ? 159 ARG A CD  1 
ATOM   1264 N NE  . ARG A 1 159 ? -2.039  -17.833 -13.395 1.00 83.81  ? 159 ARG A NE  1 
ATOM   1265 C CZ  . ARG A 1 159 ? -0.876  -17.564 -14.030 1.00 91.20  ? 159 ARG A CZ  1 
ATOM   1266 N NH1 . ARG A 1 159 ? -0.821  -16.795 -15.126 1.00 98.99  ? 159 ARG A NH1 1 
ATOM   1267 N NH2 . ARG A 1 159 ? 0.273   -18.068 -13.557 1.00 88.33  ? 159 ARG A NH2 1 
ATOM   1268 O OXT . ARG A 1 159 ? -6.157  -12.774 -16.211 1.00 79.41  ? 159 ARG A OXT 1 
HETATM 1269 N N1  . DDF B 2 .   ? 3.933   -0.656  1.399   1.00 25.23  ? 161 DDF A N1  1 
HETATM 1270 C C2  . DDF B 2 .   ? 5.221   -0.973  1.573   1.00 25.37  ? 161 DDF A C2  1 
HETATM 1271 N NA2 . DDF B 2 .   ? 5.948   -1.548  0.678   1.00 22.59  ? 161 DDF A NA2 1 
HETATM 1272 N N3  . DDF B 2 .   ? 5.854   -0.682  2.807   1.00 18.27  ? 161 DDF A N3  1 
HETATM 1273 C C4  . DDF B 2 .   ? 5.251   -0.081  3.840   1.00 25.20  ? 161 DDF A C4  1 
HETATM 1274 O O4  . DDF B 2 .   ? 5.848   0.153   4.894   1.00 27.49  ? 161 DDF A O4  1 
HETATM 1275 C C4A . DDF B 2 .   ? 3.847   0.256   3.606   1.00 29.90  ? 161 DDF A C4A 1 
HETATM 1276 C C5  . DDF B 2 .   ? 3.184   1.001   4.619   1.00 30.36  ? 161 DDF A C5  1 
HETATM 1277 C C6  . DDF B 2 .   ? 1.952   1.559   4.109   1.00 32.75  ? 161 DDF A C6  1 
HETATM 1278 C C7  . DDF B 2 .   ? 1.279   0.818   3.087   1.00 28.94  ? 161 DDF A C7  1 
HETATM 1279 N N8  . DDF B 2 .   ? 2.046   0.406   2.057   1.00 22.64  ? 161 DDF A N8  1 
HETATM 1280 C C8A . DDF B 2 .   ? 3.258   -0.044  2.425   1.00 12.12  ? 161 DDF A C8A 1 
HETATM 1281 C C9  . DDF B 2 .   ? 2.033   3.021   3.951   1.00 33.43  ? 161 DDF A C9  1 
HETATM 1282 C C10 . DDF B 2 .   ? 2.842   3.593   5.127   1.00 43.92  ? 161 DDF A C10 1 
HETATM 1283 C C11 . DDF B 2 .   ? 5.962   6.248   4.000   1.00 22.64  ? 161 DDF A C11 1 
HETATM 1284 C C12 . DDF B 2 .   ? 5.824   5.828   5.315   1.00 31.81  ? 161 DDF A C12 1 
HETATM 1285 C C13 . DDF B 2 .   ? 4.824   4.987   5.657   1.00 23.02  ? 161 DDF A C13 1 
HETATM 1286 C C14 . DDF B 2 .   ? 3.935   4.533   4.657   1.00 21.72  ? 161 DDF A C14 1 
HETATM 1287 C C15 . DDF B 2 .   ? 4.039   4.937   3.393   1.00 36.79  ? 161 DDF A C15 1 
HETATM 1288 C C16 . DDF B 2 .   ? 5.080   5.806   3.079   1.00 34.65  ? 161 DDF A C16 1 
HETATM 1289 C C   . DDF B 2 .   ? 6.963   7.135   3.563   1.00 32.13  ? 161 DDF A C   1 
HETATM 1290 O O   . DDF B 2 .   ? 7.531   7.909   4.309   1.00 32.90  ? 161 DDF A O   1 
HETATM 1291 N N   . DDF B 2 .   ? 7.256   7.186   2.320   1.00 26.76  ? 161 DDF A N   1 
HETATM 1292 C CA  . DDF B 2 .   ? 8.337   8.096   1.906   1.00 21.31  ? 161 DDF A CA  1 
HETATM 1293 C CB  . DDF B 2 .   ? 9.602   7.273   2.130   1.00 37.25  ? 161 DDF A CB  1 
HETATM 1294 C CG  . DDF B 2 .   ? 10.826  8.057   2.816   1.00 41.14  ? 161 DDF A CG  1 
HETATM 1295 C CD  . DDF B 2 .   ? 12.046  7.140   2.559   1.00 85.87  ? 161 DDF A CD  1 
HETATM 1296 O OE1 . DDF B 2 .   ? 12.153  6.285   3.490   1.00 100.00 ? 161 DDF A OE1 1 
HETATM 1297 O OE2 . DDF B 2 .   ? 12.670  7.125   1.469   1.00 67.73  ? 161 DDF A OE2 1 
HETATM 1298 C CT  . DDF B 2 .   ? 8.130   8.385   0.457   1.00 22.14  ? 161 DDF A CT  1 
HETATM 1299 O O1  . DDF B 2 .   ? 7.582   7.520   -0.218  1.00 28.62  ? 161 DDF A O1  1 
HETATM 1300 O O2  . DDF B 2 .   ? 8.494   9.509   0.013   1.00 25.30  ? 161 DDF A O2  1 
HETATM 1301 P PA  . NAP C 3 .   ? -7.674  2.890   6.620   1.00 17.79  ? 164 NAP A PA  1 
HETATM 1302 O O1A . NAP C 3 .   ? -8.183  1.966   5.590   1.00 13.06  ? 164 NAP A O1A 1 
HETATM 1303 O O2A . NAP C 3 .   ? -6.283  3.421   6.567   1.00 14.68  ? 164 NAP A O2A 1 
HETATM 1304 O O5B . NAP C 3 .   ? -8.639  4.097   6.981   1.00 20.53  ? 164 NAP A O5B 1 
HETATM 1305 C C5B . NAP C 3 .   ? -10.052 3.894   6.976   1.00 15.81  ? 164 NAP A C5B 1 
HETATM 1306 C C4B . NAP C 3 .   ? -10.845 5.181   6.997   1.00 16.60  ? 164 NAP A C4B 1 
HETATM 1307 O O4B . NAP C 3 .   ? -11.050 5.428   5.589   1.00 16.46  ? 164 NAP A O4B 1 
HETATM 1308 C C3B . NAP C 3 .   ? -12.306 5.046   7.412   1.00 22.57  ? 164 NAP A C3B 1 
HETATM 1309 O O3B . NAP C 3 .   ? -12.461 5.306   8.775   1.00 21.10  ? 164 NAP A O3B 1 
HETATM 1310 C C2B . NAP C 3 .   ? -13.084 6.097   6.610   1.00 12.83  ? 164 NAP A C2B 1 
HETATM 1311 O O2B . NAP C 3 .   ? -12.673 7.338   7.131   1.00 13.33  ? 164 NAP A O2B 1 
HETATM 1312 C C1B . NAP C 3 .   ? -12.259 6.097   5.335   1.00 12.02  ? 164 NAP A C1B 1 
HETATM 1313 N N9A . NAP C 3 .   ? -12.830 5.209   4.356   1.00 14.36  ? 164 NAP A N9A 1 
HETATM 1314 C C8A . NAP C 3 .   ? -12.478 3.953   3.971   1.00 12.51  ? 164 NAP A C8A 1 
HETATM 1315 N N7A . NAP C 3 .   ? -13.283 3.522   3.022   1.00 17.25  ? 164 NAP A N7A 1 
HETATM 1316 C C5A . NAP C 3 .   ? -14.186 4.566   2.813   1.00 7.71   ? 164 NAP A C5A 1 
HETATM 1317 C C6A . NAP C 3 .   ? -15.295 4.765   1.931   1.00 17.26  ? 164 NAP A C6A 1 
HETATM 1318 N N6A . NAP C 3 .   ? -15.752 3.870   1.013   1.00 14.32  ? 164 NAP A N6A 1 
HETATM 1319 N N1A . NAP C 3 .   ? -15.946 5.965   2.034   1.00 13.50  ? 164 NAP A N1A 1 
HETATM 1320 C C2A . NAP C 3 .   ? -15.519 6.878   2.925   1.00 16.16  ? 164 NAP A C2A 1 
HETATM 1321 N N3A . NAP C 3 .   ? -14.527 6.778   3.781   1.00 19.16  ? 164 NAP A N3A 1 
HETATM 1322 C C4A . NAP C 3 .   ? -13.905 5.602   3.648   1.00 14.94  ? 164 NAP A C4A 1 
HETATM 1323 O O3  . NAP C 3 .   ? -7.803  2.200   8.018   1.00 19.38  ? 164 NAP A O3  1 
HETATM 1324 P PN  . NAP C 3 .   ? -7.451  0.665   8.397   1.00 30.79  ? 164 NAP A PN  1 
HETATM 1325 O O1N . NAP C 3 .   ? -6.157  0.184   7.825   1.00 30.91  ? 164 NAP A O1N 1 
HETATM 1326 O O2N . NAP C 3 .   ? -8.700  -0.102  8.158   1.00 14.75  ? 164 NAP A O2N 1 
HETATM 1327 O O5D . NAP C 3 .   ? -7.092  1.064   9.880   1.00 33.61  ? 164 NAP A O5D 1 
HETATM 1328 C C5D . NAP C 3 .   ? -8.029  0.378   10.792  1.00 36.75  ? 164 NAP A C5D 1 
HETATM 1329 C C4D . NAP C 3 .   ? -7.662  1.525   11.801  1.00 45.53  ? 164 NAP A C4D 1 
HETATM 1330 O O4D . NAP C 3 .   ? -8.359  0.876   12.915  1.00 60.27  ? 164 NAP A O4D 1 
HETATM 1331 C C3D . NAP C 3 .   ? -6.318  1.494   12.602  1.00 57.06  ? 164 NAP A C3D 1 
HETATM 1332 O O3D . NAP C 3 .   ? -6.370  2.325   13.695  1.00 61.61  ? 164 NAP A O3D 1 
HETATM 1333 C C2D . NAP C 3 .   ? -6.265  -0.016  13.001  1.00 58.04  ? 164 NAP A C2D 1 
HETATM 1334 O O2D . NAP C 3 .   ? -5.365  -0.287  13.994  1.00 75.57  ? 164 NAP A O2D 1 
HETATM 1335 C C1D . NAP C 3 .   ? -7.590  -0.215  13.524  1.00 44.03  ? 164 NAP A C1D 1 
HETATM 1336 N N1N . NAP C 3 .   ? -8.122  -1.641  13.301  1.00 42.35  ? 164 NAP A N1N 1 
HETATM 1337 C C2N . NAP C 3 .   ? -7.864  -2.652  14.227  1.00 35.55  ? 164 NAP A C2N 1 
HETATM 1338 C C3N . NAP C 3 .   ? -8.236  -3.881  13.907  1.00 31.26  ? 164 NAP A C3N 1 
HETATM 1339 C C4N . NAP C 3 .   ? -8.844  -4.333  12.535  1.00 41.49  ? 164 NAP A C4N 1 
HETATM 1340 C C5N . NAP C 3 .   ? -9.168  -3.066  11.732  1.00 49.16  ? 164 NAP A C5N 1 
HETATM 1341 C C6N . NAP C 3 .   ? -9.050  -1.941  12.332  1.00 49.95  ? 164 NAP A C6N 1 
HETATM 1342 P P2B . NAP C 3 .   ? -13.708 8.179   8.020   1.00 19.45  ? 164 NAP A P2B 1 
HETATM 1343 O O1X . NAP C 3 .   ? -12.985 9.552   8.203   1.00 15.87  ? 164 NAP A O1X 1 
HETATM 1344 O O2X . NAP C 3 .   ? -15.085 8.284   7.390   1.00 18.47  ? 164 NAP A O2X 1 
HETATM 1345 O O3X . NAP C 3 .   ? -13.604 7.376   9.280   1.00 18.49  ? 164 NAP A O3X 1 
HETATM 1346 O O   . HOH D 4 .   ? -12.268 16.431  -3.765  1.00 20.45  ? 200 HOH A O   1 
HETATM 1347 O O   . HOH D 4 .   ? 3.114   15.810  11.047  1.00 16.01  ? 203 HOH A O   1 
HETATM 1348 O O   . HOH D 4 .   ? -17.313 1.034   -0.967  1.00 19.64  ? 205 HOH A O   1 
HETATM 1349 O O   . HOH D 4 .   ? -5.951  15.850  8.269   1.00 26.76  ? 206 HOH A O   1 
HETATM 1350 O O   . HOH D 4 .   ? -7.378  13.392  9.339   1.00 28.46  ? 207 HOH A O   1 
HETATM 1351 O O   . HOH D 4 .   ? -17.531 3.919   -1.810  1.00 19.28  ? 208 HOH A O   1 
HETATM 1352 O O   . HOH D 4 .   ? 0.751   -2.438  3.995   1.00 26.09  ? 209 HOH A O   1 
HETATM 1353 O O   . HOH D 4 .   ? -9.295  7.422   -13.185 1.00 21.70  ? 210 HOH A O   1 
HETATM 1354 O O   . HOH D 4 .   ? -7.142  -2.519  -12.666 1.00 28.84  ? 211 HOH A O   1 
HETATM 1355 O O   . HOH D 4 .   ? 8.414   -1.049  5.657   1.00 21.63  ? 212 HOH A O   1 
HETATM 1356 O O   . HOH D 4 .   ? 18.658  -6.126  3.527   1.00 32.43  ? 213 HOH A O   1 
HETATM 1357 O O   . HOH D 4 .   ? -13.942 13.425  2.678   1.00 30.90  ? 216 HOH A O   1 
HETATM 1358 O O   . HOH D 4 .   ? -4.370  17.442  -3.809  1.00 41.62  ? 217 HOH A O   1 
HETATM 1359 O O   . HOH D 4 .   ? 5.731   -3.650  -1.271  1.00 16.33  ? 218 HOH A O   1 
HETATM 1360 O O   . HOH D 4 .   ? 5.106   16.547  1.730   1.00 35.04  ? 220 HOH A O   1 
HETATM 1361 O O   . HOH D 4 .   ? -16.733 0.626   3.247   1.00 23.13  ? 221 HOH A O   1 
HETATM 1362 O O   . HOH D 4 .   ? 11.878  -13.894 5.206   1.00 25.12  ? 222 HOH A O   1 
HETATM 1363 O O   . HOH D 4 .   ? 13.845  -11.902 9.548   1.00 27.83  ? 223 HOH A O   1 
HETATM 1364 O O   . HOH D 4 .   ? -18.121 4.008   -4.720  1.00 31.53  ? 224 HOH A O   1 
HETATM 1365 O O   . HOH D 4 .   ? -14.758 15.497  0.372   1.00 36.79  ? 226 HOH A O   1 
HETATM 1366 O O   . HOH D 4 .   ? -16.583 5.778   7.223   1.00 44.81  ? 227 HOH A O   1 
HETATM 1367 O O   . HOH D 4 .   ? 10.660  -12.641 2.868   1.00 49.21  ? 228 HOH A O   1 
HETATM 1368 O O   . HOH D 4 .   ? -7.050  17.473  10.768  1.00 42.41  ? 229 HOH A O   1 
HETATM 1369 O O   . HOH D 4 .   ? -1.915  1.491   5.496   1.00 38.67  ? 230 HOH A O   1 
HETATM 1370 O O   . HOH D 4 .   ? 1.063   16.312  -5.653  1.00 57.27  ? 231 HOH A O   1 
HETATM 1371 O O   . HOH D 4 .   ? 5.589   -12.558 5.722   1.00 44.81  ? 232 HOH A O   1 
HETATM 1372 O O   . HOH D 4 .   ? 2.713   9.660   12.308  1.00 39.20  ? 233 HOH A O   1 
HETATM 1373 O O   . HOH D 4 .   ? -5.597  -9.142  -16.608 1.00 48.27  ? 234 HOH A O   1 
HETATM 1374 O O   . HOH D 4 .   ? 0.151   6.654   -13.076 1.00 17.06  ? 235 HOH A O   1 
HETATM 1375 O O   . HOH D 4 .   ? -12.405 13.861  7.435   1.00 22.72  ? 236 HOH A O   1 
HETATM 1376 O O   . HOH D 4 .   ? 1.038   9.076   -13.033 1.00 25.04  ? 237 HOH A O   1 
HETATM 1377 O O   . HOH D 4 .   ? -10.332 14.625  8.952   1.00 37.01  ? 238 HOH A O   1 
HETATM 1378 O O   . HOH D 4 .   ? 16.296  -9.402  -8.845  1.00 39.51  ? 239 HOH A O   1 
HETATM 1379 O O   . HOH D 4 .   ? -6.702  7.401   13.056  1.00 37.13  ? 240 HOH A O   1 
HETATM 1380 O O   . HOH D 4 .   ? -3.805  17.632  8.656   1.00 38.37  ? 242 HOH A O   1 
HETATM 1381 O O   . HOH D 4 .   ? 2.672   -17.591 -10.371 1.00 30.58  ? 243 HOH A O   1 
HETATM 1382 O O   . HOH D 4 .   ? -12.453 -15.463 -9.671  1.00 66.12  ? 244 HOH A O   1 
HETATM 1383 O O   . HOH D 4 .   ? -10.391 23.841  0.795   1.00 40.69  ? 247 HOH A O   1 
HETATM 1384 O O   . HOH D 4 .   ? -9.746  20.665  3.808   1.00 41.21  ? 248 HOH A O   1 
HETATM 1385 O O   . HOH D 4 .   ? 13.562  5.204   -4.004  1.00 37.62  ? 249 HOH A O   1 
HETATM 1386 O O   . HOH D 4 .   ? 4.679   7.588   11.467  1.00 56.15  ? 250 HOH A O   1 
HETATM 1387 O O   . HOH D 4 .   ? -11.140 0.576   8.825   1.00 37.50  ? 251 HOH A O   1 
HETATM 1388 O O   . HOH D 4 .   ? 5.684   0.597   -10.673 1.00 40.33  ? 252 HOH A O   1 
HETATM 1389 O O   . HOH D 4 .   ? 3.706   -1.397  7.162   1.00 59.65  ? 254 HOH A O   1 
HETATM 1390 O O   . HOH D 4 .   ? -13.686 17.837  1.578   1.00 51.44  ? 255 HOH A O   1 
HETATM 1391 O O   . HOH D 4 .   ? -7.224  -17.338 -13.296 1.00 52.24  ? 256 HOH A O   1 
HETATM 1392 O O   . HOH D 4 .   ? -13.479 1.743   9.002   1.00 34.43  ? 258 HOH A O   1 
HETATM 1393 O O   . HOH D 4 .   ? 14.647  -1.004  -2.554  1.00 39.65  ? 259 HOH A O   1 
HETATM 1394 O O   . HOH D 4 .   ? -13.058 -7.504  -0.762  1.00 48.23  ? 260 HOH A O   1 
HETATM 1395 O O   . HOH D 4 .   ? -13.867 11.418  10.235  1.00 36.04  ? 261 HOH A O   1 
HETATM 1396 O O   . HOH D 4 .   ? -14.978 5.987   -10.994 1.00 45.69  ? 262 HOH A O   1 
HETATM 1397 O O   . HOH D 4 .   ? -6.128  3.227   -13.724 1.00 46.52  ? 263 HOH A O   1 
HETATM 1398 O O   . HOH D 4 .   ? 10.235  0.407   7.955   1.00 57.88  ? 264 HOH A O   1 
HETATM 1399 O O   . HOH D 4 .   ? 17.901  -11.564 -4.701  1.00 53.03  ? 265 HOH A O   1 
HETATM 1400 O O   . HOH D 4 .   ? 4.727   -12.651 18.304  1.00 42.79  ? 266 HOH A O   1 
HETATM 1401 O O   . HOH D 4 .   ? -12.893 4.392   11.856  1.00 54.73  ? 268 HOH A O   1 
HETATM 1402 O O   . HOH D 4 .   ? -8.521  19.460  -0.500  1.00 52.50  ? 269 HOH A O   1 
# 
